data_6XYT
#
_entry.id   6XYT
#
_cell.length_a   131.157
_cell.length_b   240.629
_cell.length_c   135.039
_cell.angle_alpha   90.000
_cell.angle_beta   90.000
_cell.angle_gamma   90.000
#
_symmetry.space_group_name_H-M   'C 2 2 21'
#
loop_
_entity.id
_entity.type
_entity.pdbx_description
1 polymer 'Sodium pumping rhodopsin'
2 non-polymer '(2R)-2,3-dihydroxypropyl (9Z)-octadec-9-enoate'
3 non-polymer EICOSANE
4 non-polymer 'SODIUM ION'
5 non-polymer 'octyl beta-D-glucopyranoside'
6 non-polymer 'OLEIC ACID'
7 non-polymer GLYCEROL
8 water water
#
_entity_poly.entity_id   1
_entity_poly.type   'polypeptide(L)'
_entity_poly.pdbx_seq_one_letter_code
;QELGNANFENFIGATEGFSEIAYQFTSHILTLGYAVMLAGLLYFILTIKNVDKKFQMSNILSAVVMVSAFLLLYAQAQNW
TSSFTFNEEVGRYFLDPSGDLFNNGYRYLNWLIDVPMLLFQILFVVSLTTSKFSSVRNQFWFSGAMMIITGYIGQFYEVS
NLTAFLVWGAISSAFFFHILWVMKKVINEGKEGISPAGQKILSNIWILFLISWTLYPGAYLMPYLTGVDGFLYSEDGVMA
RQLVYTIADVSS(LYR)VIYGVLLGNLAITLSKNKEL
;
_entity_poly.pdbx_strand_id   A,B,C,D,E
#
# COMPACT_ATOMS: atom_id res chain seq x y z
N GLN A 1 -16.26 -34.00 11.75
CA GLN A 1 -15.69 -33.11 10.70
C GLN A 1 -14.25 -33.55 10.40
N GLU A 2 -13.95 -33.84 9.13
CA GLU A 2 -12.62 -34.33 8.66
C GLU A 2 -11.71 -33.13 8.40
N LEU A 3 -10.65 -32.97 9.20
CA LEU A 3 -9.71 -31.82 9.12
C LEU A 3 -8.34 -32.27 8.60
N GLY A 4 -8.03 -33.56 8.75
CA GLY A 4 -6.77 -34.17 8.25
C GLY A 4 -5.55 -33.61 8.97
N ASN A 5 -4.50 -33.28 8.22
CA ASN A 5 -3.21 -32.78 8.76
C ASN A 5 -3.31 -31.28 9.00
N ALA A 6 -4.07 -30.87 10.02
CA ALA A 6 -4.39 -29.46 10.31
C ALA A 6 -3.90 -29.09 11.72
N ASN A 7 -3.60 -27.81 11.93
CA ASN A 7 -3.14 -27.26 13.23
C ASN A 7 -4.28 -27.41 14.25
N PHE A 8 -3.94 -27.49 15.54
CA PHE A 8 -4.89 -27.79 16.65
C PHE A 8 -5.86 -26.62 16.83
N GLU A 9 -5.48 -25.40 16.42
CA GLU A 9 -6.38 -24.21 16.44
C GLU A 9 -7.72 -24.59 15.78
N ASN A 10 -7.67 -25.33 14.67
CA ASN A 10 -8.86 -25.74 13.88
C ASN A 10 -9.73 -26.71 14.68
N PHE A 11 -9.11 -27.64 15.41
CA PHE A 11 -9.80 -28.67 16.22
C PHE A 11 -10.52 -27.99 17.40
N ILE A 12 -9.84 -27.09 18.10
CA ILE A 12 -10.47 -26.24 19.16
C ILE A 12 -11.64 -25.48 18.53
N GLY A 13 -11.39 -24.82 17.40
CA GLY A 13 -12.39 -23.98 16.70
C GLY A 13 -13.59 -24.78 16.26
N ALA A 14 -13.40 -26.05 15.91
CA ALA A 14 -14.47 -26.92 15.35
C ALA A 14 -15.27 -27.60 16.47
N THR A 15 -14.75 -27.66 17.70
CA THR A 15 -15.37 -28.38 18.83
C THR A 15 -15.92 -27.38 19.86
N GLU A 16 -15.04 -26.78 20.67
CA GLU A 16 -15.41 -25.84 21.76
C GLU A 16 -15.75 -24.47 21.17
N GLY A 17 -15.08 -24.10 20.08
CA GLY A 17 -15.06 -22.71 19.57
C GLY A 17 -14.26 -21.81 20.50
N PHE A 18 -14.15 -20.53 20.16
CA PHE A 18 -13.34 -19.53 20.91
C PHE A 18 -14.29 -18.49 21.52
N SER A 19 -14.03 -18.14 22.79
CA SER A 19 -14.71 -17.04 23.50
C SER A 19 -14.34 -15.71 22.82
N GLU A 20 -15.11 -14.65 23.09
CA GLU A 20 -14.80 -13.28 22.59
C GLU A 20 -13.34 -12.96 22.90
N ILE A 21 -12.90 -13.17 24.14
CA ILE A 21 -11.54 -12.79 24.61
C ILE A 21 -10.50 -13.58 23.81
N ALA A 22 -10.65 -14.90 23.70
CA ALA A 22 -9.69 -15.78 22.99
C ALA A 22 -9.57 -15.33 21.53
N TYR A 23 -10.70 -15.14 20.85
CA TYR A 23 -10.72 -14.77 19.41
C TYR A 23 -10.14 -13.36 19.21
N GLN A 24 -10.63 -12.39 19.98
CA GLN A 24 -10.24 -10.96 19.82
C GLN A 24 -8.75 -10.80 20.19
N PHE A 25 -8.32 -11.38 21.31
CA PHE A 25 -6.91 -11.29 21.77
C PHE A 25 -5.97 -11.82 20.68
N THR A 26 -6.29 -12.99 20.11
CA THR A 26 -5.46 -13.64 19.07
C THR A 26 -5.38 -12.72 17.85
N SER A 27 -6.52 -12.14 17.44
N SER A 27 -6.52 -12.14 17.44
CA SER A 27 -6.62 -11.17 16.33
CA SER A 27 -6.63 -11.16 16.32
C SER A 27 -5.73 -9.95 16.62
C SER A 27 -5.73 -9.95 16.62
N HIS A 28 -5.85 -9.39 17.83
CA HIS A 28 -5.10 -8.18 18.26
C HIS A 28 -3.58 -8.46 18.27
N ILE A 29 -3.15 -9.58 18.85
CA ILE A 29 -1.71 -9.90 19.05
C ILE A 29 -1.07 -10.17 17.68
N LEU A 30 -1.79 -10.86 16.79
CA LEU A 30 -1.30 -11.17 15.42
C LEU A 30 -1.20 -9.87 14.62
N THR A 31 -2.14 -8.94 14.83
CA THR A 31 -2.17 -7.61 14.16
C THR A 31 -1.00 -6.77 14.66
N LEU A 32 -0.79 -6.73 15.98
CA LEU A 32 0.36 -6.03 16.61
C LEU A 32 1.66 -6.55 15.98
N GLY A 33 1.74 -7.87 15.81
CA GLY A 33 2.91 -8.57 15.23
C GLY A 33 3.37 -7.92 13.94
N TYR A 34 2.48 -7.81 12.95
CA TYR A 34 2.84 -7.29 11.61
C TYR A 34 3.05 -5.77 11.69
N ALA A 35 2.33 -5.10 12.60
CA ALA A 35 2.41 -3.63 12.79
C ALA A 35 3.81 -3.28 13.32
N VAL A 36 4.34 -4.08 14.25
CA VAL A 36 5.69 -3.85 14.83
C VAL A 36 6.74 -4.02 13.73
N MET A 37 6.54 -4.97 12.81
CA MET A 37 7.49 -5.27 11.72
C MET A 37 7.59 -4.06 10.79
N LEU A 38 6.46 -3.42 10.44
CA LEU A 38 6.48 -2.25 9.52
C LEU A 38 7.09 -1.04 10.24
N ALA A 39 6.83 -0.88 11.55
CA ALA A 39 7.44 0.17 12.38
C ALA A 39 8.95 -0.05 12.42
N GLY A 40 9.38 -1.29 12.68
CA GLY A 40 10.80 -1.69 12.66
C GLY A 40 11.44 -1.36 11.32
N LEU A 41 10.75 -1.64 10.22
CA LEU A 41 11.25 -1.34 8.85
C LEU A 41 11.66 0.14 8.80
N LEU A 42 10.78 1.02 9.27
CA LEU A 42 11.02 2.49 9.22
C LEU A 42 12.22 2.82 10.11
N TYR A 43 12.27 2.26 11.32
CA TYR A 43 13.36 2.51 12.29
C TYR A 43 14.72 2.17 11.65
N PHE A 44 14.83 0.99 11.03
CA PHE A 44 16.11 0.46 10.49
C PHE A 44 16.56 1.30 9.29
N ILE A 45 15.63 1.72 8.44
CA ILE A 45 15.95 2.59 7.27
C ILE A 45 16.45 3.95 7.78
N LEU A 46 15.74 4.55 8.74
CA LEU A 46 15.98 5.95 9.18
C LEU A 46 17.28 6.05 10.00
N THR A 47 17.79 4.93 10.53
CA THR A 47 18.99 4.92 11.42
C THR A 47 20.23 4.42 10.67
N ILE A 48 20.11 4.12 9.38
CA ILE A 48 21.23 3.58 8.56
C ILE A 48 22.48 4.45 8.76
N LYS A 49 22.34 5.78 8.71
CA LYS A 49 23.49 6.72 8.67
C LYS A 49 23.94 7.07 10.10
N ASN A 50 23.48 6.33 11.10
CA ASN A 50 23.90 6.52 12.52
C ASN A 50 25.18 5.73 12.79
N VAL A 51 25.61 4.89 11.84
CA VAL A 51 26.81 4.01 11.98
C VAL A 51 27.70 4.17 10.75
N ASP A 52 28.99 3.85 10.89
CA ASP A 52 30.00 3.89 9.81
C ASP A 52 29.53 3.01 8.66
N LYS A 53 29.90 3.39 7.42
CA LYS A 53 29.50 2.72 6.16
C LYS A 53 29.62 1.19 6.33
N LYS A 54 30.70 0.70 6.94
CA LYS A 54 31.04 -0.75 7.00
C LYS A 54 29.96 -1.52 7.76
N PHE A 55 29.17 -0.85 8.62
CA PHE A 55 28.16 -1.49 9.49
C PHE A 55 26.75 -1.37 8.90
N GLN A 56 26.58 -0.57 7.85
CA GLN A 56 25.24 -0.17 7.34
C GLN A 56 24.52 -1.37 6.69
N MET A 57 25.27 -2.36 6.22
CA MET A 57 24.67 -3.58 5.61
C MET A 57 23.81 -4.30 6.66
N SER A 58 24.14 -4.17 7.94
CA SER A 58 23.37 -4.80 9.06
C SER A 58 22.00 -4.13 9.17
N ASN A 59 21.96 -2.80 9.14
CA ASN A 59 20.69 -2.02 9.08
C ASN A 59 19.87 -2.46 7.87
N ILE A 60 20.52 -2.62 6.72
CA ILE A 60 19.86 -3.00 5.43
C ILE A 60 19.22 -4.38 5.60
N LEU A 61 19.95 -5.34 6.18
CA LEU A 61 19.46 -6.73 6.32
C LEU A 61 18.30 -6.78 7.33
N SER A 62 18.36 -5.99 8.41
CA SER A 62 17.25 -5.80 9.37
C SER A 62 16.00 -5.35 8.62
N ALA A 63 16.14 -4.34 7.75
CA ALA A 63 15.05 -3.77 6.93
C ALA A 63 14.48 -4.85 6.01
N VAL A 64 15.35 -5.61 5.35
CA VAL A 64 14.97 -6.73 4.43
C VAL A 64 14.12 -7.73 5.22
N VAL A 65 14.54 -8.07 6.44
CA VAL A 65 13.83 -9.02 7.33
C VAL A 65 12.44 -8.47 7.65
N MET A 66 12.34 -7.17 7.95
CA MET A 66 11.08 -6.49 8.37
C MET A 66 10.05 -6.55 7.24
N VAL A 67 10.46 -6.30 5.99
CA VAL A 67 9.54 -6.17 4.83
C VAL A 67 8.75 -7.47 4.70
N SER A 68 9.44 -8.61 4.63
CA SER A 68 8.83 -9.95 4.44
C SER A 68 8.08 -10.36 5.70
N ALA A 69 8.58 -9.98 6.89
CA ALA A 69 7.93 -10.28 8.18
C ALA A 69 6.57 -9.57 8.23
N PHE A 70 6.52 -8.31 7.80
CA PHE A 70 5.25 -7.54 7.70
C PHE A 70 4.26 -8.30 6.80
N LEU A 71 4.68 -8.65 5.59
CA LEU A 71 3.80 -9.27 4.57
C LEU A 71 3.30 -10.63 5.07
N LEU A 72 4.20 -11.49 5.57
CA LEU A 72 3.89 -12.88 5.98
C LEU A 72 3.02 -12.85 7.24
N LEU A 73 3.33 -11.98 8.20
CA LEU A 73 2.59 -11.90 9.48
C LEU A 73 1.25 -11.19 9.24
N TYR A 74 1.15 -10.36 8.20
CA TYR A 74 -0.13 -9.77 7.75
C TYR A 74 -1.03 -10.90 7.24
N ALA A 75 -0.51 -11.73 6.33
CA ALA A 75 -1.21 -12.91 5.78
C ALA A 75 -1.63 -13.84 6.92
N GLN A 76 -0.75 -14.05 7.91
CA GLN A 76 -1.01 -14.94 9.08
C GLN A 76 -2.19 -14.39 9.89
N ALA A 77 -2.24 -13.07 10.10
CA ALA A 77 -3.33 -12.40 10.86
C ALA A 77 -4.66 -12.59 10.11
N GLN A 78 -4.68 -12.35 8.80
CA GLN A 78 -5.91 -12.48 7.96
C GLN A 78 -6.39 -13.92 8.00
N ASN A 79 -5.46 -14.88 8.00
CA ASN A 79 -5.76 -16.34 8.07
C ASN A 79 -6.59 -16.58 9.34
N TRP A 80 -6.22 -15.95 10.45
CA TRP A 80 -6.93 -16.12 11.75
C TRP A 80 -8.38 -15.60 11.63
N THR A 81 -8.57 -14.34 11.26
CA THR A 81 -9.90 -13.67 11.28
C THR A 81 -10.83 -14.34 10.25
N SER A 82 -10.28 -14.89 9.17
CA SER A 82 -11.03 -15.52 8.05
C SER A 82 -11.50 -16.94 8.43
N SER A 83 -10.80 -17.61 9.34
CA SER A 83 -10.99 -19.05 9.62
C SER A 83 -11.99 -19.30 10.75
N PHE A 84 -12.32 -18.27 11.53
CA PHE A 84 -13.23 -18.39 12.71
C PHE A 84 -14.30 -17.30 12.66
N THR A 85 -15.56 -17.72 12.76
CA THR A 85 -16.77 -16.88 12.56
C THR A 85 -17.70 -17.02 13.78
N PHE A 86 -18.30 -15.91 14.20
CA PHE A 86 -19.19 -15.83 15.37
C PHE A 86 -20.46 -16.64 15.09
N ASN A 87 -20.84 -17.48 16.05
CA ASN A 87 -22.14 -18.19 16.11
C ASN A 87 -23.02 -17.47 17.14
N GLU A 88 -24.13 -16.86 16.69
CA GLU A 88 -25.03 -16.00 17.51
C GLU A 88 -25.72 -16.82 18.59
N GLU A 89 -26.05 -18.09 18.30
CA GLU A 89 -26.81 -18.99 19.20
C GLU A 89 -26.02 -19.26 20.48
N VAL A 90 -24.71 -19.46 20.38
CA VAL A 90 -23.84 -19.89 21.52
C VAL A 90 -22.93 -18.72 21.93
N GLY A 91 -22.71 -17.76 21.04
CA GLY A 91 -21.85 -16.57 21.30
C GLY A 91 -20.39 -16.95 21.38
N ARG A 92 -19.94 -17.85 20.49
CA ARG A 92 -18.51 -18.23 20.36
C ARG A 92 -18.13 -18.24 18.88
N TYR A 93 -16.83 -18.16 18.59
CA TYR A 93 -16.29 -18.18 17.21
C TYR A 93 -15.90 -19.63 16.88
N PHE A 94 -16.44 -20.15 15.78
CA PHE A 94 -16.24 -21.55 15.34
C PHE A 94 -15.53 -21.56 14.00
N LEU A 95 -14.81 -22.65 13.72
CA LEU A 95 -14.13 -22.90 12.43
C LEU A 95 -15.12 -22.60 11.31
N ASP A 96 -14.74 -21.67 10.42
CA ASP A 96 -15.47 -21.34 9.16
C ASP A 96 -14.57 -21.71 8.00
N PRO A 97 -14.63 -22.98 7.53
CA PRO A 97 -13.69 -23.49 6.54
C PRO A 97 -13.77 -22.81 5.17
N SER A 98 -14.84 -22.03 4.93
CA SER A 98 -15.02 -21.22 3.69
C SER A 98 -13.86 -20.21 3.61
N GLY A 99 -13.26 -19.88 4.75
CA GLY A 99 -12.08 -18.98 4.83
C GLY A 99 -10.79 -19.76 4.79
N ASP A 100 -10.86 -21.06 4.51
CA ASP A 100 -9.72 -22.02 4.58
C ASP A 100 -9.44 -22.35 6.05
N LEU A 101 -8.76 -23.46 6.29
CA LEU A 101 -8.28 -23.84 7.64
C LEU A 101 -7.17 -22.87 8.04
N PHE A 102 -6.96 -22.68 9.34
CA PHE A 102 -5.85 -21.89 9.90
C PHE A 102 -4.59 -22.75 9.89
N ASN A 103 -3.48 -22.20 9.41
CA ASN A 103 -2.16 -22.86 9.45
C ASN A 103 -1.10 -21.81 9.76
N ASN A 104 -0.16 -22.16 10.64
CA ASN A 104 0.93 -21.28 11.15
C ASN A 104 2.06 -21.20 10.11
N GLY A 105 1.85 -21.79 8.93
CA GLY A 105 2.87 -21.95 7.87
C GLY A 105 3.39 -20.62 7.32
N TYR A 106 2.56 -19.58 7.28
CA TYR A 106 2.98 -18.24 6.80
C TYR A 106 4.18 -17.79 7.66
N ARG A 107 4.08 -17.99 8.96
CA ARG A 107 5.12 -17.60 9.95
C ARG A 107 6.40 -18.39 9.67
N TYR A 108 6.26 -19.69 9.41
CA TYR A 108 7.39 -20.64 9.17
C TYR A 108 8.18 -20.22 7.93
N LEU A 109 7.50 -19.86 6.84
CA LEU A 109 8.16 -19.50 5.56
C LEU A 109 8.86 -18.15 5.72
N ASN A 110 8.33 -17.27 6.58
CA ASN A 110 9.04 -16.03 6.99
C ASN A 110 10.36 -16.43 7.65
N TRP A 111 10.32 -17.38 8.59
CA TRP A 111 11.53 -17.92 9.27
C TRP A 111 12.55 -18.40 8.23
N LEU A 112 12.09 -19.12 7.20
CA LEU A 112 12.96 -19.75 6.17
C LEU A 112 13.92 -18.70 5.61
N ILE A 113 13.43 -17.49 5.30
CA ILE A 113 14.24 -16.42 4.65
C ILE A 113 14.84 -15.49 5.70
N ASP A 114 14.27 -15.42 6.91
CA ASP A 114 14.74 -14.51 7.98
C ASP A 114 15.94 -15.13 8.72
N VAL A 115 15.87 -16.41 9.08
CA VAL A 115 16.94 -17.11 9.87
C VAL A 115 18.28 -16.88 9.19
N PRO A 116 18.42 -17.15 7.87
CA PRO A 116 19.68 -16.94 7.16
C PRO A 116 20.20 -15.50 7.26
N MET A 117 19.30 -14.51 7.17
CA MET A 117 19.63 -13.06 7.15
C MET A 117 20.01 -12.60 8.57
N LEU A 118 19.28 -13.08 9.60
CA LEU A 118 19.52 -12.70 11.01
C LEU A 118 20.89 -13.23 11.47
N LEU A 119 21.19 -14.48 11.13
CA LEU A 119 22.48 -15.14 11.47
C LEU A 119 23.62 -14.45 10.71
N PHE A 120 23.35 -14.08 9.47
CA PHE A 120 24.32 -13.46 8.52
C PHE A 120 24.70 -12.06 9.00
N GLN A 121 23.72 -11.26 9.44
CA GLN A 121 23.89 -9.79 9.61
C GLN A 121 24.87 -9.48 10.75
N ILE A 122 24.96 -10.32 11.78
CA ILE A 122 25.89 -10.09 12.93
C ILE A 122 27.33 -10.10 12.40
N LEU A 123 27.59 -10.82 11.30
CA LEU A 123 28.94 -10.95 10.69
C LEU A 123 29.34 -9.65 9.99
N PHE A 124 28.44 -8.66 9.92
CA PHE A 124 28.71 -7.34 9.30
C PHE A 124 28.99 -6.31 10.40
N VAL A 125 28.85 -6.71 11.66
CA VAL A 125 29.08 -5.83 12.84
C VAL A 125 30.33 -6.30 13.59
N VAL A 126 30.36 -7.59 13.98
CA VAL A 126 31.50 -8.18 14.73
C VAL A 126 32.54 -8.67 13.72
N SER A 127 33.80 -8.81 14.17
CA SER A 127 34.89 -9.46 13.41
C SER A 127 35.17 -10.82 14.05
N LEU A 128 35.12 -11.88 13.24
CA LEU A 128 35.62 -13.22 13.60
C LEU A 128 37.13 -13.11 13.82
N THR A 129 37.72 -14.05 14.55
CA THR A 129 39.18 -14.14 14.79
C THR A 129 39.71 -15.41 14.12
N THR A 130 39.40 -16.58 14.68
CA THR A 130 39.95 -17.88 14.25
C THR A 130 39.03 -18.51 13.19
N SER A 131 37.73 -18.21 13.22
CA SER A 131 36.72 -18.77 12.26
C SER A 131 36.73 -17.99 10.95
N LYS A 132 36.47 -18.68 9.84
CA LYS A 132 36.30 -18.09 8.49
C LYS A 132 34.84 -17.67 8.28
N PHE A 133 34.64 -16.44 7.83
CA PHE A 133 33.32 -15.84 7.48
C PHE A 133 32.49 -16.82 6.66
N SER A 134 33.05 -17.30 5.54
CA SER A 134 32.39 -18.22 4.58
C SER A 134 31.90 -19.48 5.29
N SER A 135 32.71 -20.03 6.21
CA SER A 135 32.45 -21.30 6.92
C SER A 135 31.27 -21.12 7.88
N VAL A 136 31.33 -20.08 8.71
CA VAL A 136 30.27 -19.73 9.70
C VAL A 136 28.97 -19.51 8.92
N ARG A 137 29.02 -18.70 7.85
CA ARG A 137 27.84 -18.35 7.01
C ARG A 137 27.20 -19.64 6.47
N ASN A 138 28.01 -20.53 5.92
CA ASN A 138 27.53 -21.79 5.27
C ASN A 138 26.87 -22.70 6.31
N GLN A 139 27.41 -22.76 7.52
CA GLN A 139 26.88 -23.60 8.63
C GLN A 139 25.52 -23.04 9.08
N PHE A 140 25.48 -21.72 9.32
CA PHE A 140 24.24 -20.97 9.68
C PHE A 140 23.15 -21.25 8.64
N TRP A 141 23.47 -21.07 7.37
CA TRP A 141 22.50 -21.15 6.24
C TRP A 141 21.99 -22.58 6.08
N PHE A 142 22.87 -23.58 6.13
CA PHE A 142 22.50 -25.01 5.94
C PHE A 142 21.61 -25.46 7.11
N SER A 143 22.09 -25.30 8.34
CA SER A 143 21.37 -25.74 9.56
C SER A 143 20.08 -24.93 9.74
N GLY A 144 20.14 -23.62 9.45
CA GLY A 144 18.98 -22.70 9.49
C GLY A 144 17.85 -23.21 8.61
N ALA A 145 18.16 -23.53 7.35
CA ALA A 145 17.19 -24.04 6.35
C ALA A 145 16.59 -25.37 6.84
N MET A 146 17.44 -26.32 7.23
CA MET A 146 17.02 -27.68 7.65
C MET A 146 16.12 -27.57 8.90
N MET A 147 16.49 -26.70 9.84
CA MET A 147 15.74 -26.46 11.10
C MET A 147 14.30 -26.06 10.75
N ILE A 148 14.13 -25.06 9.88
CA ILE A 148 12.80 -24.50 9.51
C ILE A 148 12.02 -25.53 8.67
N ILE A 149 12.66 -26.14 7.68
CA ILE A 149 11.97 -27.08 6.74
C ILE A 149 11.43 -28.27 7.54
N THR A 150 12.25 -28.87 8.41
CA THR A 150 11.86 -30.07 9.20
C THR A 150 10.73 -29.70 10.15
N GLY A 151 10.79 -28.51 10.77
CA GLY A 151 9.75 -28.00 11.67
C GLY A 151 8.46 -27.75 10.92
N TYR A 152 8.55 -27.20 9.71
CA TYR A 152 7.41 -26.87 8.83
C TYR A 152 6.63 -28.16 8.53
N ILE A 153 7.36 -29.24 8.23
CA ILE A 153 6.76 -30.57 7.93
C ILE A 153 6.06 -31.08 9.20
N GLY A 154 6.76 -31.05 10.33
CA GLY A 154 6.26 -31.55 11.63
C GLY A 154 4.92 -30.96 12.02
N GLN A 155 4.76 -29.64 11.90
CA GLN A 155 3.62 -28.89 12.51
C GLN A 155 2.30 -29.27 11.80
N PHE A 156 2.36 -29.79 10.58
CA PHE A 156 1.18 -30.30 9.83
C PHE A 156 0.60 -31.54 10.54
N TYR A 157 1.40 -32.20 11.38
CA TYR A 157 1.01 -33.49 12.01
C TYR A 157 0.76 -33.30 13.51
N GLU A 158 0.73 -32.05 13.99
CA GLU A 158 0.70 -31.75 15.44
C GLU A 158 -0.56 -32.35 16.09
N VAL A 159 -1.58 -32.68 15.29
CA VAL A 159 -2.81 -33.38 15.79
C VAL A 159 -2.92 -34.75 15.11
N SER A 160 -2.71 -34.82 13.78
CA SER A 160 -3.01 -36.03 12.96
C SER A 160 -2.02 -37.17 13.24
N ASN A 161 -0.81 -36.88 13.73
CA ASN A 161 0.26 -37.91 13.90
C ASN A 161 1.34 -37.40 14.85
N LEU A 162 1.13 -37.62 16.15
CA LEU A 162 2.00 -37.11 17.25
C LEU A 162 3.43 -37.61 17.06
N THR A 163 3.61 -38.81 16.52
CA THR A 163 4.93 -39.45 16.30
C THR A 163 5.72 -38.63 15.26
N ALA A 164 5.15 -38.44 14.07
CA ALA A 164 5.73 -37.63 12.98
C ALA A 164 6.05 -36.23 13.53
N PHE A 165 5.09 -35.64 14.26
CA PHE A 165 5.19 -34.30 14.89
C PHE A 165 6.45 -34.22 15.75
N LEU A 166 6.66 -35.22 16.63
CA LEU A 166 7.75 -35.22 17.63
C LEU A 166 9.10 -35.59 16.97
N VAL A 167 9.09 -36.48 15.98
CA VAL A 167 10.33 -36.93 15.27
C VAL A 167 10.89 -35.76 14.46
N TRP A 168 10.07 -35.17 13.58
CA TRP A 168 10.44 -33.98 12.76
C TRP A 168 10.89 -32.84 13.69
N GLY A 169 10.18 -32.64 14.81
CA GLY A 169 10.53 -31.62 15.81
C GLY A 169 11.89 -31.87 16.42
N ALA A 170 12.20 -33.14 16.69
CA ALA A 170 13.47 -33.61 17.29
C ALA A 170 14.61 -33.33 16.30
N ILE A 171 14.43 -33.72 15.03
CA ILE A 171 15.42 -33.45 13.94
C ILE A 171 15.65 -31.94 13.87
N SER A 172 14.59 -31.15 13.86
CA SER A 172 14.64 -29.66 13.82
C SER A 172 15.50 -29.16 14.99
N SER A 173 15.26 -29.70 16.18
CA SER A 173 15.96 -29.34 17.45
C SER A 173 17.47 -29.57 17.31
N ALA A 174 17.87 -30.65 16.64
CA ALA A 174 19.29 -31.00 16.41
C ALA A 174 19.98 -29.85 15.67
N PHE A 175 19.37 -29.37 14.59
CA PHE A 175 19.91 -28.27 13.76
C PHE A 175 19.95 -26.99 14.60
N PHE A 176 18.94 -26.80 15.46
CA PHE A 176 18.81 -25.65 16.39
C PHE A 176 20.04 -25.58 17.31
N PHE A 177 20.41 -26.72 17.93
CA PHE A 177 21.56 -26.83 18.87
C PHE A 177 22.86 -26.49 18.13
N HIS A 178 23.01 -26.99 16.91
CA HIS A 178 24.16 -26.66 16.02
C HIS A 178 24.25 -25.13 15.88
N ILE A 179 23.15 -24.46 15.54
CA ILE A 179 23.12 -22.98 15.32
C ILE A 179 23.52 -22.26 16.62
N LEU A 180 22.98 -22.70 17.76
CA LEU A 180 23.32 -22.12 19.09
C LEU A 180 24.83 -22.23 19.30
N TRP A 181 25.39 -23.39 18.96
CA TRP A 181 26.85 -23.70 19.06
C TRP A 181 27.65 -22.67 18.25
N VAL A 182 27.35 -22.53 16.96
CA VAL A 182 28.08 -21.64 16.02
C VAL A 182 27.92 -20.18 16.47
N MET A 183 26.71 -19.77 16.86
CA MET A 183 26.42 -18.37 17.25
C MET A 183 27.21 -18.02 18.52
N LYS A 184 27.35 -18.99 19.45
CA LYS A 184 28.15 -18.82 20.69
C LYS A 184 29.61 -18.49 20.31
N LYS A 185 30.19 -19.25 19.38
CA LYS A 185 31.56 -19.02 18.85
C LYS A 185 31.65 -17.59 18.29
N VAL A 186 30.66 -17.21 17.47
CA VAL A 186 30.62 -15.89 16.77
C VAL A 186 30.64 -14.78 17.83
N ILE A 187 29.82 -14.92 18.87
CA ILE A 187 29.71 -13.93 20.00
C ILE A 187 31.07 -13.80 20.68
N ASN A 188 31.71 -14.94 21.00
CA ASN A 188 33.01 -14.99 21.72
C ASN A 188 34.08 -14.27 20.89
N GLU A 189 34.25 -14.68 19.62
CA GLU A 189 35.24 -14.06 18.69
C GLU A 189 34.90 -12.58 18.51
N GLY A 190 33.62 -12.23 18.47
CA GLY A 190 33.13 -10.85 18.30
C GLY A 190 33.56 -9.96 19.45
N LYS A 191 33.58 -10.50 20.66
CA LYS A 191 33.94 -9.78 21.92
C LYS A 191 35.43 -9.42 21.92
N GLU A 192 36.25 -10.21 21.23
CA GLU A 192 37.72 -10.06 21.19
C GLU A 192 38.09 -8.75 20.48
N GLY A 193 38.74 -7.84 21.21
CA GLY A 193 39.39 -6.63 20.65
C GLY A 193 38.46 -5.44 20.55
N ILE A 194 37.29 -5.48 21.21
CA ILE A 194 36.31 -4.36 21.22
C ILE A 194 36.15 -3.86 22.66
N SER A 195 35.67 -2.61 22.82
CA SER A 195 35.47 -1.93 24.12
C SER A 195 34.61 -2.77 25.04
N PRO A 196 34.73 -2.60 26.37
CA PRO A 196 33.84 -3.27 27.32
C PRO A 196 32.35 -2.99 27.04
N ALA A 197 32.02 -1.78 26.61
CA ALA A 197 30.66 -1.36 26.22
C ALA A 197 30.13 -2.29 25.12
N GLY A 198 30.93 -2.51 24.07
CA GLY A 198 30.60 -3.43 22.96
C GLY A 198 30.42 -4.85 23.45
N GLN A 199 31.28 -5.28 24.38
CA GLN A 199 31.27 -6.67 24.93
C GLN A 199 29.98 -6.90 25.72
N LYS A 200 29.52 -5.88 26.45
CA LYS A 200 28.28 -5.91 27.26
C LYS A 200 27.08 -6.12 26.31
N ILE A 201 27.02 -5.34 25.22
CA ILE A 201 25.92 -5.41 24.21
C ILE A 201 25.88 -6.82 23.61
N LEU A 202 27.03 -7.37 23.25
CA LEU A 202 27.15 -8.73 22.67
C LEU A 202 26.64 -9.77 23.68
N SER A 203 26.88 -9.56 24.97
CA SER A 203 26.41 -10.46 26.06
C SER A 203 24.88 -10.43 26.07
N ASN A 204 24.30 -9.23 25.97
CA ASN A 204 22.83 -9.01 25.94
C ASN A 204 22.27 -9.67 24.68
N ILE A 205 22.95 -9.52 23.54
CA ILE A 205 22.54 -10.13 22.24
C ILE A 205 22.48 -11.66 22.42
N TRP A 206 23.45 -12.25 23.11
CA TRP A 206 23.51 -13.71 23.33
C TRP A 206 22.32 -14.17 24.17
N ILE A 207 22.01 -13.44 25.25
CA ILE A 207 20.86 -13.75 26.15
C ILE A 207 19.56 -13.61 25.34
N LEU A 208 19.40 -12.51 24.61
CA LEU A 208 18.21 -12.25 23.76
C LEU A 208 18.06 -13.41 22.77
N PHE A 209 19.14 -13.76 22.08
CA PHE A 209 19.17 -14.82 21.06
C PHE A 209 18.70 -16.13 21.70
N LEU A 210 19.29 -16.48 22.84
CA LEU A 210 19.06 -17.76 23.55
C LEU A 210 17.60 -17.87 23.98
N ILE A 211 17.07 -16.83 24.63
CA ILE A 211 15.67 -16.82 25.15
C ILE A 211 14.69 -16.78 23.98
N SER A 212 14.82 -15.82 23.07
CA SER A 212 13.88 -15.59 21.95
C SER A 212 13.79 -16.83 21.05
N TRP A 213 14.93 -17.45 20.73
CA TRP A 213 14.98 -18.62 19.80
C TRP A 213 14.38 -19.86 20.48
N THR A 214 14.50 -19.97 21.81
CA THR A 214 14.00 -21.12 22.59
C THR A 214 12.47 -21.04 22.73
N LEU A 215 11.90 -19.84 22.63
CA LEU A 215 10.43 -19.62 22.68
C LEU A 215 9.74 -20.42 21.56
N TYR A 216 10.38 -20.55 20.40
CA TYR A 216 9.81 -21.17 19.18
C TYR A 216 9.45 -22.63 19.44
N PRO A 217 10.41 -23.50 19.84
CA PRO A 217 10.07 -24.89 20.14
C PRO A 217 8.99 -25.00 21.23
N GLY A 218 8.95 -24.04 22.17
CA GLY A 218 7.90 -23.95 23.19
C GLY A 218 6.53 -23.75 22.57
N ALA A 219 6.43 -22.82 21.60
CA ALA A 219 5.19 -22.52 20.86
C ALA A 219 4.80 -23.72 20.00
N TYR A 220 5.78 -24.41 19.41
CA TYR A 220 5.61 -25.65 18.63
C TYR A 220 4.84 -26.68 19.48
N LEU A 221 5.29 -26.87 20.73
CA LEU A 221 4.80 -27.94 21.64
C LEU A 221 3.59 -27.46 22.47
N MET A 222 3.32 -26.15 22.46
CA MET A 222 2.39 -25.46 23.40
C MET A 222 1.18 -26.34 23.74
N PRO A 223 0.43 -26.85 22.75
CA PRO A 223 -0.83 -27.55 23.04
C PRO A 223 -0.67 -28.77 23.97
N TYR A 224 0.53 -29.33 24.06
CA TYR A 224 0.81 -30.62 24.76
C TYR A 224 1.72 -30.41 25.98
N LEU A 225 2.05 -29.16 26.32
CA LEU A 225 2.99 -28.84 27.42
C LEU A 225 2.33 -29.11 28.77
N THR A 226 1.02 -29.34 28.80
CA THR A 226 0.25 -29.73 30.01
C THR A 226 -0.31 -31.15 29.82
N GLY A 227 0.29 -31.93 28.93
CA GLY A 227 -0.05 -33.34 28.65
C GLY A 227 -1.42 -33.48 28.00
N VAL A 228 -1.88 -34.73 27.85
CA VAL A 228 -3.19 -35.09 27.23
C VAL A 228 -4.32 -34.38 27.98
N ASP A 229 -5.23 -33.74 27.24
CA ASP A 229 -6.42 -33.05 27.78
C ASP A 229 -6.00 -32.10 28.90
N GLY A 230 -4.78 -31.56 28.81
CA GLY A 230 -4.25 -30.55 29.74
C GLY A 230 -4.88 -29.19 29.49
N PHE A 231 -4.55 -28.22 30.35
CA PHE A 231 -5.06 -26.83 30.36
C PHE A 231 -4.79 -26.15 29.02
N LEU A 232 -3.67 -26.50 28.37
CA LEU A 232 -3.17 -25.79 27.15
C LEU A 232 -3.79 -26.38 25.88
N TYR A 233 -4.38 -27.58 25.93
CA TYR A 233 -5.14 -28.15 24.78
C TYR A 233 -6.53 -27.52 24.79
N SER A 234 -6.61 -26.24 24.41
CA SER A 234 -7.77 -25.34 24.62
C SER A 234 -7.52 -24.00 23.91
N GLU A 235 -8.48 -23.09 23.99
CA GLU A 235 -8.37 -21.71 23.46
C GLU A 235 -7.22 -21.01 24.22
N ASP A 236 -6.96 -21.42 25.46
CA ASP A 236 -5.89 -20.82 26.33
C ASP A 236 -4.52 -21.13 25.72
N GLY A 237 -4.33 -22.36 25.21
CA GLY A 237 -3.12 -22.80 24.51
C GLY A 237 -2.96 -22.10 23.17
N VAL A 238 -4.06 -21.84 22.48
CA VAL A 238 -4.06 -21.10 21.18
C VAL A 238 -3.56 -19.68 21.46
N MET A 239 -4.17 -19.00 22.44
CA MET A 239 -3.77 -17.63 22.86
C MET A 239 -2.27 -17.62 23.21
N ALA A 240 -1.85 -18.60 24.02
CA ALA A 240 -0.46 -18.72 24.53
C ALA A 240 0.51 -18.87 23.36
N ARG A 241 0.22 -19.79 22.43
CA ARG A 241 1.08 -20.06 21.26
C ARG A 241 1.26 -18.77 20.44
N GLN A 242 0.16 -18.11 20.10
CA GLN A 242 0.18 -16.94 19.19
C GLN A 242 0.85 -15.75 19.89
N LEU A 243 0.67 -15.62 21.20
CA LEU A 243 1.39 -14.61 22.02
C LEU A 243 2.90 -14.88 21.97
N VAL A 244 3.31 -16.13 22.22
CA VAL A 244 4.74 -16.53 22.31
C VAL A 244 5.41 -16.31 20.94
N TYR A 245 4.78 -16.78 19.86
CA TYR A 245 5.29 -16.61 18.48
C TYR A 245 5.51 -15.11 18.21
N THR A 246 4.54 -14.27 18.60
CA THR A 246 4.58 -12.80 18.36
C THR A 246 5.71 -12.19 19.19
N ILE A 247 5.84 -12.56 20.46
CA ILE A 247 6.94 -12.07 21.35
C ILE A 247 8.27 -12.51 20.75
N ALA A 248 8.41 -13.79 20.39
CA ALA A 248 9.64 -14.39 19.82
C ALA A 248 10.04 -13.62 18.55
N ASP A 249 9.09 -13.40 17.63
CA ASP A 249 9.35 -12.76 16.32
C ASP A 249 9.82 -11.32 16.54
N VAL A 250 9.16 -10.58 17.43
CA VAL A 250 9.53 -9.17 17.75
C VAL A 250 10.94 -9.16 18.34
N SER A 251 11.22 -10.10 19.25
CA SER A 251 12.50 -10.19 20.01
C SER A 251 13.65 -10.61 19.09
N SER A 252 13.45 -11.66 18.29
CA SER A 252 14.49 -12.27 17.43
C SER A 252 14.78 -11.40 16.22
N VAL A 254 13.35 -7.65 15.75
CA VAL A 254 13.39 -6.20 15.94
C VAL A 254 14.41 -5.86 17.04
N ILE A 255 14.24 -6.41 18.24
CA ILE A 255 15.12 -6.10 19.40
C ILE A 255 16.55 -6.52 19.06
N TYR A 256 16.71 -7.71 18.48
CA TYR A 256 18.01 -8.23 17.95
C TYR A 256 18.64 -7.16 17.04
N GLY A 257 17.88 -6.66 16.07
CA GLY A 257 18.33 -5.65 15.10
C GLY A 257 18.72 -4.35 15.77
N VAL A 258 17.99 -3.94 16.81
CA VAL A 258 18.24 -2.69 17.58
C VAL A 258 19.57 -2.84 18.33
N LEU A 259 19.77 -3.96 19.01
CA LEU A 259 21.00 -4.25 19.79
C LEU A 259 22.21 -4.26 18.84
N LEU A 260 22.08 -4.88 17.67
CA LEU A 260 23.17 -4.93 16.65
C LEU A 260 23.49 -3.50 16.20
N GLY A 261 22.47 -2.67 16.00
CA GLY A 261 22.62 -1.25 15.62
C GLY A 261 23.36 -0.48 16.68
N ASN A 262 23.04 -0.73 17.96
CA ASN A 262 23.67 -0.08 19.13
C ASN A 262 25.13 -0.52 19.21
N LEU A 263 25.41 -1.80 18.95
CA LEU A 263 26.79 -2.34 18.89
C LEU A 263 27.57 -1.60 17.80
N ALA A 264 27.00 -1.48 16.61
CA ALA A 264 27.61 -0.82 15.44
C ALA A 264 27.98 0.63 15.82
N ILE A 265 27.11 1.31 16.57
CA ILE A 265 27.34 2.72 17.01
C ILE A 265 28.60 2.76 17.88
N THR A 266 28.71 1.90 18.89
CA THR A 266 29.87 1.86 19.83
C THR A 266 31.16 1.56 19.06
N LEU A 267 31.08 0.73 18.02
CA LEU A 267 32.26 0.30 17.20
C LEU A 267 32.56 1.36 16.13
N SER A 268 31.70 2.37 15.97
CA SER A 268 31.81 3.40 14.90
C SER A 268 32.81 4.48 15.34
N LYS A 269 33.74 4.83 14.44
CA LYS A 269 34.77 5.89 14.65
C LYS A 269 34.11 7.27 14.57
N ASN A 270 32.89 7.36 14.04
CA ASN A 270 32.09 8.60 13.93
C ASN A 270 30.86 8.50 14.82
N GLN B 1 -29.51 -11.82 22.75
CA GLN B 1 -28.50 -12.83 22.30
C GLN B 1 -27.29 -12.79 23.23
N GLU B 2 -26.51 -13.87 23.26
CA GLU B 2 -25.29 -14.02 24.10
C GLU B 2 -24.10 -13.36 23.40
N LEU B 3 -23.57 -12.29 23.98
CA LEU B 3 -22.40 -11.52 23.46
C LEU B 3 -21.17 -11.76 24.35
N GLY B 4 -21.39 -12.19 25.59
CA GLY B 4 -20.32 -12.51 26.56
C GLY B 4 -19.54 -11.28 26.96
N ASN B 5 -18.21 -11.39 27.02
CA ASN B 5 -17.29 -10.30 27.43
C ASN B 5 -17.01 -9.42 26.21
N ALA B 6 -18.01 -8.64 25.79
CA ALA B 6 -17.97 -7.80 24.57
C ALA B 6 -18.17 -6.33 24.96
N ASN B 7 -17.64 -5.42 24.13
CA ASN B 7 -17.73 -3.96 24.33
C ASN B 7 -19.20 -3.54 24.18
N PHE B 8 -19.59 -2.43 24.81
CA PHE B 8 -20.99 -1.96 24.91
C PHE B 8 -21.49 -1.53 23.53
N GLU B 9 -20.59 -1.15 22.61
CA GLU B 9 -20.96 -0.82 21.21
C GLU B 9 -21.83 -1.94 20.64
N ASN B 10 -21.49 -3.19 20.94
CA ASN B 10 -22.18 -4.41 20.43
C ASN B 10 -23.59 -4.50 21.02
N PHE B 11 -23.74 -4.17 22.31
CA PHE B 11 -25.03 -4.23 23.05
C PHE B 11 -25.99 -3.16 22.49
N ILE B 12 -25.51 -1.93 22.32
CA ILE B 12 -26.28 -0.85 21.64
C ILE B 12 -26.66 -1.34 20.24
N GLY B 13 -25.69 -1.86 19.48
CA GLY B 13 -25.88 -2.32 18.10
C GLY B 13 -26.89 -3.46 18.01
N ALA B 14 -26.97 -4.31 19.03
CA ALA B 14 -27.82 -5.52 19.05
C ALA B 14 -29.24 -5.20 19.55
N THR B 15 -29.44 -4.07 20.21
CA THR B 15 -30.75 -3.69 20.83
C THR B 15 -31.38 -2.54 20.04
N GLU B 16 -30.89 -1.32 20.23
CA GLU B 16 -31.43 -0.08 19.61
C GLU B 16 -30.98 0.02 18.15
N GLY B 17 -29.77 -0.48 17.85
CA GLY B 17 -29.07 -0.19 16.59
C GLY B 17 -28.59 1.25 16.55
N PHE B 18 -27.91 1.65 15.48
CA PHE B 18 -27.33 3.00 15.30
C PHE B 18 -28.07 3.72 14.18
N SER B 19 -28.39 5.00 14.40
CA SER B 19 -28.93 5.92 13.38
C SER B 19 -27.87 6.15 12.30
N GLU B 20 -28.29 6.67 11.14
CA GLU B 20 -27.36 7.05 10.04
C GLU B 20 -26.24 7.92 10.62
N ILE B 21 -26.59 8.94 11.40
CA ILE B 21 -25.62 9.94 11.93
C ILE B 21 -24.61 9.21 12.84
N ALA B 22 -25.09 8.41 13.79
CA ALA B 22 -24.24 7.70 14.77
C ALA B 22 -23.27 6.75 14.03
N TYR B 23 -23.78 5.97 13.08
CA TYR B 23 -22.97 4.97 12.33
C TYR B 23 -21.96 5.67 11.43
N GLN B 24 -22.42 6.64 10.62
CA GLN B 24 -21.57 7.35 9.62
C GLN B 24 -20.51 8.18 10.37
N PHE B 25 -20.89 8.92 11.41
CA PHE B 25 -19.94 9.77 12.18
C PHE B 25 -18.82 8.91 12.75
N THR B 26 -19.17 7.78 13.36
CA THR B 26 -18.19 6.86 13.98
C THR B 26 -17.23 6.35 12.89
N SER B 27 -17.76 5.96 11.74
N SER B 27 -17.76 5.96 11.74
CA SER B 27 -16.98 5.51 10.54
CA SER B 27 -16.98 5.51 10.54
C SER B 27 -16.02 6.63 10.11
C SER B 27 -16.02 6.62 10.11
N HIS B 28 -16.53 7.85 9.99
CA HIS B 28 -15.77 9.04 9.53
C HIS B 28 -14.64 9.36 10.51
N ILE B 29 -14.94 9.40 11.81
CA ILE B 29 -13.97 9.86 12.85
C ILE B 29 -12.85 8.80 12.96
N LEU B 30 -13.20 7.51 12.88
CA LEU B 30 -12.21 6.41 12.96
C LEU B 30 -11.33 6.44 11.71
N THR B 31 -11.90 6.79 10.56
CA THR B 31 -11.17 6.90 9.26
C THR B 31 -10.21 8.09 9.32
N LEU B 32 -10.70 9.25 9.79
CA LEU B 32 -9.86 10.46 10.01
C LEU B 32 -8.66 10.08 10.89
N GLY B 33 -8.91 9.31 11.95
CA GLY B 33 -7.90 8.87 12.92
C GLY B 33 -6.69 8.28 12.24
N TYR B 34 -6.89 7.26 11.39
CA TYR B 34 -5.77 6.54 10.75
C TYR B 34 -5.16 7.42 9.65
N ALA B 35 -5.97 8.26 9.01
CA ALA B 35 -5.53 9.20 7.94
C ALA B 35 -4.54 10.20 8.55
N VAL B 36 -4.84 10.72 9.74
CA VAL B 36 -3.97 11.72 10.43
C VAL B 36 -2.63 11.06 10.77
N MET B 37 -2.64 9.78 11.15
CA MET B 37 -1.41 9.04 11.55
C MET B 37 -0.47 8.94 10.34
N LEU B 38 -1.00 8.63 9.15
CA LEU B 38 -0.16 8.47 7.93
C LEU B 38 0.36 9.85 7.49
N ALA B 39 -0.46 10.90 7.62
CA ALA B 39 -0.06 12.29 7.34
C ALA B 39 1.07 12.69 8.30
N GLY B 40 0.88 12.42 9.59
CA GLY B 40 1.92 12.63 10.62
C GLY B 40 3.21 11.91 10.27
N LEU B 41 3.11 10.66 9.81
CA LEU B 41 4.30 9.86 9.40
C LEU B 41 5.11 10.68 8.39
N LEU B 42 4.46 11.23 7.36
CA LEU B 42 5.13 12.00 6.30
C LEU B 42 5.78 13.24 6.92
N TYR B 43 5.05 13.97 7.76
CA TYR B 43 5.54 15.21 8.42
C TYR B 43 6.85 14.91 9.18
N PHE B 44 6.87 13.85 9.99
CA PHE B 44 8.01 13.52 10.89
C PHE B 44 9.22 13.11 10.06
N ILE B 45 9.02 12.37 8.97
CA ILE B 45 10.14 11.93 8.08
C ILE B 45 10.72 13.18 7.41
N LEU B 46 9.86 14.06 6.88
CA LEU B 46 10.26 15.19 6.01
C LEU B 46 10.95 16.29 6.84
N THR B 47 10.76 16.31 8.16
CA THR B 47 11.30 17.37 9.06
C THR B 47 12.49 16.87 9.88
N ILE B 48 12.94 15.63 9.67
CA ILE B 48 14.07 15.01 10.42
C ILE B 48 15.26 15.97 10.44
N LYS B 49 15.62 16.56 9.29
CA LYS B 49 16.86 17.35 9.11
C LYS B 49 16.64 18.81 9.47
N ASN B 50 15.53 19.14 10.14
CA ASN B 50 15.24 20.51 10.63
C ASN B 50 15.90 20.71 12.00
N VAL B 51 16.42 19.63 12.60
CA VAL B 51 17.05 19.67 13.95
C VAL B 51 18.45 19.03 13.87
N ASP B 52 19.30 19.37 14.84
CA ASP B 52 20.68 18.83 14.95
C ASP B 52 20.60 17.30 15.08
N LYS B 53 21.62 16.60 14.58
CA LYS B 53 21.72 15.12 14.54
C LYS B 53 21.26 14.53 15.89
N LYS B 54 21.69 15.10 17.00
CA LYS B 54 21.48 14.54 18.37
C LYS B 54 19.99 14.46 18.70
N PHE B 55 19.14 15.24 18.01
CA PHE B 55 17.68 15.33 18.30
C PHE B 55 16.87 14.47 17.31
N GLN B 56 17.51 13.95 16.26
CA GLN B 56 16.79 13.36 15.10
C GLN B 56 16.11 12.05 15.50
N MET B 57 16.61 11.37 16.54
CA MET B 57 16.04 10.10 17.04
C MET B 57 14.60 10.34 17.50
N SER B 58 14.27 11.54 17.97
CA SER B 58 12.91 11.93 18.42
C SER B 58 11.95 11.95 17.23
N ASN B 59 12.34 12.60 16.13
CA ASN B 59 11.60 12.55 14.85
C ASN B 59 11.39 11.09 14.42
N ILE B 60 12.44 10.28 14.51
CA ILE B 60 12.42 8.86 14.06
C ILE B 60 11.39 8.09 14.88
N LEU B 61 11.38 8.30 16.21
CA LEU B 61 10.47 7.57 17.14
C LEU B 61 9.02 8.00 16.89
N SER B 62 8.79 9.30 16.63
CA SER B 62 7.46 9.83 16.22
C SER B 62 6.97 9.07 14.98
N ALA B 63 7.83 8.93 13.97
CA ALA B 63 7.55 8.23 12.69
C ALA B 63 7.20 6.76 12.98
N VAL B 64 7.98 6.12 13.84
CA VAL B 64 7.78 4.69 14.23
C VAL B 64 6.39 4.55 14.87
N VAL B 65 6.03 5.49 15.75
CA VAL B 65 4.71 5.52 16.43
C VAL B 65 3.60 5.65 15.38
N MET B 66 3.80 6.51 14.38
CA MET B 66 2.80 6.80 13.31
C MET B 66 2.50 5.53 12.50
N VAL B 67 3.54 4.77 12.12
CA VAL B 67 3.41 3.61 11.20
C VAL B 67 2.42 2.60 11.81
N SER B 68 2.65 2.21 13.06
CA SER B 68 1.85 1.20 13.78
C SER B 68 0.47 1.79 14.12
N ALA B 69 0.40 3.10 14.40
CA ALA B 69 -0.86 3.81 14.73
C ALA B 69 -1.77 3.78 13.50
N PHE B 70 -1.20 4.04 12.32
CA PHE B 70 -1.92 3.95 11.03
C PHE B 70 -2.52 2.54 10.87
N LEU B 71 -1.68 1.51 11.00
CA LEU B 71 -2.08 0.10 10.76
C LEU B 71 -3.18 -0.31 11.74
N LEU B 72 -2.97 -0.08 13.04
CA LEU B 72 -3.88 -0.53 14.12
C LEU B 72 -5.20 0.26 14.04
N LEU B 73 -5.14 1.58 13.77
CA LEU B 73 -6.35 2.43 13.72
C LEU B 73 -7.10 2.17 12.41
N TYR B 74 -6.39 1.71 11.38
CA TYR B 74 -7.03 1.26 10.11
C TYR B 74 -7.84 -0.01 10.41
N ALA B 75 -7.23 -0.99 11.08
CA ALA B 75 -7.89 -2.24 11.50
C ALA B 75 -9.10 -1.90 12.37
N GLN B 76 -8.95 -0.94 13.28
CA GLN B 76 -10.04 -0.53 14.23
C GLN B 76 -11.22 0.04 13.43
N ALA B 77 -10.96 0.86 12.42
CA ALA B 77 -11.98 1.47 11.55
C ALA B 77 -12.74 0.38 10.80
N GLN B 78 -12.03 -0.58 10.19
CA GLN B 78 -12.64 -1.70 9.42
C GLN B 78 -13.51 -2.54 10.36
N ASN B 79 -13.06 -2.72 11.61
CA ASN B 79 -13.81 -3.49 12.64
C ASN B 79 -15.19 -2.84 12.80
N TRP B 80 -15.24 -1.50 12.84
CA TRP B 80 -16.50 -0.74 13.00
C TRP B 80 -17.45 -1.03 11.82
N THR B 81 -17.02 -0.78 10.59
CA THR B 81 -17.90 -0.82 9.39
C THR B 81 -18.36 -2.26 9.12
N SER B 82 -17.55 -3.25 9.52
N SER B 82 -17.57 -3.26 9.52
CA SER B 82 -17.80 -4.71 9.29
CA SER B 82 -17.86 -4.69 9.26
C SER B 82 -18.80 -5.25 10.32
C SER B 82 -18.80 -5.26 10.32
N SER B 83 -18.89 -4.64 11.50
CA SER B 83 -19.64 -5.18 12.67
C SER B 83 -21.10 -4.69 12.68
N PHE B 84 -21.44 -3.65 11.92
CA PHE B 84 -22.79 -3.04 11.94
C PHE B 84 -23.28 -2.84 10.50
N THR B 85 -24.49 -3.37 10.24
CA THR B 85 -25.10 -3.49 8.89
C THR B 85 -26.49 -2.85 8.91
N PHE B 86 -26.84 -2.15 7.82
CA PHE B 86 -28.13 -1.44 7.67
C PHE B 86 -29.27 -2.46 7.62
N ASN B 87 -30.31 -2.21 8.41
CA ASN B 87 -31.61 -2.93 8.35
C ASN B 87 -32.62 -2.02 7.63
N GLU B 88 -33.08 -2.45 6.45
CA GLU B 88 -33.95 -1.65 5.54
C GLU B 88 -35.32 -1.39 6.18
N GLU B 89 -35.83 -2.34 6.97
CA GLU B 89 -37.19 -2.30 7.57
C GLU B 89 -37.27 -1.14 8.58
N VAL B 90 -36.23 -0.90 9.37
CA VAL B 90 -36.27 0.09 10.49
C VAL B 90 -35.36 1.28 10.13
N GLY B 91 -34.44 1.11 9.19
CA GLY B 91 -33.51 2.17 8.74
C GLY B 91 -32.48 2.51 9.81
N ARG B 92 -31.95 1.50 10.49
CA ARG B 92 -30.84 1.65 11.48
C ARG B 92 -29.81 0.56 11.24
N TYR B 93 -28.59 0.74 11.73
CA TYR B 93 -27.47 -0.22 11.60
C TYR B 93 -27.44 -1.10 12.85
N PHE B 94 -27.53 -2.41 12.67
CA PHE B 94 -27.56 -3.41 13.78
C PHE B 94 -26.32 -4.29 13.73
N LEU B 95 -25.94 -4.82 14.89
CA LEU B 95 -24.82 -5.78 15.06
C LEU B 95 -24.95 -6.85 13.97
N ASP B 96 -23.91 -6.99 13.15
CA ASP B 96 -23.77 -8.05 12.13
C ASP B 96 -22.59 -8.92 12.53
N PRO B 97 -22.79 -9.94 13.40
CA PRO B 97 -21.69 -10.69 13.98
C PRO B 97 -20.88 -11.50 12.96
N SER B 98 -21.39 -11.64 11.72
CA SER B 98 -20.67 -12.29 10.60
C SER B 98 -19.38 -11.51 10.32
N GLY B 99 -19.35 -10.23 10.70
CA GLY B 99 -18.16 -9.35 10.59
C GLY B 99 -17.32 -9.39 11.86
N ASP B 100 -17.63 -10.30 12.78
CA ASP B 100 -17.05 -10.37 14.16
C ASP B 100 -17.67 -9.25 15.01
N LEU B 101 -17.59 -9.41 16.32
CA LEU B 101 -18.00 -8.36 17.29
C LEU B 101 -17.00 -7.20 17.19
N PHE B 102 -17.42 -6.00 17.54
CA PHE B 102 -16.55 -4.81 17.64
C PHE B 102 -15.80 -4.89 18.97
N ASN B 103 -14.48 -4.65 18.94
CA ASN B 103 -13.64 -4.54 20.15
C ASN B 103 -12.61 -3.43 19.93
N ASN B 104 -12.41 -2.60 20.96
CA ASN B 104 -11.51 -1.42 20.96
C ASN B 104 -10.06 -1.87 21.16
N GLY B 105 -9.81 -3.18 21.19
CA GLY B 105 -8.50 -3.79 21.52
C GLY B 105 -7.40 -3.42 20.55
N TYR B 106 -7.72 -3.20 19.26
CA TYR B 106 -6.71 -2.79 18.24
C TYR B 106 -6.03 -1.51 18.72
N ARG B 107 -6.82 -0.57 19.24
CA ARG B 107 -6.34 0.74 19.74
C ARG B 107 -5.43 0.50 20.95
N TYR B 108 -5.82 -0.41 21.85
CA TYR B 108 -5.08 -0.72 23.10
C TYR B 108 -3.68 -1.25 22.79
N LEU B 109 -3.58 -2.16 21.82
CA LEU B 109 -2.30 -2.82 21.47
C LEU B 109 -1.37 -1.80 20.79
N ASN B 110 -1.96 -0.84 20.07
CA ASN B 110 -1.20 0.33 19.55
C ASN B 110 -0.59 1.09 20.75
N TRP B 111 -1.38 1.36 21.78
CA TRP B 111 -0.92 2.03 23.04
C TRP B 111 0.27 1.26 23.63
N LEU B 112 0.18 -0.08 23.64
CA LEU B 112 1.18 -0.95 24.30
C LEU B 112 2.58 -0.60 23.77
N ILE B 113 2.71 -0.41 22.46
CA ILE B 113 4.03 -0.17 21.79
C ILE B 113 4.30 1.33 21.66
N ASP B 114 3.27 2.17 21.69
CA ASP B 114 3.41 3.65 21.53
C ASP B 114 3.82 4.30 22.85
N VAL B 115 3.17 3.93 23.96
CA VAL B 115 3.43 4.54 25.30
C VAL B 115 4.92 4.51 25.60
N PRO B 116 5.61 3.35 25.48
CA PRO B 116 7.04 3.26 25.74
C PRO B 116 7.87 4.22 24.88
N MET B 117 7.50 4.37 23.60
CA MET B 117 8.24 5.19 22.59
C MET B 117 7.99 6.68 22.86
N LEU B 118 6.74 7.05 23.18
CA LEU B 118 6.33 8.46 23.43
C LEU B 118 7.02 8.98 24.69
N LEU B 119 7.04 8.17 25.75
CA LEU B 119 7.69 8.52 27.04
C LEU B 119 9.20 8.59 26.85
N PHE B 120 9.74 7.69 26.02
CA PHE B 120 11.19 7.53 25.74
C PHE B 120 11.70 8.72 24.94
N GLN B 121 10.95 9.17 23.92
CA GLN B 121 11.47 10.07 22.86
C GLN B 121 11.81 11.46 23.44
N ILE B 122 11.10 11.91 24.49
CA ILE B 122 11.36 13.25 25.09
C ILE B 122 12.78 13.25 25.69
N LEU B 123 13.28 12.08 26.08
CA LEU B 123 14.62 11.92 26.72
C LEU B 123 15.73 12.09 25.68
N PHE B 124 15.38 12.25 24.39
CA PHE B 124 16.36 12.48 23.29
C PHE B 124 16.38 13.96 22.94
N VAL B 125 15.53 14.75 23.57
CA VAL B 125 15.41 16.22 23.34
C VAL B 125 15.89 16.97 24.59
N VAL B 126 15.31 16.66 25.75
CA VAL B 126 15.62 17.34 27.04
C VAL B 126 16.78 16.58 27.71
N SER B 127 17.50 17.26 28.61
CA SER B 127 18.53 16.66 29.50
C SER B 127 17.96 16.59 30.92
N LEU B 128 17.99 15.41 31.53
CA LEU B 128 17.70 15.22 32.97
C LEU B 128 18.79 15.93 33.78
N THR B 129 18.50 16.32 35.01
CA THR B 129 19.46 16.95 35.96
C THR B 129 19.65 16.02 37.16
N THR B 130 18.63 15.93 38.03
CA THR B 130 18.67 15.18 39.31
C THR B 130 18.32 13.71 39.10
N SER B 131 17.50 13.38 38.10
CA SER B 131 17.01 12.00 37.81
C SER B 131 18.01 11.27 36.92
N LYS B 132 18.11 9.94 37.08
CA LYS B 132 18.97 9.04 36.26
C LYS B 132 18.16 8.52 35.06
N PHE B 133 18.73 8.64 33.86
CA PHE B 133 18.11 8.25 32.57
C PHE B 133 17.51 6.83 32.68
N SER B 134 18.34 5.87 33.09
CA SER B 134 17.98 4.43 33.18
C SER B 134 16.76 4.25 34.08
N SER B 135 16.71 4.98 35.19
CA SER B 135 15.66 4.88 36.24
C SER B 135 14.33 5.39 35.67
N VAL B 136 14.34 6.59 35.09
CA VAL B 136 13.15 7.22 34.44
C VAL B 136 12.63 6.27 33.36
N ARG B 137 13.51 5.80 32.47
CA ARG B 137 13.14 4.93 31.32
C ARG B 137 12.47 3.66 31.86
N ASN B 138 13.06 3.02 32.86
CA ASN B 138 12.59 1.73 33.43
C ASN B 138 11.21 1.92 34.07
N GLN B 139 11.00 3.05 34.75
CA GLN B 139 9.71 3.39 35.41
C GLN B 139 8.64 3.61 34.34
N PHE B 140 8.95 4.42 33.32
CA PHE B 140 8.08 4.71 32.16
C PHE B 140 7.64 3.39 31.52
N TRP B 141 8.61 2.53 31.19
CA TRP B 141 8.38 1.28 30.42
C TRP B 141 7.57 0.29 31.25
N PHE B 142 7.90 0.11 32.52
CA PHE B 142 7.20 -0.87 33.41
C PHE B 142 5.76 -0.41 33.65
N SER B 143 5.57 0.81 34.14
CA SER B 143 4.25 1.40 34.48
C SER B 143 3.42 1.57 33.19
N GLY B 144 4.06 1.97 32.09
CA GLY B 144 3.42 2.11 30.77
C GLY B 144 2.77 0.81 30.34
N ALA B 145 3.54 -0.29 30.37
CA ALA B 145 3.09 -1.64 29.98
C ALA B 145 1.93 -2.09 30.89
N MET B 146 2.12 -1.98 32.20
CA MET B 146 1.12 -2.41 33.22
C MET B 146 -0.18 -1.61 33.04
N MET B 147 -0.07 -0.30 32.82
CA MET B 147 -1.23 0.60 32.60
C MET B 147 -2.09 0.06 31.44
N ILE B 148 -1.46 -0.22 30.30
CA ILE B 148 -2.17 -0.65 29.06
C ILE B 148 -2.70 -2.07 29.24
N ILE B 149 -1.88 -2.98 29.76
CA ILE B 149 -2.25 -4.41 29.91
C ILE B 149 -3.48 -4.52 30.84
N THR B 150 -3.45 -3.85 31.99
CA THR B 150 -4.55 -3.92 33.00
C THR B 150 -5.82 -3.31 32.40
N GLY B 151 -5.68 -2.21 31.66
CA GLY B 151 -6.80 -1.56 30.95
C GLY B 151 -7.38 -2.47 29.88
N TYR B 152 -6.51 -3.15 29.12
CA TYR B 152 -6.90 -4.07 28.02
C TYR B 152 -7.77 -5.19 28.59
N ILE B 153 -7.39 -5.74 29.74
CA ILE B 153 -8.14 -6.81 30.45
C ILE B 153 -9.51 -6.24 30.86
N GLY B 154 -9.50 -5.08 31.53
CA GLY B 154 -10.71 -4.43 32.07
C GLY B 154 -11.79 -4.24 31.02
N GLN B 155 -11.45 -3.74 29.82
CA GLN B 155 -12.42 -3.25 28.81
C GLN B 155 -13.25 -4.41 28.25
N PHE B 156 -12.76 -5.65 28.35
CA PHE B 156 -13.51 -6.87 27.95
C PHE B 156 -14.73 -7.07 28.85
N TYR B 157 -14.71 -6.48 30.05
CA TYR B 157 -15.74 -6.72 31.10
C TYR B 157 -16.63 -5.50 31.27
N GLU B 158 -16.50 -4.50 30.39
CA GLU B 158 -17.14 -3.16 30.56
C GLU B 158 -18.66 -3.33 30.60
N VAL B 159 -19.20 -4.45 30.12
CA VAL B 159 -20.66 -4.77 30.24
C VAL B 159 -20.86 -6.04 31.08
N SER B 160 -20.05 -7.08 30.87
CA SER B 160 -20.27 -8.44 31.41
C SER B 160 -19.99 -8.48 32.92
N ASN B 161 -19.15 -7.59 33.44
CA ASN B 161 -18.72 -7.63 34.86
C ASN B 161 -18.16 -6.25 35.28
N LEU B 162 -19.06 -5.37 35.71
CA LEU B 162 -18.76 -3.95 36.06
C LEU B 162 -17.66 -3.90 37.13
N THR B 163 -17.64 -4.87 38.04
CA THR B 163 -16.66 -4.93 39.17
C THR B 163 -15.25 -5.13 38.60
N ALA B 164 -15.04 -6.18 37.82
CA ALA B 164 -13.77 -6.49 37.14
C ALA B 164 -13.34 -5.26 36.33
N PHE B 165 -14.28 -4.69 35.57
CA PHE B 165 -14.09 -3.49 34.71
C PHE B 165 -13.48 -2.35 35.54
N LEU B 166 -14.07 -2.06 36.70
CA LEU B 166 -13.70 -0.90 37.56
C LEU B 166 -12.41 -1.20 38.33
N VAL B 167 -12.21 -2.45 38.76
CA VAL B 167 -11.01 -2.86 39.55
C VAL B 167 -9.77 -2.78 38.66
N TRP B 168 -9.79 -3.45 37.51
CA TRP B 168 -8.70 -3.41 36.50
C TRP B 168 -8.45 -1.95 36.10
N GLY B 169 -9.50 -1.17 35.90
CA GLY B 169 -9.41 0.26 35.55
C GLY B 169 -8.70 1.05 36.63
N ALA B 170 -9.00 0.75 37.89
CA ALA B 170 -8.41 1.39 39.09
C ALA B 170 -6.91 1.07 39.15
N ILE B 171 -6.55 -0.20 39.00
CA ILE B 171 -5.13 -0.66 38.94
C ILE B 171 -4.41 0.11 37.83
N SER B 172 -5.01 0.17 36.64
CA SER B 172 -4.48 0.89 35.46
C SER B 172 -4.21 2.35 35.85
N SER B 173 -5.18 2.98 36.52
CA SER B 173 -5.14 4.40 36.95
C SER B 173 -3.92 4.65 37.86
N ALA B 174 -3.62 3.70 38.75
CA ALA B 174 -2.47 3.78 39.69
C ALA B 174 -1.18 3.97 38.88
N PHE B 175 -0.96 3.13 37.87
CA PHE B 175 0.24 3.17 36.99
C PHE B 175 0.26 4.51 36.23
N PHE B 176 -0.92 4.99 35.82
CA PHE B 176 -1.12 6.27 35.11
C PHE B 176 -0.58 7.43 35.96
N PHE B 177 -0.96 7.48 37.24
CA PHE B 177 -0.56 8.56 38.19
C PHE B 177 0.97 8.54 38.35
N HIS B 178 1.55 7.34 38.48
CA HIS B 178 3.02 7.13 38.54
C HIS B 178 3.67 7.79 37.31
N ILE B 179 3.17 7.52 36.11
CA ILE B 179 3.73 8.05 34.84
C ILE B 179 3.63 9.59 34.85
N LEU B 180 2.47 10.13 35.23
CA LEU B 180 2.25 11.60 35.30
C LEU B 180 3.32 12.20 36.23
N TRP B 181 3.57 11.53 37.36
CA TRP B 181 4.56 11.94 38.38
C TRP B 181 5.94 12.06 37.73
N VAL B 182 6.41 10.97 37.11
CA VAL B 182 7.77 10.89 36.49
C VAL B 182 7.87 11.92 35.36
N MET B 183 6.86 12.01 34.50
CA MET B 183 6.90 12.91 33.32
C MET B 183 6.98 14.37 33.78
N LYS B 184 6.29 14.71 34.87
CA LYS B 184 6.32 16.07 35.47
C LYS B 184 7.77 16.43 35.83
N LYS B 185 8.47 15.52 36.51
CA LYS B 185 9.91 15.66 36.88
C LYS B 185 10.73 15.88 35.60
N VAL B 186 10.51 15.04 34.59
CA VAL B 186 11.26 15.09 33.30
C VAL B 186 11.11 16.47 32.67
N ILE B 187 9.88 17.00 32.65
CA ILE B 187 9.55 18.33 32.08
C ILE B 187 10.33 19.42 32.84
N ASN B 188 10.28 19.38 34.17
CA ASN B 188 10.92 20.37 35.07
C ASN B 188 12.43 20.38 34.82
N GLU B 189 13.06 19.21 34.90
CA GLU B 189 14.53 19.06 34.68
C GLU B 189 14.89 19.50 33.27
N GLY B 190 14.01 19.22 32.30
CA GLY B 190 14.23 19.57 30.89
C GLY B 190 14.31 21.08 30.69
N LYS B 191 13.53 21.83 31.48
CA LYS B 191 13.44 23.32 31.43
C LYS B 191 14.76 23.95 31.88
N GLU B 192 15.48 23.27 32.77
CA GLU B 192 16.73 23.78 33.41
C GLU B 192 17.83 23.95 32.36
N GLY B 193 18.30 25.19 32.17
CA GLY B 193 19.50 25.52 31.38
C GLY B 193 19.21 25.75 29.91
N ILE B 194 17.94 25.86 29.50
CA ILE B 194 17.55 26.08 28.07
C ILE B 194 16.86 27.43 27.93
N SER B 195 16.80 27.97 26.71
CA SER B 195 16.19 29.28 26.38
C SER B 195 14.77 29.36 26.92
N PRO B 196 14.28 30.57 27.26
CA PRO B 196 12.88 30.75 27.68
C PRO B 196 11.89 30.20 26.64
N ALA B 197 12.21 30.32 25.35
CA ALA B 197 11.39 29.79 24.23
C ALA B 197 11.21 28.28 24.42
N GLY B 198 12.30 27.55 24.66
CA GLY B 198 12.29 26.10 24.93
C GLY B 198 11.47 25.76 26.16
N GLN B 199 11.59 26.56 27.21
CA GLN B 199 10.88 26.36 28.51
C GLN B 199 9.37 26.51 28.30
N LYS B 200 8.97 27.46 27.45
CA LYS B 200 7.54 27.73 27.13
C LYS B 200 6.95 26.50 26.41
N ILE B 201 7.68 25.97 25.42
CA ILE B 201 7.24 24.79 24.63
C ILE B 201 7.06 23.59 25.58
N LEU B 202 7.99 23.38 26.51
CA LEU B 202 7.92 22.28 27.50
C LEU B 202 6.69 22.45 28.38
N SER B 203 6.32 23.69 28.72
CA SER B 203 5.10 24.00 29.51
C SER B 203 3.87 23.55 28.74
N ASN B 204 3.84 23.88 27.44
CA ASN B 204 2.74 23.49 26.50
C ASN B 204 2.70 21.97 26.37
N ILE B 205 3.87 21.33 26.25
CA ILE B 205 3.99 19.84 26.17
C ILE B 205 3.33 19.22 27.42
N TRP B 206 3.58 19.79 28.60
CA TRP B 206 3.04 19.25 29.88
C TRP B 206 1.51 19.35 29.88
N ILE B 207 0.97 20.49 29.45
CA ILE B 207 -0.50 20.72 29.38
C ILE B 207 -1.11 19.72 28.38
N LEU B 208 -0.52 19.62 27.19
CA LEU B 208 -0.97 18.68 26.14
C LEU B 208 -0.96 17.26 26.70
N PHE B 209 0.15 16.85 27.31
CA PHE B 209 0.35 15.51 27.88
C PHE B 209 -0.76 15.24 28.91
N LEU B 210 -0.97 16.18 29.84
CA LEU B 210 -1.92 16.04 30.97
C LEU B 210 -3.34 15.88 30.43
N ILE B 211 -3.76 16.76 29.52
CA ILE B 211 -5.15 16.77 28.98
C ILE B 211 -5.36 15.53 28.10
N SER B 212 -4.48 15.30 27.13
CA SER B 212 -4.61 14.21 26.12
C SER B 212 -4.63 12.85 26.83
N TRP B 213 -3.74 12.63 27.81
CA TRP B 213 -3.61 11.33 28.50
C TRP B 213 -4.83 11.08 29.41
N THR B 214 -5.43 12.14 29.93
CA THR B 214 -6.59 12.05 30.86
C THR B 214 -7.86 11.72 30.07
N LEU B 215 -7.89 12.03 28.78
CA LEU B 215 -9.05 11.73 27.88
C LEU B 215 -9.30 10.22 27.86
N TYR B 216 -8.24 9.41 27.94
CA TYR B 216 -8.28 7.93 27.77
C TYR B 216 -9.17 7.30 28.85
N PRO B 217 -8.88 7.49 30.16
CA PRO B 217 -9.75 6.96 31.20
C PRO B 217 -11.20 7.45 31.06
N GLY B 218 -11.38 8.67 30.54
CA GLY B 218 -12.71 9.24 30.25
C GLY B 218 -13.45 8.40 29.21
N ALA B 219 -12.76 8.06 28.11
CA ALA B 219 -13.29 7.21 27.02
C ALA B 219 -13.57 5.81 27.54
N TYR B 220 -12.70 5.29 28.41
CA TYR B 220 -12.86 3.98 29.09
C TYR B 220 -14.22 3.94 29.79
N LEU B 221 -14.54 4.99 30.54
CA LEU B 221 -15.73 5.06 31.44
C LEU B 221 -16.96 5.58 30.69
N MET B 222 -16.76 6.14 29.49
CA MET B 222 -17.76 6.95 28.75
C MET B 222 -19.18 6.42 28.96
N PRO B 223 -19.46 5.12 28.69
CA PRO B 223 -20.83 4.62 28.72
C PRO B 223 -21.55 4.81 30.06
N TYR B 224 -20.81 4.98 31.15
CA TYR B 224 -21.34 4.98 32.54
C TYR B 224 -21.16 6.35 33.20
N LEU B 225 -20.67 7.35 32.47
CA LEU B 225 -20.36 8.70 33.02
C LEU B 225 -21.66 9.45 33.33
N THR B 226 -22.81 8.94 32.86
CA THR B 226 -24.16 9.49 33.15
C THR B 226 -24.95 8.46 33.96
N GLY B 227 -24.25 7.54 34.63
CA GLY B 227 -24.83 6.52 35.52
C GLY B 227 -25.62 5.47 34.75
N VAL B 228 -26.30 4.59 35.50
CA VAL B 228 -27.18 3.51 34.97
C VAL B 228 -28.24 4.13 34.06
N ASP B 229 -28.43 3.55 32.87
CA ASP B 229 -29.46 3.96 31.88
C ASP B 229 -29.34 5.46 31.60
N GLY B 230 -28.14 6.02 31.74
CA GLY B 230 -27.86 7.43 31.45
C GLY B 230 -27.82 7.73 29.97
N PHE B 231 -27.74 9.02 29.62
CA PHE B 231 -27.71 9.56 28.23
C PHE B 231 -26.58 8.90 27.42
N LEU B 232 -25.45 8.55 28.05
CA LEU B 232 -24.23 8.10 27.35
C LEU B 232 -24.26 6.58 27.13
N TYR B 233 -25.13 5.83 27.81
CA TYR B 233 -25.33 4.38 27.55
C TYR B 233 -26.27 4.27 26.34
N SER B 234 -25.74 4.58 25.16
CA SER B 234 -26.50 4.83 23.91
C SER B 234 -25.53 5.01 22.74
N GLU B 235 -26.06 5.24 21.55
CA GLU B 235 -25.26 5.54 20.34
C GLU B 235 -24.50 6.86 20.58
N ASP B 236 -25.02 7.74 21.43
CA ASP B 236 -24.42 9.05 21.75
C ASP B 236 -23.11 8.84 22.51
N GLY B 237 -23.09 7.86 23.43
CA GLY B 237 -21.90 7.45 24.19
C GLY B 237 -20.87 6.77 23.30
N VAL B 238 -21.33 5.99 22.31
CA VAL B 238 -20.45 5.32 21.31
C VAL B 238 -19.74 6.42 20.50
N MET B 239 -20.51 7.35 19.94
CA MET B 239 -19.97 8.51 19.17
C MET B 239 -18.94 9.24 20.04
N ALA B 240 -19.30 9.54 21.29
CA ALA B 240 -18.48 10.33 22.24
C ALA B 240 -17.16 9.59 22.49
N ARG B 241 -17.22 8.30 22.82
CA ARG B 241 -16.03 7.47 23.12
C ARG B 241 -15.07 7.50 21.92
N GLN B 242 -15.56 7.20 20.72
CA GLN B 242 -14.72 7.05 19.50
C GLN B 242 -14.16 8.43 19.11
N LEU B 243 -14.90 9.51 19.31
CA LEU B 243 -14.42 10.90 19.10
C LEU B 243 -13.25 11.19 20.06
N VAL B 244 -13.45 10.89 21.35
CA VAL B 244 -12.47 11.22 22.43
C VAL B 244 -11.18 10.42 22.20
N TYR B 245 -11.30 9.11 21.93
CA TYR B 245 -10.14 8.22 21.62
C TYR B 245 -9.36 8.82 20.45
N THR B 246 -10.07 9.25 19.39
CA THR B 246 -9.45 9.78 18.15
C THR B 246 -8.74 11.11 18.48
N ILE B 247 -9.39 12.00 19.24
CA ILE B 247 -8.79 13.30 19.65
C ILE B 247 -7.55 13.01 20.50
N ALA B 248 -7.67 12.13 21.49
CA ALA B 248 -6.58 11.76 22.42
C ALA B 248 -5.38 11.23 21.62
N ASP B 249 -5.62 10.28 20.71
CA ASP B 249 -4.55 9.62 19.91
C ASP B 249 -3.84 10.67 19.05
N VAL B 250 -4.58 11.54 18.37
CA VAL B 250 -4.00 12.62 17.51
C VAL B 250 -3.14 13.54 18.39
N SER B 251 -3.64 13.90 19.57
CA SER B 251 -3.04 14.88 20.51
C SER B 251 -1.78 14.28 21.13
N SER B 252 -1.88 13.05 21.65
CA SER B 252 -0.82 12.37 22.43
C SER B 252 0.32 11.89 21.52
N VAL B 254 0.59 12.90 17.61
CA VAL B 254 0.99 13.79 16.52
C VAL B 254 1.38 15.16 17.08
N ILE B 255 0.47 15.83 17.80
CA ILE B 255 0.71 17.20 18.32
C ILE B 255 1.90 17.16 19.30
N TYR B 256 1.93 16.16 20.19
CA TYR B 256 3.06 15.87 21.11
C TYR B 256 4.37 15.85 20.30
N GLY B 257 4.39 15.06 19.22
CA GLY B 257 5.57 14.90 18.35
C GLY B 257 5.97 16.22 17.69
N VAL B 258 5.00 17.04 17.30
CA VAL B 258 5.24 18.35 16.64
C VAL B 258 5.90 19.30 17.65
N LEU B 259 5.36 19.37 18.87
CA LEU B 259 5.89 20.22 19.96
C LEU B 259 7.32 19.81 20.30
N LEU B 260 7.60 18.50 20.41
CA LEU B 260 8.97 17.98 20.68
C LEU B 260 9.91 18.41 19.55
N GLY B 261 9.46 18.33 18.30
CA GLY B 261 10.22 18.77 17.13
C GLY B 261 10.54 20.25 17.21
N ASN B 262 9.57 21.06 17.63
CA ASN B 262 9.71 22.54 17.79
C ASN B 262 10.70 22.83 18.91
N LEU B 263 10.64 22.07 20.01
CA LEU B 263 11.62 22.16 21.12
C LEU B 263 13.03 21.88 20.58
N ALA B 264 13.19 20.78 19.84
CA ALA B 264 14.49 20.35 19.26
C ALA B 264 15.06 21.47 18.39
N ILE B 265 14.21 22.18 17.65
CA ILE B 265 14.63 23.30 16.76
C ILE B 265 15.24 24.41 17.63
N THR B 266 14.56 24.83 18.70
CA THR B 266 15.03 25.93 19.60
C THR B 266 16.36 25.53 20.26
N LEU B 267 16.55 24.25 20.54
CA LEU B 267 17.77 23.73 21.24
C LEU B 267 18.89 23.47 20.21
N SER B 268 18.58 23.59 18.92
CA SER B 268 19.52 23.26 17.81
C SER B 268 20.45 24.46 17.57
N LYS B 269 21.76 24.19 17.49
CA LYS B 269 22.84 25.21 17.49
C LYS B 269 23.01 25.81 16.09
N ASN B 270 22.21 25.36 15.12
CA ASN B 270 22.23 25.83 13.71
C ASN B 270 20.95 26.61 13.41
N LYS B 271 19.79 26.05 13.76
CA LYS B 271 18.43 26.59 13.45
C LYS B 271 17.95 27.45 14.63
N GLU B 272 16.89 28.23 14.41
CA GLU B 272 16.28 29.14 15.42
C GLU B 272 14.76 28.98 15.40
N GLN C 1 -38.79 3.38 1.42
CA GLN C 1 -38.10 2.78 2.60
C GLN C 1 -37.57 3.91 3.50
N GLU C 2 -37.29 3.59 4.77
CA GLU C 2 -36.83 4.56 5.80
C GLU C 2 -35.32 4.76 5.70
N LEU C 3 -34.88 5.95 5.29
CA LEU C 3 -33.44 6.29 5.08
C LEU C 3 -32.98 7.28 6.17
N GLY C 4 -33.92 8.01 6.77
CA GLY C 4 -33.63 8.97 7.85
C GLY C 4 -32.79 10.14 7.36
N ASN C 5 -31.79 10.52 8.16
CA ASN C 5 -30.91 11.69 7.89
C ASN C 5 -29.77 11.24 6.97
N ALA C 6 -30.10 10.99 5.70
CA ALA C 6 -29.20 10.44 4.67
C ALA C 6 -29.10 11.43 3.51
N ASN C 7 -27.97 11.37 2.78
CA ASN C 7 -27.68 12.25 1.62
C ASN C 7 -28.66 11.90 0.50
N PHE C 8 -28.93 12.85 -0.40
CA PHE C 8 -29.98 12.74 -1.46
C PHE C 8 -29.55 11.68 -2.48
N GLU C 9 -28.25 11.40 -2.62
CA GLU C 9 -27.73 10.33 -3.51
C GLU C 9 -28.51 9.03 -3.21
N ASN C 10 -28.77 8.75 -1.93
CA ASN C 10 -29.45 7.51 -1.47
C ASN C 10 -30.92 7.52 -1.92
N PHE C 11 -31.60 8.68 -1.86
CA PHE C 11 -33.03 8.85 -2.24
C PHE C 11 -33.17 8.65 -3.76
N ILE C 12 -32.30 9.27 -4.55
CA ILE C 12 -32.25 9.03 -6.03
C ILE C 12 -32.01 7.54 -6.26
N GLY C 13 -31.02 6.96 -5.59
CA GLY C 13 -30.62 5.55 -5.74
C GLY C 13 -31.74 4.60 -5.37
N ALA C 14 -32.57 4.98 -4.40
CA ALA C 14 -33.64 4.12 -3.83
C ALA C 14 -34.93 4.24 -4.66
N THR C 15 -35.09 5.29 -5.47
CA THR C 15 -36.33 5.59 -6.24
C THR C 15 -36.09 5.34 -7.73
N GLU C 16 -35.42 6.26 -8.41
CA GLU C 16 -35.18 6.21 -9.89
C GLU C 16 -34.04 5.23 -10.19
N GLY C 17 -33.07 5.11 -9.28
CA GLY C 17 -31.79 4.44 -9.54
C GLY C 17 -30.93 5.28 -10.48
N PHE C 18 -29.73 4.82 -10.79
CA PHE C 18 -28.73 5.52 -11.63
C PHE C 18 -28.53 4.75 -12.94
N SER C 19 -28.48 5.48 -14.05
CA SER C 19 -28.12 4.95 -15.38
C SER C 19 -26.65 4.51 -15.35
N GLU C 20 -26.22 3.72 -16.33
CA GLU C 20 -24.81 3.32 -16.51
C GLU C 20 -23.92 4.56 -16.46
N ILE C 21 -24.28 5.61 -17.21
CA ILE C 21 -23.45 6.85 -17.35
C ILE C 21 -23.33 7.52 -15.97
N ALA C 22 -24.44 7.74 -15.27
CA ALA C 22 -24.46 8.41 -13.95
C ALA C 22 -23.61 7.64 -12.95
N TYR C 23 -23.79 6.32 -12.87
CA TYR C 23 -23.09 5.45 -11.89
C TYR C 23 -21.61 5.38 -12.23
N GLN C 24 -21.28 5.10 -13.49
CA GLN C 24 -19.86 4.89 -13.93
C GLN C 24 -19.12 6.23 -13.82
N PHE C 25 -19.69 7.32 -14.31
CA PHE C 25 -19.05 8.66 -14.27
C PHE C 25 -18.71 9.02 -12.81
N THR C 26 -19.65 8.84 -11.90
CA THR C 26 -19.46 9.18 -10.46
C THR C 26 -18.30 8.35 -9.91
N SER C 27 -18.28 7.05 -10.22
N SER C 27 -18.28 7.05 -10.22
CA SER C 27 -17.20 6.10 -9.82
CA SER C 27 -17.20 6.10 -9.82
C SER C 27 -15.86 6.61 -10.37
C SER C 27 -15.86 6.61 -10.37
N HIS C 28 -15.83 6.95 -11.66
CA HIS C 28 -14.60 7.41 -12.37
C HIS C 28 -14.08 8.71 -11.76
N ILE C 29 -14.94 9.69 -11.55
CA ILE C 29 -14.54 11.05 -11.10
C ILE C 29 -14.04 10.97 -9.66
N LEU C 30 -14.68 10.14 -8.82
CA LEU C 30 -14.27 9.95 -7.40
C LEU C 30 -12.92 9.22 -7.37
N THR C 31 -12.70 8.30 -8.31
CA THR C 31 -11.43 7.54 -8.43
C THR C 31 -10.31 8.48 -8.89
N LEU C 32 -10.57 9.30 -9.91
CA LEU C 32 -9.63 10.33 -10.39
C LEU C 32 -9.23 11.23 -9.21
N GLY C 33 -10.20 11.61 -8.40
CA GLY C 33 -10.00 12.49 -7.23
C GLY C 33 -8.86 12.00 -6.34
N TYR C 34 -8.92 10.74 -5.90
CA TYR C 34 -7.91 10.19 -4.95
C TYR C 34 -6.60 9.94 -5.70
N ALA C 35 -6.67 9.59 -6.98
CA ALA C 35 -5.50 9.34 -7.84
C ALA C 35 -4.68 10.63 -7.98
N VAL C 36 -5.36 11.77 -8.15
CA VAL C 36 -4.70 13.09 -8.32
C VAL C 36 -3.98 13.44 -7.00
N MET C 37 -4.58 13.10 -5.86
CA MET C 37 -4.02 13.42 -4.52
C MET C 37 -2.69 12.67 -4.34
N LEU C 38 -2.62 11.40 -4.73
CA LEU C 38 -1.38 10.60 -4.56
C LEU C 38 -0.31 11.10 -5.54
N ALA C 39 -0.71 11.48 -6.76
CA ALA C 39 0.19 12.09 -7.77
C ALA C 39 0.75 13.41 -7.21
N GLY C 40 -0.13 14.24 -6.67
CA GLY C 40 0.26 15.51 -6.00
C GLY C 40 1.25 15.25 -4.88
N LEU C 41 1.01 14.22 -4.06
CA LEU C 41 1.91 13.85 -2.94
C LEU C 41 3.33 13.71 -3.50
N LEU C 42 3.49 12.97 -4.60
CA LEU C 42 4.81 12.70 -5.24
C LEU C 42 5.42 14.03 -5.69
N TYR C 43 4.62 14.87 -6.37
CA TYR C 43 5.08 16.17 -6.91
C TYR C 43 5.66 17.02 -5.77
N PHE C 44 4.93 17.14 -4.65
CA PHE C 44 5.30 18.04 -3.53
C PHE C 44 6.57 17.53 -2.84
N ILE C 45 6.72 16.22 -2.68
CA ILE C 45 7.94 15.63 -2.06
C ILE C 45 9.13 15.88 -2.98
N LEU C 46 8.98 15.61 -4.28
CA LEU C 46 10.10 15.64 -5.26
C LEU C 46 10.56 17.07 -5.54
N THR C 47 9.76 18.10 -5.22
CA THR C 47 10.07 19.52 -5.53
C THR C 47 10.49 20.28 -4.26
N ILE C 48 10.57 19.61 -3.12
CA ILE C 48 10.92 20.26 -1.81
C ILE C 48 12.19 21.11 -1.99
N LYS C 49 13.22 20.57 -2.65
CA LYS C 49 14.57 21.20 -2.72
C LYS C 49 14.65 22.22 -3.86
N ASN C 50 13.51 22.59 -4.46
CA ASN C 50 13.45 23.60 -5.54
C ASN C 50 13.38 25.00 -4.93
N VAL C 51 13.19 25.09 -3.61
CA VAL C 51 13.03 26.40 -2.88
C VAL C 51 13.97 26.42 -1.68
N ASP C 52 14.28 27.64 -1.20
CA ASP C 52 15.13 27.89 -0.01
C ASP C 52 14.53 27.15 1.19
N LYS C 53 15.38 26.68 2.10
CA LYS C 53 15.01 25.93 3.32
C LYS C 53 13.78 26.56 3.98
N LYS C 54 13.74 27.89 4.09
CA LYS C 54 12.71 28.64 4.86
C LYS C 54 11.32 28.41 4.27
N PHE C 55 11.22 28.02 2.99
CA PHE C 55 9.93 27.84 2.26
C PHE C 55 9.51 26.37 2.18
N GLN C 56 10.39 25.45 2.59
CA GLN C 56 10.21 23.99 2.34
C GLN C 56 9.05 23.46 3.19
N MET C 57 8.75 24.08 4.32
CA MET C 57 7.63 23.67 5.21
C MET C 57 6.31 23.76 4.43
N SER C 58 6.21 24.66 3.46
CA SER C 58 5.00 24.81 2.59
C SER C 58 4.83 23.55 1.72
N ASN C 59 5.89 23.10 1.06
CA ASN C 59 5.92 21.80 0.32
C ASN C 59 5.50 20.67 1.25
N ILE C 60 6.04 20.66 2.48
CA ILE C 60 5.81 19.57 3.46
C ILE C 60 4.31 19.55 3.80
N LEU C 61 3.70 20.71 4.04
CA LEU C 61 2.29 20.81 4.46
C LEU C 61 1.38 20.40 3.29
N SER C 62 1.74 20.77 2.05
CA SER C 62 1.05 20.31 0.82
C SER C 62 1.03 18.78 0.79
N ALA C 63 2.18 18.15 1.03
CA ALA C 63 2.37 16.67 1.03
C ALA C 63 1.49 16.06 2.13
N VAL C 64 1.51 16.65 3.33
CA VAL C 64 0.69 16.20 4.49
C VAL C 64 -0.79 16.22 4.08
N VAL C 65 -1.23 17.28 3.40
CA VAL C 65 -2.63 17.45 2.94
C VAL C 65 -2.96 16.31 1.94
N MET C 66 -2.04 16.01 1.03
CA MET C 66 -2.23 15.00 -0.04
C MET C 66 -2.45 13.61 0.58
N VAL C 67 -1.67 13.25 1.61
CA VAL C 67 -1.68 11.87 2.18
C VAL C 67 -3.09 11.55 2.68
N SER C 68 -3.66 12.42 3.51
CA SER C 68 -4.99 12.22 4.13
C SER C 68 -6.08 12.38 3.06
N ALA C 69 -5.87 13.25 2.07
CA ALA C 69 -6.83 13.49 0.97
C ALA C 69 -6.95 12.21 0.14
N PHE C 70 -5.82 11.57 -0.15
CA PHE C 70 -5.78 10.25 -0.85
C PHE C 70 -6.62 9.24 -0.07
N LEU C 71 -6.33 9.07 1.23
CA LEU C 71 -6.98 8.03 2.07
C LEU C 71 -8.48 8.29 2.16
N LEU C 72 -8.88 9.52 2.46
CA LEU C 72 -10.31 9.86 2.72
C LEU C 72 -11.09 9.85 1.40
N LEU C 73 -10.49 10.30 0.30
CA LEU C 73 -11.17 10.33 -1.02
C LEU C 73 -11.19 8.90 -1.61
N TYR C 74 -10.25 8.05 -1.21
CA TYR C 74 -10.27 6.61 -1.56
C TYR C 74 -11.48 5.97 -0.86
N ALA C 75 -11.63 6.21 0.45
CA ALA C 75 -12.78 5.71 1.25
C ALA C 75 -14.08 6.23 0.64
N GLN C 76 -14.11 7.49 0.21
CA GLN C 76 -15.32 8.13 -0.37
C GLN C 76 -15.71 7.41 -1.66
N ALA C 77 -14.72 7.07 -2.50
CA ALA C 77 -14.93 6.38 -3.78
C ALA C 77 -15.51 4.97 -3.52
N GLN C 78 -14.94 4.23 -2.57
CA GLN C 78 -15.39 2.86 -2.20
C GLN C 78 -16.83 2.95 -1.68
N ASN C 79 -17.16 4.00 -0.93
CA ASN C 79 -18.52 4.21 -0.36
C ASN C 79 -19.51 4.27 -1.53
N TRP C 80 -19.14 4.94 -2.62
CA TRP C 80 -20.01 5.05 -3.82
C TRP C 80 -20.28 3.66 -4.43
N THR C 81 -19.23 2.92 -4.80
CA THR C 81 -19.37 1.65 -5.58
C THR C 81 -20.05 0.59 -4.70
N SER C 82 -19.91 0.67 -3.38
CA SER C 82 -20.47 -0.30 -2.40
C SER C 82 -21.95 -0.06 -2.15
N SER C 83 -22.44 1.17 -2.36
CA SER C 83 -23.79 1.61 -1.93
C SER C 83 -24.81 1.44 -3.05
N PHE C 84 -24.38 1.22 -4.29
CA PHE C 84 -25.28 1.15 -5.48
C PHE C 84 -24.90 -0.06 -6.33
N THR C 85 -25.90 -0.90 -6.61
CA THR C 85 -25.75 -2.24 -7.26
C THR C 85 -26.69 -2.34 -8.46
N PHE C 86 -26.21 -2.96 -9.54
CA PHE C 86 -26.95 -3.12 -10.81
C PHE C 86 -28.17 -4.01 -10.59
N ASN C 87 -29.33 -3.57 -11.08
CA ASN C 87 -30.57 -4.38 -11.16
C ASN C 87 -30.74 -4.82 -12.63
N GLU C 88 -30.66 -6.12 -12.89
CA GLU C 88 -30.66 -6.73 -14.26
C GLU C 88 -32.02 -6.50 -14.94
N GLU C 89 -33.12 -6.52 -14.19
CA GLU C 89 -34.50 -6.40 -14.71
C GLU C 89 -34.71 -5.02 -15.37
N VAL C 90 -34.17 -3.95 -14.78
CA VAL C 90 -34.42 -2.55 -15.24
C VAL C 90 -33.16 -1.98 -15.88
N GLY C 91 -32.00 -2.54 -15.58
CA GLY C 91 -30.69 -2.07 -16.10
C GLY C 91 -30.29 -0.73 -15.53
N ARG C 92 -30.51 -0.53 -14.23
CA ARG C 92 -30.07 0.68 -13.49
C ARG C 92 -29.46 0.25 -12.15
N TYR C 93 -28.66 1.13 -11.54
CA TYR C 93 -27.99 0.87 -10.24
C TYR C 93 -28.86 1.46 -9.13
N PHE C 94 -29.27 0.63 -8.17
CA PHE C 94 -30.16 1.02 -7.05
C PHE C 94 -29.40 0.92 -5.72
N LEU C 95 -29.87 1.68 -4.74
CA LEU C 95 -29.34 1.67 -3.36
C LEU C 95 -29.25 0.22 -2.89
N ASP C 96 -28.04 -0.20 -2.50
CA ASP C 96 -27.76 -1.51 -1.89
C ASP C 96 -27.27 -1.26 -0.47
N PRO C 97 -28.20 -1.12 0.50
CA PRO C 97 -27.83 -0.69 1.85
C PRO C 97 -26.94 -1.69 2.62
N SER C 98 -26.79 -2.91 2.10
CA SER C 98 -25.86 -3.92 2.64
C SER C 98 -24.43 -3.38 2.58
N GLY C 99 -24.18 -2.42 1.68
CA GLY C 99 -22.89 -1.73 1.55
C GLY C 99 -22.85 -0.46 2.38
N ASP C 100 -23.85 -0.25 3.24
CA ASP C 100 -24.07 1.01 4.01
C ASP C 100 -24.64 2.07 3.07
N LEU C 101 -25.29 3.09 3.64
CA LEU C 101 -25.77 4.26 2.86
C LEU C 101 -24.54 5.06 2.40
N PHE C 102 -24.69 5.81 1.32
CA PHE C 102 -23.65 6.77 0.83
C PHE C 102 -23.73 8.05 1.67
N ASN C 103 -22.59 8.53 2.15
CA ASN C 103 -22.49 9.82 2.86
C ASN C 103 -21.19 10.51 2.45
N ASN C 104 -21.28 11.82 2.19
CA ASN C 104 -20.17 12.68 1.71
C ASN C 104 -19.24 13.06 2.88
N GLY C 105 -19.47 12.47 4.06
CA GLY C 105 -18.77 12.80 5.32
C GLY C 105 -17.26 12.54 5.26
N TYR C 106 -16.80 11.53 4.53
CA TYR C 106 -15.35 11.22 4.39
C TYR C 106 -14.64 12.47 3.85
N ARG C 107 -15.24 13.11 2.84
CA ARG C 107 -14.71 14.33 2.19
C ARG C 107 -14.66 15.47 3.22
N TYR C 108 -15.71 15.61 4.04
CA TYR C 108 -15.86 16.70 5.05
C TYR C 108 -14.74 16.59 6.09
N LEU C 109 -14.46 15.38 6.58
CA LEU C 109 -13.46 15.15 7.67
C LEU C 109 -12.06 15.40 7.09
N ASN C 110 -11.86 15.13 5.81
CA ASN C 110 -10.62 15.54 5.09
C ASN C 110 -10.50 17.07 5.16
N TRP C 111 -11.58 17.80 4.86
CA TRP C 111 -11.62 19.29 4.96
C TRP C 111 -11.21 19.73 6.36
N LEU C 112 -11.72 19.06 7.39
CA LEU C 112 -11.50 19.44 8.81
C LEU C 112 -10.00 19.59 9.08
N ILE C 113 -9.17 18.67 8.57
CA ILE C 113 -7.70 18.66 8.84
C ILE C 113 -6.95 19.40 7.73
N ASP C 114 -7.52 19.54 6.53
CA ASP C 114 -6.85 20.18 5.37
C ASP C 114 -6.97 21.71 5.46
N VAL C 115 -8.17 22.24 5.73
CA VAL C 115 -8.45 23.70 5.82
C VAL C 115 -7.40 24.36 6.71
N PRO C 116 -7.18 23.88 7.96
CA PRO C 116 -6.18 24.48 8.84
C PRO C 116 -4.76 24.51 8.24
N MET C 117 -4.37 23.45 7.53
CA MET C 117 -3.02 23.28 6.96
C MET C 117 -2.88 24.18 5.71
N LEU C 118 -3.91 24.25 4.88
CA LEU C 118 -3.91 25.04 3.62
C LEU C 118 -3.83 26.53 3.96
N LEU C 119 -4.59 26.98 4.96
CA LEU C 119 -4.62 28.40 5.42
C LEU C 119 -3.28 28.73 6.08
N PHE C 120 -2.72 27.76 6.81
CA PHE C 120 -1.46 27.88 7.59
C PHE C 120 -0.27 28.01 6.64
N GLN C 121 -0.23 27.20 5.57
CA GLN C 121 1.00 26.99 4.77
C GLN C 121 1.40 28.28 4.02
N ILE C 122 0.45 29.13 3.64
CA ILE C 122 0.76 30.39 2.90
C ILE C 122 1.62 31.30 3.80
N LEU C 123 1.46 31.17 5.12
CA LEU C 123 2.18 31.98 6.15
C LEU C 123 3.65 31.56 6.23
N PHE C 124 4.06 30.51 5.49
CA PHE C 124 5.46 30.02 5.46
C PHE C 124 6.14 30.51 4.17
N VAL C 125 5.36 31.17 3.30
CA VAL C 125 5.86 31.69 1.99
C VAL C 125 5.84 33.22 2.03
N VAL C 126 4.68 33.82 2.32
CA VAL C 126 4.51 35.30 2.35
C VAL C 126 4.86 35.81 3.76
N SER C 127 5.23 37.09 3.86
CA SER C 127 5.47 37.80 5.14
C SER C 127 4.31 38.77 5.40
N LEU C 128 3.67 38.65 6.55
CA LEU C 128 2.67 39.63 7.05
C LEU C 128 3.40 40.96 7.32
N THR C 129 2.65 42.07 7.31
CA THR C 129 3.17 43.42 7.62
C THR C 129 2.49 43.93 8.90
N THR C 130 1.21 44.27 8.82
CA THR C 130 0.43 44.90 9.92
C THR C 130 -0.20 43.82 10.82
N SER C 131 -0.56 42.65 10.25
CA SER C 131 -1.25 41.55 10.97
C SER C 131 -0.24 40.70 11.73
N LYS C 132 -0.63 40.17 12.89
CA LYS C 132 0.19 39.26 13.73
C LYS C 132 -0.01 37.81 13.27
N PHE C 133 1.08 37.08 13.05
CA PHE C 133 1.11 35.66 12.62
C PHE C 133 0.14 34.85 13.48
N SER C 134 0.31 34.91 14.81
CA SER C 134 -0.47 34.14 15.81
C SER C 134 -1.97 34.42 15.62
N SER C 135 -2.33 35.68 15.38
CA SER C 135 -3.73 36.16 15.31
C SER C 135 -4.39 35.62 14.03
N VAL C 136 -3.72 35.78 12.89
CA VAL C 136 -4.19 35.26 11.58
C VAL C 136 -4.38 33.75 11.69
N ARG C 137 -3.36 33.04 12.20
CA ARG C 137 -3.36 31.56 12.33
C ARG C 137 -4.58 31.13 13.16
N ASN C 138 -4.78 31.77 14.32
CA ASN C 138 -5.84 31.41 15.30
C ASN C 138 -7.22 31.64 14.67
N GLN C 139 -7.37 32.70 13.88
CA GLN C 139 -8.65 33.06 13.22
C GLN C 139 -8.95 32.02 12.14
N PHE C 140 -7.95 31.73 11.29
CA PHE C 140 -8.03 30.68 10.24
C PHE C 140 -8.48 29.36 10.87
N TRP C 141 -7.80 28.94 11.92
CA TRP C 141 -7.98 27.61 12.56
C TRP C 141 -9.37 27.52 13.21
N PHE C 142 -9.78 28.56 13.94
CA PHE C 142 -11.09 28.57 14.66
C PHE C 142 -12.24 28.58 13.64
N SER C 143 -12.24 29.54 12.73
CA SER C 143 -13.31 29.72 11.71
C SER C 143 -13.31 28.54 10.74
N GLY C 144 -12.13 28.05 10.37
CA GLY C 144 -11.95 26.86 9.52
C GLY C 144 -12.66 25.66 10.10
N ALA C 145 -12.39 25.35 11.37
CA ALA C 145 -13.01 24.22 12.12
C ALA C 145 -14.52 24.39 12.17
N MET C 146 -15.00 25.56 12.61
CA MET C 146 -16.45 25.85 12.77
C MET C 146 -17.17 25.74 11.41
N MET C 147 -16.55 26.26 10.34
CA MET C 147 -17.11 26.21 8.97
C MET C 147 -17.38 24.74 8.59
N ILE C 148 -16.40 23.87 8.77
CA ILE C 148 -16.47 22.43 8.36
C ILE C 148 -17.45 21.69 9.29
N ILE C 149 -17.32 21.88 10.60
CA ILE C 149 -18.15 21.17 11.61
C ILE C 149 -19.64 21.49 11.38
N THR C 150 -19.99 22.78 11.22
CA THR C 150 -21.40 23.21 11.05
C THR C 150 -21.93 22.66 9.72
N GLY C 151 -21.10 22.66 8.68
CA GLY C 151 -21.47 22.12 7.36
C GLY C 151 -21.67 20.61 7.43
N TYR C 152 -20.80 19.92 8.16
CA TYR C 152 -20.84 18.45 8.36
C TYR C 152 -22.19 18.07 8.98
N ILE C 153 -22.62 18.83 10.00
CA ILE C 153 -23.92 18.60 10.70
C ILE C 153 -25.05 18.83 9.70
N GLY C 154 -25.01 19.96 8.98
CA GLY C 154 -26.05 20.36 8.02
C GLY C 154 -26.34 19.30 6.97
N GLN C 155 -25.31 18.70 6.38
CA GLN C 155 -25.43 17.84 5.15
C GLN C 155 -26.19 16.55 5.49
N PHE C 156 -26.23 16.15 6.77
CA PHE C 156 -27.02 14.98 7.24
C PHE C 156 -28.53 15.24 7.08
N TYR C 157 -28.93 16.51 6.97
CA TYR C 157 -30.36 16.93 6.96
C TYR C 157 -30.78 17.41 5.58
N GLU C 158 -29.92 17.25 4.57
CA GLU C 158 -30.12 17.86 3.23
C GLU C 158 -31.42 17.36 2.61
N VAL C 159 -31.97 16.24 3.08
CA VAL C 159 -33.28 15.71 2.63
C VAL C 159 -34.26 15.68 3.80
N SER C 160 -33.83 15.22 4.99
CA SER C 160 -34.71 14.92 6.14
C SER C 160 -35.27 16.21 6.77
N ASN C 161 -34.57 17.34 6.66
CA ASN C 161 -34.94 18.60 7.35
C ASN C 161 -34.27 19.81 6.68
N LEU C 162 -34.93 20.35 5.64
CA LEU C 162 -34.39 21.43 4.77
C LEU C 162 -34.03 22.65 5.62
N THR C 163 -34.76 22.89 6.70
CA THR C 163 -34.56 24.06 7.59
C THR C 163 -33.21 23.94 8.30
N ALA C 164 -32.99 22.82 9.00
CA ALA C 164 -31.72 22.49 9.67
C ALA C 164 -30.58 22.59 8.65
N PHE C 165 -30.79 22.01 7.46
CA PHE C 165 -29.82 21.99 6.33
C PHE C 165 -29.39 23.42 5.99
N LEU C 166 -30.35 24.33 5.83
CA LEU C 166 -30.11 25.73 5.38
C LEU C 166 -29.55 26.58 6.53
N VAL C 167 -30.00 26.33 7.77
CA VAL C 167 -29.54 27.12 8.95
C VAL C 167 -28.07 26.81 9.23
N TRP C 168 -27.74 25.52 9.38
CA TRP C 168 -26.34 25.06 9.59
C TRP C 168 -25.46 25.55 8.43
N GLY C 169 -25.96 25.47 7.20
CA GLY C 169 -25.25 25.96 6.00
C GLY C 169 -24.97 27.45 6.09
N ALA C 170 -25.94 28.22 6.58
CA ALA C 170 -25.88 29.69 6.74
C ALA C 170 -24.80 30.04 7.77
N ILE C 171 -24.83 29.37 8.92
CA ILE C 171 -23.80 29.53 10.00
C ILE C 171 -22.43 29.23 9.39
N SER C 172 -22.31 28.12 8.66
CA SER C 172 -21.06 27.70 7.99
C SER C 172 -20.59 28.83 7.08
N SER C 173 -21.49 29.41 6.29
CA SER C 173 -21.22 30.49 5.31
C SER C 173 -20.63 31.71 6.02
N ALA C 174 -21.12 32.04 7.22
CA ALA C 174 -20.64 33.17 8.05
C ALA C 174 -19.13 33.00 8.31
N PHE C 175 -18.72 31.82 8.76
CA PHE C 175 -17.30 31.49 9.06
C PHE C 175 -16.49 31.55 7.76
N PHE C 176 -17.09 31.12 6.65
CA PHE C 176 -16.49 31.13 5.29
C PHE C 176 -16.11 32.57 4.91
N PHE C 177 -17.04 33.53 5.07
CA PHE C 177 -16.84 34.96 4.75
C PHE C 177 -15.71 35.53 5.61
N HIS C 178 -15.68 35.20 6.90
CA HIS C 178 -14.58 35.57 7.83
C HIS C 178 -13.23 35.11 7.23
N ILE C 179 -13.14 33.85 6.81
CA ILE C 179 -11.87 33.27 6.25
C ILE C 179 -11.49 34.02 4.98
N LEU C 180 -12.45 34.29 4.09
CA LEU C 180 -12.20 35.04 2.84
C LEU C 180 -11.60 36.41 3.20
N TRP C 181 -12.16 37.04 4.24
CA TRP C 181 -11.74 38.37 4.75
C TRP C 181 -10.26 38.31 5.16
N VAL C 182 -9.92 37.38 6.05
CA VAL C 182 -8.56 37.23 6.62
C VAL C 182 -7.57 36.88 5.49
N MET C 183 -7.94 35.97 4.61
CA MET C 183 -7.05 35.50 3.51
C MET C 183 -6.76 36.66 2.56
N LYS C 184 -7.74 37.52 2.30
CA LYS C 184 -7.58 38.73 1.45
C LYS C 184 -6.48 39.62 2.05
N LYS C 185 -6.55 39.89 3.36
CA LYS C 185 -5.51 40.66 4.11
C LYS C 185 -4.15 40.01 3.90
N VAL C 186 -4.08 38.69 4.10
CA VAL C 186 -2.81 37.90 4.02
C VAL C 186 -2.20 38.07 2.62
N ILE C 187 -3.03 37.98 1.58
CA ILE C 187 -2.59 38.11 0.16
C ILE C 187 -1.99 39.52 -0.04
N ASN C 188 -2.71 40.54 0.41
CA ASN C 188 -2.32 41.97 0.25
C ASN C 188 -0.98 42.22 0.95
N GLU C 189 -0.88 41.86 2.23
CA GLU C 189 0.37 42.02 3.03
C GLU C 189 1.50 41.21 2.38
N GLY C 190 1.18 40.03 1.84
CA GLY C 190 2.17 39.15 1.18
C GLY C 190 2.78 39.80 -0.05
N LYS C 191 1.99 40.60 -0.78
CA LYS C 191 2.40 41.30 -2.02
C LYS C 191 3.44 42.39 -1.69
N GLU C 192 3.38 42.95 -0.49
CA GLU C 192 4.26 44.06 -0.03
C GLU C 192 5.71 43.56 0.07
N GLY C 193 6.61 44.15 -0.72
CA GLY C 193 8.07 43.99 -0.59
C GLY C 193 8.62 42.84 -1.42
N ILE C 194 7.83 42.30 -2.36
CA ILE C 194 8.25 41.17 -3.25
C ILE C 194 8.16 41.62 -4.72
N SER C 195 8.89 40.93 -5.60
CA SER C 195 8.97 41.21 -7.06
C SER C 195 7.57 41.23 -7.67
N PRO C 196 7.38 41.94 -8.80
CA PRO C 196 6.11 41.90 -9.53
C PRO C 196 5.69 40.48 -9.92
N ALA C 197 6.65 39.61 -10.25
CA ALA C 197 6.43 38.19 -10.60
C ALA C 197 5.72 37.49 -9.43
N GLY C 198 6.24 37.66 -8.21
CA GLY C 198 5.64 37.13 -6.97
C GLY C 198 4.24 37.68 -6.74
N GLN C 199 4.04 38.97 -7.00
CA GLN C 199 2.75 39.67 -6.78
C GLN C 199 1.69 39.11 -7.73
N LYS C 200 2.08 38.82 -8.97
CA LYS C 200 1.18 38.24 -10.00
C LYS C 200 0.70 36.87 -9.53
N ILE C 201 1.62 36.02 -9.05
CA ILE C 201 1.30 34.64 -8.57
C ILE C 201 0.31 34.74 -7.40
N LEU C 202 0.53 35.66 -6.47
CA LEU C 202 -0.37 35.88 -5.30
C LEU C 202 -1.77 36.31 -5.78
N SER C 203 -1.84 37.10 -6.85
CA SER C 203 -3.13 37.53 -7.45
C SER C 203 -3.87 36.31 -7.99
N ASN C 204 -3.15 35.43 -8.69
CA ASN C 204 -3.66 34.14 -9.23
C ASN C 204 -4.13 33.26 -8.07
N ILE C 205 -3.34 33.18 -6.99
CA ILE C 205 -3.67 32.38 -5.78
C ILE C 205 -5.00 32.87 -5.21
N TRP C 206 -5.21 34.19 -5.16
CA TRP C 206 -6.45 34.79 -4.60
C TRP C 206 -7.66 34.39 -5.45
N ILE C 207 -7.54 34.46 -6.77
CA ILE C 207 -8.61 34.07 -7.73
C ILE C 207 -8.89 32.57 -7.57
N LEU C 208 -7.85 31.74 -7.57
CA LEU C 208 -7.97 30.27 -7.38
C LEU C 208 -8.71 30.00 -6.08
N PHE C 209 -8.25 30.62 -4.99
CA PHE C 209 -8.81 30.45 -3.63
C PHE C 209 -10.31 30.81 -3.67
N LEU C 210 -10.63 31.97 -4.24
CA LEU C 210 -12.01 32.53 -4.26
C LEU C 210 -12.94 31.59 -5.03
N ILE C 211 -12.55 31.19 -6.25
CA ILE C 211 -13.37 30.32 -7.14
C ILE C 211 -13.48 28.91 -6.52
N SER C 212 -12.35 28.29 -6.20
CA SER C 212 -12.29 26.88 -5.71
C SER C 212 -13.10 26.75 -4.40
N TRP C 213 -12.95 27.69 -3.46
CA TRP C 213 -13.61 27.60 -2.13
C TRP C 213 -15.12 27.85 -2.28
N THR C 214 -15.53 28.63 -3.27
CA THR C 214 -16.95 28.99 -3.51
C THR C 214 -17.69 27.79 -4.14
N LEU C 215 -16.97 26.91 -4.82
CA LEU C 215 -17.53 25.68 -5.44
C LEU C 215 -18.19 24.81 -4.37
N TYR C 216 -17.64 24.79 -3.15
CA TYR C 216 -18.05 23.90 -2.04
C TYR C 216 -19.50 24.18 -1.64
N PRO C 217 -19.86 25.42 -1.23
CA PRO C 217 -21.25 25.74 -0.91
C PRO C 217 -22.19 25.43 -2.09
N GLY C 218 -21.70 25.57 -3.33
CA GLY C 218 -22.45 25.22 -4.54
C GLY C 218 -22.78 23.74 -4.58
N ALA C 219 -21.79 22.89 -4.31
CA ALA C 219 -21.93 21.41 -4.24
C ALA C 219 -22.87 21.03 -3.07
N TYR C 220 -22.76 21.74 -1.95
CA TYR C 220 -23.64 21.59 -0.76
C TYR C 220 -25.11 21.71 -1.20
N LEU C 221 -25.42 22.77 -1.97
CA LEU C 221 -26.81 23.14 -2.34
C LEU C 221 -27.25 22.43 -3.62
N MET C 222 -26.31 21.81 -4.35
CA MET C 222 -26.49 21.34 -5.75
C MET C 222 -27.91 20.80 -5.99
N PRO C 223 -28.40 19.84 -5.18
CA PRO C 223 -29.68 19.18 -5.49
C PRO C 223 -30.87 20.14 -5.60
N TYR C 224 -30.78 21.33 -4.99
CA TYR C 224 -31.91 22.29 -4.84
C TYR C 224 -31.66 23.58 -5.63
N LEU C 225 -30.56 23.65 -6.38
CA LEU C 225 -30.15 24.87 -7.14
C LEU C 225 -31.12 25.11 -8.32
N THR C 226 -31.97 24.13 -8.65
CA THR C 226 -33.01 24.24 -9.69
C THR C 226 -34.39 24.12 -9.05
N GLY C 227 -34.47 24.40 -7.74
CA GLY C 227 -35.73 24.43 -6.97
C GLY C 227 -36.34 23.05 -6.79
N VAL C 228 -37.54 22.99 -6.20
CA VAL C 228 -38.33 21.75 -5.97
C VAL C 228 -38.52 21.01 -7.31
N ASP C 229 -38.27 19.70 -7.32
CA ASP C 229 -38.45 18.80 -8.49
C ASP C 229 -37.73 19.40 -9.70
N GLY C 230 -36.64 20.13 -9.46
CA GLY C 230 -35.79 20.72 -10.51
C GLY C 230 -34.94 19.67 -11.20
N PHE C 231 -34.28 20.05 -12.30
CA PHE C 231 -33.39 19.23 -13.14
C PHE C 231 -32.30 18.56 -12.28
N LEU C 232 -31.82 19.23 -11.23
CA LEU C 232 -30.62 18.80 -10.44
C LEU C 232 -31.03 17.85 -9.31
N TYR C 233 -32.32 17.76 -8.96
CA TYR C 233 -32.80 16.75 -7.97
C TYR C 233 -32.99 15.43 -8.72
N SER C 234 -31.87 14.78 -9.05
CA SER C 234 -31.77 13.68 -10.04
C SER C 234 -30.35 13.12 -10.04
N GLU C 235 -30.10 12.10 -10.86
CA GLU C 235 -28.75 11.52 -11.07
C GLU C 235 -27.84 12.61 -11.66
N ASP C 236 -28.42 13.57 -12.38
CA ASP C 236 -27.67 14.68 -13.05
C ASP C 236 -27.07 15.59 -11.97
N GLY C 237 -27.83 15.83 -10.89
CA GLY C 237 -27.37 16.62 -9.72
C GLY C 237 -26.32 15.87 -8.92
N VAL C 238 -26.45 14.54 -8.83
CA VAL C 238 -25.46 13.67 -8.14
C VAL C 238 -24.13 13.78 -8.90
N MET C 239 -24.16 13.57 -10.21
CA MET C 239 -22.97 13.69 -11.10
C MET C 239 -22.35 15.07 -10.91
N ALA C 240 -23.16 16.13 -10.97
CA ALA C 240 -22.73 17.54 -10.87
C ALA C 240 -22.03 17.78 -9.54
N ARG C 241 -22.65 17.36 -8.43
CA ARG C 241 -22.11 17.56 -7.05
C ARG C 241 -20.74 16.89 -6.96
N GLN C 242 -20.62 15.62 -7.37
CA GLN C 242 -19.38 14.83 -7.20
C GLN C 242 -18.28 15.37 -8.12
N LEU C 243 -18.65 15.86 -9.31
CA LEU C 243 -17.71 16.53 -10.24
C LEU C 243 -17.17 17.81 -9.59
N VAL C 244 -18.06 18.64 -9.04
CA VAL C 244 -17.71 19.97 -8.47
C VAL C 244 -16.80 19.76 -7.25
N TYR C 245 -17.17 18.85 -6.33
CA TYR C 245 -16.37 18.50 -5.13
C TYR C 245 -14.96 18.09 -5.58
N THR C 246 -14.87 17.25 -6.62
CA THR C 246 -13.57 16.72 -7.12
C THR C 246 -12.75 17.86 -7.73
N ILE C 247 -13.38 18.72 -8.55
CA ILE C 247 -12.69 19.90 -9.14
C ILE C 247 -12.21 20.82 -8.01
N ALA C 248 -13.07 21.12 -7.05
CA ALA C 248 -12.77 22.02 -5.92
C ALA C 248 -11.58 21.46 -5.13
N ASP C 249 -11.61 20.16 -4.78
CA ASP C 249 -10.56 19.50 -3.95
C ASP C 249 -9.22 19.55 -4.70
N VAL C 250 -9.20 19.24 -5.99
CA VAL C 250 -7.97 19.28 -6.84
C VAL C 250 -7.44 20.73 -6.87
N SER C 251 -8.34 21.71 -7.05
CA SER C 251 -8.01 23.15 -7.21
C SER C 251 -7.50 23.72 -5.89
N SER C 252 -8.22 23.48 -4.79
CA SER C 252 -7.96 24.09 -3.46
C SER C 252 -6.74 23.45 -2.80
N VAL C 254 -4.22 20.89 -4.71
CA VAL C 254 -3.09 20.61 -5.57
C VAL C 254 -2.64 21.89 -6.27
N ILE C 255 -3.52 22.54 -7.04
CA ILE C 255 -3.17 23.74 -7.85
C ILE C 255 -2.71 24.85 -6.89
N TYR C 256 -3.44 25.06 -5.80
CA TYR C 256 -3.06 25.99 -4.69
C TYR C 256 -1.62 25.72 -4.28
N GLY C 257 -1.30 24.45 -3.98
CA GLY C 257 0.04 24.02 -3.53
C GLY C 257 1.12 24.28 -4.58
N VAL C 258 0.78 24.08 -5.86
CA VAL C 258 1.72 24.29 -7.00
C VAL C 258 2.03 25.79 -7.10
N LEU C 259 1.00 26.64 -7.04
CA LEU C 259 1.14 28.12 -7.12
C LEU C 259 2.00 28.61 -5.96
N LEU C 260 1.76 28.11 -4.74
CA LEU C 260 2.56 28.50 -3.53
C LEU C 260 4.02 28.10 -3.76
N GLY C 261 4.25 26.91 -4.33
CA GLY C 261 5.60 26.42 -4.66
C GLY C 261 6.30 27.35 -5.65
N ASN C 262 5.56 27.80 -6.67
CA ASN C 262 6.05 28.71 -7.72
C ASN C 262 6.37 30.08 -7.08
N LEU C 263 5.52 30.54 -6.17
CA LEU C 263 5.77 31.78 -5.39
C LEU C 263 7.08 31.64 -4.61
N ALA C 264 7.25 30.54 -3.88
CA ALA C 264 8.45 30.26 -3.06
C ALA C 264 9.70 30.31 -3.94
N ILE C 265 9.62 29.80 -5.17
CA ILE C 265 10.75 29.80 -6.13
C ILE C 265 11.16 31.25 -6.44
N THR C 266 10.19 32.12 -6.78
CA THR C 266 10.46 33.55 -7.13
C THR C 266 11.05 34.28 -5.92
N LEU C 267 10.67 33.91 -4.70
CA LEU C 267 11.14 34.55 -3.45
C LEU C 267 12.47 33.93 -3.01
N SER C 268 12.92 32.87 -3.67
CA SER C 268 14.13 32.09 -3.28
C SER C 268 15.38 32.80 -3.82
N LYS C 269 16.37 33.01 -2.94
CA LYS C 269 17.57 33.84 -3.21
C LYS C 269 18.58 33.05 -4.06
N ASN C 270 18.36 31.76 -4.27
CA ASN C 270 19.30 30.85 -4.98
C ASN C 270 18.68 30.38 -6.30
N LYS C 271 17.46 29.84 -6.25
CA LYS C 271 16.78 29.18 -7.39
C LYS C 271 15.96 30.21 -8.19
N GLU C 272 15.53 29.81 -9.39
CA GLU C 272 14.75 30.63 -10.36
C GLU C 272 14.07 29.70 -11.37
N LEU C 273 12.98 30.15 -12.01
CA LEU C 273 12.19 29.38 -12.99
C LEU C 273 11.98 30.22 -14.25
N GLN D 1 -30.95 -8.89 -22.65
CA GLN D 1 -30.78 -8.24 -21.32
C GLN D 1 -30.60 -6.73 -21.54
N GLU D 2 -31.16 -5.91 -20.64
CA GLU D 2 -31.10 -4.42 -20.73
C GLU D 2 -29.79 -3.92 -20.09
N LEU D 3 -28.85 -3.43 -20.90
CA LEU D 3 -27.50 -2.98 -20.46
C LEU D 3 -27.38 -1.47 -20.66
N GLY D 4 -28.22 -0.88 -21.52
CA GLY D 4 -28.24 0.56 -21.82
C GLY D 4 -26.96 1.01 -22.51
N ASN D 5 -26.40 2.15 -22.06
CA ASN D 5 -25.19 2.78 -22.64
C ASN D 5 -23.96 2.14 -22.00
N ALA D 6 -23.67 0.89 -22.37
CA ALA D 6 -22.58 0.07 -21.79
C ALA D 6 -21.58 -0.33 -22.90
N ASN D 7 -20.33 -0.59 -22.51
CA ASN D 7 -19.24 -1.01 -23.43
C ASN D 7 -19.59 -2.39 -24.00
N PHE D 8 -19.06 -2.72 -25.19
CA PHE D 8 -19.40 -3.94 -25.95
C PHE D 8 -18.87 -5.18 -25.21
N GLU D 9 -17.84 -5.03 -24.38
CA GLU D 9 -17.31 -6.12 -23.52
C GLU D 9 -18.48 -6.78 -22.78
N ASN D 10 -19.42 -5.97 -22.28
CA ASN D 10 -20.60 -6.42 -21.49
C ASN D 10 -21.55 -7.22 -22.37
N PHE D 11 -21.77 -6.79 -23.62
CA PHE D 11 -22.67 -7.46 -24.59
C PHE D 11 -22.10 -8.83 -24.98
N ILE D 12 -20.81 -8.90 -25.31
CA ILE D 12 -20.11 -10.20 -25.54
C ILE D 12 -20.27 -11.06 -24.28
N GLY D 13 -19.99 -10.49 -23.11
CA GLY D 13 -20.05 -11.20 -21.82
C GLY D 13 -21.44 -11.72 -21.49
N ALA D 14 -22.47 -11.00 -21.93
CA ALA D 14 -23.89 -11.30 -21.61
C ALA D 14 -24.48 -12.31 -22.61
N THR D 15 -23.86 -12.47 -23.78
CA THR D 15 -24.40 -13.32 -24.89
C THR D 15 -23.54 -14.58 -25.04
N GLU D 16 -22.36 -14.47 -25.66
CA GLU D 16 -21.43 -15.60 -25.94
C GLU D 16 -20.67 -15.98 -24.67
N GLY D 17 -20.39 -15.01 -23.79
CA GLY D 17 -19.43 -15.17 -22.68
C GLY D 17 -18.00 -15.25 -23.23
N PHE D 18 -17.02 -15.37 -22.34
CA PHE D 18 -15.58 -15.38 -22.67
C PHE D 18 -15.01 -16.77 -22.35
N SER D 19 -14.19 -17.28 -23.27
CA SER D 19 -13.39 -18.52 -23.07
C SER D 19 -12.36 -18.28 -21.96
N GLU D 20 -11.78 -19.34 -21.42
CA GLU D 20 -10.67 -19.28 -20.43
C GLU D 20 -9.58 -18.34 -20.97
N ILE D 21 -9.16 -18.53 -22.23
CA ILE D 21 -8.04 -17.76 -22.84
C ILE D 21 -8.41 -16.27 -22.89
N ALA D 22 -9.59 -15.94 -23.43
CA ALA D 22 -10.05 -14.54 -23.58
C ALA D 22 -10.11 -13.87 -22.20
N TYR D 23 -10.72 -14.52 -21.20
CA TYR D 23 -10.90 -13.94 -19.85
C TYR D 23 -9.55 -13.80 -19.14
N GLN D 24 -8.75 -14.86 -19.13
CA GLN D 24 -7.45 -14.90 -18.41
C GLN D 24 -6.47 -13.92 -19.08
N PHE D 25 -6.37 -13.93 -20.40
CA PHE D 25 -5.46 -13.04 -21.16
C PHE D 25 -5.77 -11.58 -20.82
N THR D 26 -7.05 -11.21 -20.86
CA THR D 26 -7.51 -9.82 -20.59
C THR D 26 -7.11 -9.43 -19.16
N SER D 27 -7.35 -10.33 -18.19
N SER D 27 -7.35 -10.33 -18.19
CA SER D 27 -6.97 -10.16 -16.76
CA SER D 27 -6.96 -10.17 -16.76
C SER D 27 -5.45 -9.96 -16.66
C SER D 27 -5.44 -9.97 -16.66
N HIS D 28 -4.67 -10.81 -17.32
CA HIS D 28 -3.18 -10.79 -17.31
C HIS D 28 -2.66 -9.47 -17.88
N ILE D 29 -3.17 -9.06 -19.06
CA ILE D 29 -2.64 -7.89 -19.80
C ILE D 29 -2.97 -6.61 -19.03
N LEU D 30 -4.17 -6.55 -18.42
CA LEU D 30 -4.61 -5.39 -17.62
C LEU D 30 -3.77 -5.31 -16.34
N THR D 31 -3.40 -6.47 -15.77
CA THR D 31 -2.56 -6.56 -14.56
C THR D 31 -1.13 -6.11 -14.90
N LEU D 32 -0.58 -6.60 -16.00
CA LEU D 32 0.75 -6.18 -16.52
C LEU D 32 0.76 -4.65 -16.64
N GLY D 33 -0.32 -4.09 -17.20
CA GLY D 33 -0.46 -2.65 -17.44
C GLY D 33 -0.14 -1.84 -16.20
N TYR D 34 -0.79 -2.13 -15.08
CA TYR D 34 -0.64 -1.32 -13.83
C TYR D 34 0.72 -1.65 -13.20
N ALA D 35 1.20 -2.90 -13.35
CA ALA D 35 2.50 -3.36 -12.82
C ALA D 35 3.63 -2.57 -13.50
N VAL D 36 3.53 -2.34 -14.81
CA VAL D 36 4.56 -1.60 -15.59
C VAL D 36 4.58 -0.15 -15.10
N MET D 37 3.43 0.43 -14.79
CA MET D 37 3.31 1.85 -14.34
C MET D 37 4.05 2.02 -13.01
N LEU D 38 3.92 1.07 -12.08
CA LEU D 38 4.57 1.19 -10.75
C LEU D 38 6.08 0.97 -10.91
N ALA D 39 6.50 0.06 -11.79
CA ALA D 39 7.92 -0.20 -12.11
C ALA D 39 8.51 1.07 -12.74
N GLY D 40 7.79 1.67 -13.69
CA GLY D 40 8.15 2.96 -14.32
C GLY D 40 8.33 4.04 -13.28
N LEU D 41 7.40 4.13 -12.32
CA LEU D 41 7.45 5.12 -11.22
C LEU D 41 8.83 5.03 -10.55
N LEU D 42 9.27 3.82 -10.22
CA LEU D 42 10.55 3.59 -9.51
C LEU D 42 11.71 4.07 -10.40
N TYR D 43 11.68 3.71 -11.68
CA TYR D 43 12.75 4.08 -12.65
C TYR D 43 12.90 5.61 -12.70
N PHE D 44 11.79 6.33 -12.84
CA PHE D 44 11.79 7.81 -13.03
C PHE D 44 12.29 8.49 -11.75
N ILE D 45 11.92 8.01 -10.57
CA ILE D 45 12.39 8.58 -9.29
C ILE D 45 13.90 8.35 -9.17
N LEU D 46 14.36 7.13 -9.42
CA LEU D 46 15.77 6.70 -9.19
C LEU D 46 16.73 7.36 -10.19
N THR D 47 16.24 7.89 -11.32
CA THR D 47 17.09 8.47 -12.39
C THR D 47 17.02 10.00 -12.39
N ILE D 48 16.27 10.61 -11.46
CA ILE D 48 16.07 12.10 -11.42
C ILE D 48 17.43 12.81 -11.51
N LYS D 49 18.42 12.35 -10.73
CA LYS D 49 19.72 13.06 -10.55
C LYS D 49 20.71 12.70 -11.66
N ASN D 50 20.25 12.04 -12.73
CA ASN D 50 21.10 11.67 -13.89
C ASN D 50 21.13 12.84 -14.89
N VAL D 51 20.30 13.87 -14.68
CA VAL D 51 20.20 15.05 -15.59
C VAL D 51 20.37 16.33 -14.78
N ASP D 52 20.74 17.42 -15.45
CA ASP D 52 20.90 18.77 -14.85
C ASP D 52 19.56 19.19 -14.22
N LYS D 53 19.63 19.96 -13.13
CA LYS D 53 18.47 20.42 -12.34
C LYS D 53 17.35 20.90 -13.27
N LYS D 54 17.69 21.65 -14.32
CA LYS D 54 16.70 22.33 -15.20
C LYS D 54 15.82 21.30 -15.92
N PHE D 55 16.28 20.05 -16.06
CA PHE D 55 15.58 18.98 -16.82
C PHE D 55 14.83 18.04 -15.86
N GLN D 56 15.04 18.17 -14.56
CA GLN D 56 14.58 17.17 -13.55
C GLN D 56 13.06 17.22 -13.44
N MET D 57 12.43 18.35 -13.75
CA MET D 57 10.95 18.51 -13.72
C MET D 57 10.32 17.49 -14.69
N SER D 58 11.02 17.13 -15.77
CA SER D 58 10.54 16.14 -16.77
C SER D 58 10.46 14.74 -16.12
N ASN D 59 11.52 14.32 -15.42
CA ASN D 59 11.52 13.07 -14.61
C ASN D 59 10.36 13.10 -13.60
N ILE D 60 10.18 14.24 -12.94
CA ILE D 60 9.15 14.40 -11.87
C ILE D 60 7.77 14.20 -12.50
N LEU D 61 7.52 14.79 -13.68
CA LEU D 61 6.19 14.72 -14.35
C LEU D 61 5.94 13.29 -14.84
N SER D 62 6.97 12.60 -15.35
CA SER D 62 6.90 11.16 -15.70
C SER D 62 6.41 10.36 -14.49
N ALA D 63 7.02 10.60 -13.32
CA ALA D 63 6.70 9.93 -12.04
C ALA D 63 5.25 10.23 -11.65
N VAL D 64 4.85 11.50 -11.75
CA VAL D 64 3.47 11.96 -11.43
C VAL D 64 2.47 11.20 -12.31
N VAL D 65 2.79 11.04 -13.60
CA VAL D 65 1.95 10.31 -14.58
C VAL D 65 1.83 8.85 -14.14
N MET D 66 2.94 8.24 -13.71
CA MET D 66 3.02 6.80 -13.32
C MET D 66 2.09 6.53 -12.13
N VAL D 67 2.09 7.40 -11.12
CA VAL D 67 1.38 7.17 -9.83
C VAL D 67 -0.12 6.99 -10.12
N SER D 68 -0.72 7.92 -10.86
CA SER D 68 -2.16 7.92 -11.18
C SER D 68 -2.46 6.81 -12.19
N ALA D 69 -1.53 6.53 -13.11
CA ALA D 69 -1.68 5.45 -14.12
C ALA D 69 -1.76 4.11 -13.39
N PHE D 70 -0.91 3.89 -12.39
CA PHE D 70 -0.94 2.68 -11.54
C PHE D 70 -2.33 2.54 -10.90
N LEU D 71 -2.79 3.58 -10.22
CA LEU D 71 -4.06 3.55 -9.45
C LEU D 71 -5.25 3.29 -10.39
N LEU D 72 -5.34 4.05 -11.49
CA LEU D 72 -6.50 4.00 -12.42
C LEU D 72 -6.47 2.66 -13.18
N LEU D 73 -5.31 2.19 -13.60
CA LEU D 73 -5.19 0.92 -14.38
C LEU D 73 -5.37 -0.27 -13.44
N TYR D 74 -5.07 -0.10 -12.15
CA TYR D 74 -5.38 -1.11 -11.10
C TYR D 74 -6.90 -1.24 -10.97
N ALA D 75 -7.59 -0.11 -10.83
CA ALA D 75 -9.07 -0.05 -10.76
C ALA D 75 -9.66 -0.69 -12.02
N GLN D 76 -9.08 -0.40 -13.20
CA GLN D 76 -9.57 -0.92 -14.50
C GLN D 76 -9.45 -2.45 -14.52
N ALA D 77 -8.34 -2.99 -14.00
CA ALA D 77 -8.10 -4.44 -13.94
C ALA D 77 -9.13 -5.10 -13.03
N GLN D 78 -9.37 -4.53 -11.84
CA GLN D 78 -10.33 -5.08 -10.85
C GLN D 78 -11.74 -5.06 -11.47
N ASN D 79 -12.05 -4.01 -12.24
CA ASN D 79 -13.36 -3.86 -12.93
C ASN D 79 -13.56 -5.09 -13.84
N TRP D 80 -12.51 -5.52 -14.54
CA TRP D 80 -12.57 -6.68 -15.46
C TRP D 80 -12.92 -7.96 -14.68
N THR D 81 -12.13 -8.32 -13.67
CA THR D 81 -12.23 -9.61 -12.95
C THR D 81 -13.56 -9.68 -12.18
N SER D 82 -14.09 -8.52 -11.75
N SER D 82 -14.11 -8.54 -11.75
CA SER D 82 -15.33 -8.39 -10.93
CA SER D 82 -15.34 -8.50 -10.92
C SER D 82 -16.58 -8.53 -11.80
C SER D 82 -16.60 -8.51 -11.80
N SER D 83 -16.48 -8.20 -13.09
CA SER D 83 -17.65 -8.05 -14.00
C SER D 83 -17.97 -9.35 -14.73
N PHE D 84 -17.06 -10.32 -14.74
CA PHE D 84 -17.22 -11.59 -15.50
C PHE D 84 -16.87 -12.78 -14.60
N THR D 85 -17.81 -13.72 -14.50
CA THR D 85 -17.81 -14.86 -13.56
C THR D 85 -17.99 -16.17 -14.33
N PHE D 86 -17.25 -17.21 -13.95
CA PHE D 86 -17.28 -18.55 -14.57
C PHE D 86 -18.66 -19.18 -14.39
N ASN D 87 -19.23 -19.68 -15.48
CA ASN D 87 -20.44 -20.54 -15.49
C ASN D 87 -19.99 -21.99 -15.68
N GLU D 88 -20.21 -22.84 -14.66
CA GLU D 88 -19.72 -24.24 -14.59
C GLU D 88 -20.37 -25.09 -15.69
N GLU D 89 -21.64 -24.84 -16.02
CA GLU D 89 -22.45 -25.64 -16.97
C GLU D 89 -21.87 -25.53 -18.39
N VAL D 90 -21.39 -24.35 -18.80
CA VAL D 90 -20.93 -24.10 -20.19
C VAL D 90 -19.41 -23.94 -20.23
N GLY D 91 -18.80 -23.62 -19.08
CA GLY D 91 -17.34 -23.42 -18.98
C GLY D 91 -16.88 -22.14 -19.68
N ARG D 92 -17.65 -21.06 -19.54
CA ARG D 92 -17.27 -19.72 -20.05
C ARG D 92 -17.57 -18.69 -18.97
N TYR D 93 -16.95 -17.51 -19.06
CA TYR D 93 -17.14 -16.38 -18.11
C TYR D 93 -18.22 -15.46 -18.68
N PHE D 94 -19.29 -15.23 -17.91
CA PHE D 94 -20.45 -14.41 -18.33
C PHE D 94 -20.51 -13.15 -17.46
N LEU D 95 -21.14 -12.11 -18.00
CA LEU D 95 -21.41 -10.84 -17.29
C LEU D 95 -22.01 -11.17 -15.92
N ASP D 96 -21.36 -10.70 -14.86
CA ASP D 96 -21.85 -10.78 -13.45
C ASP D 96 -22.10 -9.36 -12.97
N PRO D 97 -23.31 -8.81 -13.22
CA PRO D 97 -23.59 -7.40 -12.97
C PRO D 97 -23.53 -6.99 -11.50
N SER D 98 -23.51 -7.96 -10.59
CA SER D 98 -23.35 -7.74 -9.13
C SER D 98 -22.00 -7.07 -8.88
N GLY D 99 -21.06 -7.25 -9.82
CA GLY D 99 -19.72 -6.61 -9.78
C GLY D 99 -19.71 -5.28 -10.52
N ASP D 100 -20.89 -4.79 -10.90
CA ASP D 100 -21.05 -3.61 -11.81
C ASP D 100 -20.72 -4.03 -13.23
N LEU D 101 -21.20 -3.26 -14.22
CA LEU D 101 -20.82 -3.44 -15.64
C LEU D 101 -19.36 -3.03 -15.80
N PHE D 102 -18.69 -3.57 -16.81
CA PHE D 102 -17.32 -3.18 -17.19
C PHE D 102 -17.41 -1.88 -18.00
N ASN D 103 -16.56 -0.90 -17.66
CA ASN D 103 -16.44 0.36 -18.44
C ASN D 103 -14.96 0.76 -18.49
N ASN D 104 -14.51 1.19 -19.66
CA ASN D 104 -13.10 1.57 -19.96
C ASN D 104 -12.82 2.98 -19.42
N GLY D 105 -13.78 3.57 -18.69
CA GLY D 105 -13.74 4.97 -18.22
C GLY D 105 -12.58 5.26 -17.28
N TYR D 106 -12.16 4.28 -16.47
CA TYR D 106 -11.01 4.46 -15.53
C TYR D 106 -9.78 4.88 -16.34
N ARG D 107 -9.57 4.21 -17.47
CA ARG D 107 -8.42 4.46 -18.38
C ARG D 107 -8.54 5.89 -18.95
N TYR D 108 -9.75 6.30 -19.35
CA TYR D 108 -10.04 7.61 -19.99
C TYR D 108 -9.70 8.74 -19.00
N LEU D 109 -10.10 8.60 -17.74
CA LEU D 109 -9.89 9.67 -16.72
C LEU D 109 -8.40 9.76 -16.38
N ASN D 110 -7.68 8.64 -16.48
CA ASN D 110 -6.20 8.64 -16.39
C ASN D 110 -5.64 9.51 -17.53
N TRP D 111 -6.15 9.32 -18.76
CA TRP D 111 -5.75 10.13 -19.95
C TRP D 111 -5.99 11.61 -19.65
N LEU D 112 -7.12 11.95 -19.02
CA LEU D 112 -7.53 13.34 -18.78
C LEU D 112 -6.40 14.10 -18.07
N ILE D 113 -5.77 13.47 -17.08
CA ILE D 113 -4.71 14.12 -16.25
C ILE D 113 -3.32 13.86 -16.83
N ASP D 114 -3.16 12.78 -17.62
CA ASP D 114 -1.84 12.37 -18.16
C ASP D 114 -1.51 13.17 -19.43
N VAL D 115 -2.46 13.29 -20.36
CA VAL D 115 -2.27 14.01 -21.66
C VAL D 115 -1.65 15.39 -21.39
N PRO D 116 -2.24 16.22 -20.51
CA PRO D 116 -1.69 17.54 -20.22
C PRO D 116 -0.24 17.50 -19.72
N MET D 117 0.10 16.51 -18.89
CA MET D 117 1.45 16.38 -18.25
C MET D 117 2.46 15.87 -19.28
N LEU D 118 2.06 14.92 -20.12
CA LEU D 118 2.93 14.30 -21.16
C LEU D 118 3.30 15.36 -22.21
N LEU D 119 2.31 16.15 -22.65
CA LEU D 119 2.50 17.24 -23.65
C LEU D 119 3.35 18.35 -23.03
N PHE D 120 3.13 18.62 -21.74
CA PHE D 120 3.78 19.70 -20.96
C PHE D 120 5.28 19.38 -20.77
N GLN D 121 5.60 18.13 -20.42
CA GLN D 121 6.94 17.75 -19.88
C GLN D 121 8.02 17.93 -20.96
N ILE D 122 7.70 17.77 -22.25
CA ILE D 122 8.71 17.93 -23.34
C ILE D 122 9.21 19.38 -23.37
N LEU D 123 8.38 20.31 -22.91
CA LEU D 123 8.69 21.77 -22.91
C LEU D 123 9.71 22.09 -21.80
N PHE D 124 10.08 21.12 -20.98
CA PHE D 124 11.08 21.28 -19.91
C PHE D 124 12.43 20.74 -20.37
N VAL D 125 12.46 20.14 -21.57
CA VAL D 125 13.67 19.49 -22.13
C VAL D 125 14.12 20.26 -23.38
N VAL D 126 13.21 20.45 -24.35
CA VAL D 126 13.49 21.16 -25.63
C VAL D 126 13.25 22.66 -25.42
N SER D 127 13.87 23.50 -26.26
CA SER D 127 13.65 24.96 -26.34
C SER D 127 12.89 25.28 -27.63
N LEU D 128 11.75 25.96 -27.51
CA LEU D 128 10.99 26.52 -28.66
C LEU D 128 11.83 27.63 -29.30
N THR D 129 11.56 27.95 -30.56
CA THR D 129 12.22 29.05 -31.31
C THR D 129 11.17 30.12 -31.65
N THR D 130 10.26 29.83 -32.59
CA THR D 130 9.27 30.78 -33.12
C THR D 130 7.99 30.76 -32.27
N SER D 131 7.65 29.62 -31.68
CA SER D 131 6.40 29.43 -30.87
C SER D 131 6.62 29.90 -29.43
N LYS D 132 5.58 30.45 -28.81
CA LYS D 132 5.59 30.90 -27.39
C LYS D 132 5.19 29.72 -26.48
N PHE D 133 5.97 29.49 -25.41
CA PHE D 133 5.76 28.44 -24.39
C PHE D 133 4.28 28.43 -23.96
N SER D 134 3.78 29.58 -23.50
CA SER D 134 2.42 29.74 -22.95
C SER D 134 1.37 29.31 -23.98
N SER D 135 1.59 29.66 -25.25
CA SER D 135 0.65 29.42 -26.37
C SER D 135 0.58 27.91 -26.67
N VAL D 136 1.74 27.27 -26.82
CA VAL D 136 1.85 25.81 -27.08
C VAL D 136 1.18 25.07 -25.91
N ARG D 137 1.53 25.42 -24.68
CA ARG D 137 1.01 24.79 -23.44
C ARG D 137 -0.52 24.88 -23.44
N ASN D 138 -1.06 26.08 -23.69
CA ASN D 138 -2.52 26.36 -23.63
C ASN D 138 -3.25 25.55 -24.70
N GLN D 139 -2.66 25.40 -25.89
CA GLN D 139 -3.25 24.63 -27.02
C GLN D 139 -3.28 23.14 -26.65
N PHE D 140 -2.14 22.61 -26.19
CA PHE D 140 -1.98 21.22 -25.70
C PHE D 140 -3.07 20.93 -24.66
N TRP D 141 -3.17 21.79 -23.63
CA TRP D 141 -4.05 21.59 -22.46
C TRP D 141 -5.53 21.64 -22.89
N PHE D 142 -5.90 22.63 -23.70
CA PHE D 142 -7.31 22.81 -24.15
C PHE D 142 -7.74 21.65 -25.03
N SER D 143 -6.98 21.39 -26.11
CA SER D 143 -7.28 20.33 -27.09
C SER D 143 -7.15 18.95 -26.44
N GLY D 144 -6.16 18.77 -25.56
CA GLY D 144 -5.96 17.53 -24.77
C GLY D 144 -7.21 17.18 -23.97
N ALA D 145 -7.74 18.15 -23.21
CA ALA D 145 -8.95 17.98 -22.37
C ALA D 145 -10.15 17.64 -23.26
N MET D 146 -10.39 18.43 -24.30
CA MET D 146 -11.55 18.26 -25.22
C MET D 146 -11.46 16.89 -25.90
N MET D 147 -10.26 16.47 -26.33
CA MET D 147 -10.03 15.17 -27.00
C MET D 147 -10.52 14.04 -26.08
N ILE D 148 -10.09 14.04 -24.83
CA ILE D 148 -10.40 12.96 -23.84
C ILE D 148 -11.89 13.04 -23.46
N ILE D 149 -12.39 14.24 -23.15
CA ILE D 149 -13.79 14.43 -22.69
C ILE D 149 -14.75 13.95 -23.79
N THR D 150 -14.55 14.37 -25.04
CA THR D 150 -15.46 14.01 -26.16
C THR D 150 -15.40 12.50 -26.39
N GLY D 151 -14.20 11.91 -26.30
CA GLY D 151 -14.01 10.45 -26.45
C GLY D 151 -14.69 9.69 -25.33
N TYR D 152 -14.58 10.20 -24.09
CA TYR D 152 -15.18 9.62 -22.88
C TYR D 152 -16.70 9.51 -23.06
N ILE D 153 -17.31 10.57 -23.58
CA ILE D 153 -18.77 10.63 -23.84
C ILE D 153 -19.11 9.58 -24.90
N GLY D 154 -18.37 9.58 -26.01
CA GLY D 154 -18.60 8.69 -27.16
C GLY D 154 -18.65 7.22 -26.77
N GLN D 155 -17.71 6.75 -25.95
CA GLN D 155 -17.47 5.30 -25.71
C GLN D 155 -18.65 4.68 -24.93
N PHE D 156 -19.44 5.50 -24.23
CA PHE D 156 -20.68 5.05 -23.54
C PHE D 156 -21.72 4.58 -24.56
N TYR D 157 -21.61 5.03 -25.81
CA TYR D 157 -22.63 4.79 -26.87
C TYR D 157 -22.11 3.80 -27.92
N GLU D 158 -20.96 3.18 -27.66
CA GLU D 158 -20.24 2.35 -28.67
C GLU D 158 -21.13 1.20 -29.13
N VAL D 159 -22.16 0.84 -28.35
CA VAL D 159 -23.17 -0.19 -28.74
C VAL D 159 -24.56 0.46 -28.87
N SER D 160 -24.95 1.30 -27.90
CA SER D 160 -26.34 1.80 -27.74
C SER D 160 -26.71 2.81 -28.85
N ASN D 161 -25.72 3.49 -29.43
CA ASN D 161 -25.97 4.57 -30.43
C ASN D 161 -24.72 4.83 -31.26
N LEU D 162 -24.55 4.06 -32.34
CA LEU D 162 -23.37 4.08 -33.23
C LEU D 162 -23.11 5.49 -33.77
N THR D 163 -24.18 6.26 -34.00
CA THR D 163 -24.11 7.64 -34.54
C THR D 163 -23.42 8.55 -33.53
N ALA D 164 -23.93 8.61 -32.31
CA ALA D 164 -23.34 9.38 -31.19
C ALA D 164 -21.88 8.96 -31.01
N PHE D 165 -21.64 7.65 -31.02
CA PHE D 165 -20.30 7.01 -30.87
C PHE D 165 -19.33 7.59 -31.91
N LEU D 166 -19.75 7.62 -33.17
CA LEU D 166 -18.88 8.03 -34.32
C LEU D 166 -18.74 9.55 -34.36
N VAL D 167 -19.78 10.30 -34.01
CA VAL D 167 -19.78 11.79 -34.05
C VAL D 167 -18.83 12.31 -32.96
N TRP D 168 -19.04 11.90 -31.71
CA TRP D 168 -18.16 12.26 -30.56
C TRP D 168 -16.72 11.84 -30.87
N GLY D 169 -16.53 10.65 -31.45
CA GLY D 169 -15.21 10.13 -31.84
C GLY D 169 -14.55 11.02 -32.88
N ALA D 170 -15.35 11.52 -33.84
CA ALA D 170 -14.91 12.41 -34.94
C ALA D 170 -14.45 13.74 -34.35
N ILE D 171 -15.26 14.32 -33.46
CA ILE D 171 -14.92 15.59 -32.74
C ILE D 171 -13.61 15.37 -31.99
N SER D 172 -13.49 14.26 -31.26
CA SER D 172 -12.27 13.88 -30.51
C SER D 172 -11.07 13.85 -31.47
N SER D 173 -11.24 13.23 -32.63
CA SER D 173 -10.20 13.08 -33.70
C SER D 173 -9.69 14.46 -34.15
N ALA D 174 -10.59 15.44 -34.28
CA ALA D 174 -10.25 16.83 -34.69
C ALA D 174 -9.23 17.40 -33.71
N PHE D 175 -9.50 17.30 -32.40
CA PHE D 175 -8.60 17.81 -31.34
C PHE D 175 -7.28 17.04 -31.38
N PHE D 176 -7.34 15.75 -31.68
CA PHE D 176 -6.17 14.84 -31.83
C PHE D 176 -5.23 15.38 -32.92
N PHE D 177 -5.77 15.71 -34.10
CA PHE D 177 -5.01 16.23 -35.26
C PHE D 177 -4.34 17.54 -34.87
N HIS D 178 -5.06 18.43 -34.18
CA HIS D 178 -4.52 19.70 -33.63
C HIS D 178 -3.28 19.39 -32.79
N ILE D 179 -3.36 18.45 -31.86
CA ILE D 179 -2.25 18.10 -30.93
C ILE D 179 -1.06 17.57 -31.74
N LEU D 180 -1.31 16.68 -32.70
CA LEU D 180 -0.24 16.12 -33.58
C LEU D 180 0.46 17.28 -34.28
N TRP D 181 -0.31 18.26 -34.76
CA TRP D 181 0.16 19.48 -35.46
C TRP D 181 1.13 20.23 -34.54
N VAL D 182 0.67 20.60 -33.34
CA VAL D 182 1.45 21.42 -32.37
C VAL D 182 2.71 20.64 -31.95
N MET D 183 2.59 19.35 -31.67
CA MET D 183 3.71 18.52 -31.18
C MET D 183 4.78 18.43 -32.27
N LYS D 184 4.37 18.32 -33.54
CA LYS D 184 5.29 18.29 -34.71
C LYS D 184 6.13 19.57 -34.72
N LYS D 185 5.49 20.73 -34.55
CA LYS D 185 6.16 22.05 -34.47
C LYS D 185 7.17 22.03 -33.32
N VAL D 186 6.74 21.55 -32.14
CA VAL D 186 7.57 21.50 -30.90
C VAL D 186 8.83 20.68 -31.18
N ILE D 187 8.68 19.53 -31.84
CA ILE D 187 9.80 18.60 -32.16
C ILE D 187 10.78 19.33 -33.09
N ASN D 188 10.26 19.98 -34.14
CA ASN D 188 11.06 20.70 -35.17
C ASN D 188 11.87 21.81 -34.50
N GLU D 189 11.20 22.70 -33.77
CA GLU D 189 11.85 23.82 -33.04
C GLU D 189 12.86 23.26 -32.02
N GLY D 190 12.52 22.13 -31.37
CA GLY D 190 13.38 21.47 -30.37
C GLY D 190 14.68 20.99 -30.98
N LYS D 191 14.64 20.53 -32.24
CA LYS D 191 15.82 19.99 -32.98
C LYS D 191 16.80 21.12 -33.31
N GLU D 192 16.32 22.35 -33.46
CA GLU D 192 17.10 23.54 -33.87
C GLU D 192 18.15 23.87 -32.80
N GLY D 193 19.43 23.75 -33.17
CA GLY D 193 20.59 24.24 -32.38
C GLY D 193 21.05 23.26 -31.31
N ILE D 194 20.68 21.98 -31.41
CA ILE D 194 21.11 20.93 -30.44
C ILE D 194 21.95 19.89 -31.17
N SER D 195 22.74 19.13 -30.41
CA SER D 195 23.66 18.06 -30.87
C SER D 195 22.93 17.08 -31.78
N PRO D 196 23.65 16.39 -32.69
CA PRO D 196 23.05 15.35 -33.52
C PRO D 196 22.41 14.24 -32.67
N ALA D 197 23.04 13.92 -31.53
CA ALA D 197 22.54 12.93 -30.54
C ALA D 197 21.12 13.32 -30.11
N GLY D 198 20.95 14.57 -29.70
CA GLY D 198 19.65 15.15 -29.29
C GLY D 198 18.63 15.07 -30.41
N GLN D 199 19.05 15.37 -31.63
CA GLN D 199 18.18 15.44 -32.83
C GLN D 199 17.65 14.04 -33.14
N LYS D 200 18.52 13.02 -33.02
CA LYS D 200 18.17 11.60 -33.30
C LYS D 200 17.07 11.16 -32.32
N ILE D 201 17.27 11.46 -31.02
CA ILE D 201 16.32 11.06 -29.94
C ILE D 201 14.96 11.72 -30.20
N LEU D 202 14.95 13.01 -30.58
CA LEU D 202 13.70 13.76 -30.87
C LEU D 202 12.97 13.12 -32.05
N SER D 203 13.71 12.61 -33.05
CA SER D 203 13.14 11.92 -34.23
C SER D 203 12.42 10.65 -33.75
N ASN D 204 13.08 9.89 -32.87
CA ASN D 204 12.55 8.64 -32.27
C ASN D 204 11.30 8.98 -31.45
N ILE D 205 11.36 10.06 -30.66
CA ILE D 205 10.23 10.54 -29.80
C ILE D 205 9.02 10.82 -30.71
N TRP D 206 9.24 11.45 -31.87
CA TRP D 206 8.15 11.82 -32.80
C TRP D 206 7.48 10.55 -33.33
N ILE D 207 8.27 9.55 -33.73
CA ILE D 207 7.77 8.25 -34.26
C ILE D 207 6.98 7.55 -33.14
N LEU D 208 7.55 7.46 -31.94
CA LEU D 208 6.90 6.83 -30.76
C LEU D 208 5.55 7.53 -30.51
N PHE D 209 5.58 8.86 -30.45
CA PHE D 209 4.38 9.70 -30.17
C PHE D 209 3.31 9.38 -31.22
N LEU D 210 3.69 9.41 -32.50
CA LEU D 210 2.76 9.25 -33.64
C LEU D 210 2.10 7.87 -33.60
N ILE D 211 2.90 6.82 -33.44
CA ILE D 211 2.40 5.41 -33.46
C ILE D 211 1.56 5.15 -32.20
N SER D 212 2.12 5.43 -31.02
CA SER D 212 1.49 5.14 -29.70
C SER D 212 0.14 5.88 -29.59
N TRP D 213 0.08 7.15 -29.99
CA TRP D 213 -1.15 7.99 -29.85
C TRP D 213 -2.22 7.53 -30.85
N THR D 214 -1.81 7.01 -32.01
CA THR D 214 -2.74 6.56 -33.08
C THR D 214 -3.37 5.22 -32.69
N LEU D 215 -2.74 4.46 -31.80
CA LEU D 215 -3.27 3.16 -31.31
C LEU D 215 -4.63 3.37 -30.63
N TYR D 216 -4.80 4.51 -29.94
CA TYR D 216 -5.97 4.82 -29.09
C TYR D 216 -7.24 4.84 -29.93
N PRO D 217 -7.35 5.68 -30.98
CA PRO D 217 -8.53 5.67 -31.84
C PRO D 217 -8.80 4.27 -32.44
N GLY D 218 -7.74 3.50 -32.69
CA GLY D 218 -7.86 2.12 -33.17
C GLY D 218 -8.59 1.24 -32.15
N ALA D 219 -8.18 1.34 -30.88
CA ALA D 219 -8.78 0.60 -29.74
C ALA D 219 -10.22 1.07 -29.54
N TYR D 220 -10.49 2.37 -29.72
CA TYR D 220 -11.85 2.97 -29.66
C TYR D 220 -12.77 2.24 -30.64
N LEU D 221 -12.32 2.05 -31.88
CA LEU D 221 -13.13 1.52 -33.01
C LEU D 221 -13.07 -0.01 -33.06
N MET D 222 -12.14 -0.62 -32.31
CA MET D 222 -11.74 -2.05 -32.43
C MET D 222 -12.94 -2.94 -32.78
N PRO D 223 -14.04 -2.91 -32.01
CA PRO D 223 -15.13 -3.86 -32.21
C PRO D 223 -15.74 -3.85 -33.63
N TYR D 224 -15.58 -2.73 -34.35
CA TYR D 224 -16.26 -2.48 -35.65
C TYR D 224 -15.25 -2.40 -36.81
N LEU D 225 -13.96 -2.66 -36.54
CA LEU D 225 -12.89 -2.52 -37.55
C LEU D 225 -12.99 -3.65 -38.58
N THR D 226 -13.81 -4.67 -38.32
CA THR D 226 -14.10 -5.78 -39.27
C THR D 226 -15.57 -5.73 -39.69
N GLY D 227 -16.20 -4.56 -39.54
CA GLY D 227 -17.61 -4.30 -39.92
C GLY D 227 -18.59 -5.07 -39.05
N VAL D 228 -19.88 -5.00 -39.40
CA VAL D 228 -21.01 -5.67 -38.70
C VAL D 228 -20.72 -7.19 -38.65
N ASP D 229 -20.90 -7.79 -37.47
CA ASP D 229 -20.74 -9.25 -37.24
C ASP D 229 -19.37 -9.70 -37.76
N GLY D 230 -18.39 -8.79 -37.74
CA GLY D 230 -16.99 -9.09 -38.12
C GLY D 230 -16.29 -9.90 -37.04
N PHE D 231 -15.07 -10.36 -37.35
CA PHE D 231 -14.21 -11.19 -36.49
C PHE D 231 -13.97 -10.49 -35.14
N LEU D 232 -13.92 -9.16 -35.13
CA LEU D 232 -13.50 -8.36 -33.94
C LEU D 232 -14.71 -8.05 -33.03
N TYR D 233 -15.94 -8.21 -33.51
CA TYR D 233 -17.15 -8.08 -32.64
C TYR D 233 -17.34 -9.41 -31.91
N SER D 234 -16.46 -9.66 -30.93
CA SER D 234 -16.24 -10.97 -30.28
C SER D 234 -15.27 -10.80 -29.10
N GLU D 235 -15.00 -11.89 -28.40
CA GLU D 235 -13.98 -11.94 -27.32
C GLU D 235 -12.61 -11.60 -27.92
N ASP D 236 -12.41 -11.87 -29.21
CA ASP D 236 -11.12 -11.62 -29.92
C ASP D 236 -10.91 -10.11 -30.04
N GLY D 237 -11.98 -9.34 -30.28
CA GLY D 237 -11.95 -7.87 -30.32
C GLY D 237 -11.73 -7.28 -28.93
N VAL D 238 -12.28 -7.92 -27.91
CA VAL D 238 -12.10 -7.49 -26.48
C VAL D 238 -10.62 -7.65 -26.14
N MET D 239 -10.06 -8.83 -26.41
CA MET D 239 -8.62 -9.11 -26.18
C MET D 239 -7.77 -8.08 -26.92
N ALA D 240 -8.08 -7.83 -28.19
CA ALA D 240 -7.33 -6.93 -29.10
C ALA D 240 -7.36 -5.51 -28.54
N ARG D 241 -8.54 -5.01 -28.16
CA ARG D 241 -8.73 -3.65 -27.60
C ARG D 241 -7.86 -3.47 -26.35
N GLN D 242 -7.98 -4.40 -25.39
CA GLN D 242 -7.32 -4.28 -24.06
C GLN D 242 -5.80 -4.43 -24.24
N LEU D 243 -5.35 -5.26 -25.19
CA LEU D 243 -3.91 -5.40 -25.54
C LEU D 243 -3.39 -4.06 -26.08
N VAL D 244 -4.10 -3.48 -27.05
CA VAL D 244 -3.69 -2.23 -27.74
C VAL D 244 -3.63 -1.08 -26.72
N TYR D 245 -4.68 -0.92 -25.91
CA TYR D 245 -4.75 0.13 -24.85
C TYR D 245 -3.52 -0.01 -23.93
N THR D 246 -3.20 -1.23 -23.54
CA THR D 246 -2.07 -1.53 -22.60
C THR D 246 -0.75 -1.19 -23.29
N ILE D 247 -0.57 -1.61 -24.55
CA ILE D 247 0.65 -1.29 -25.35
C ILE D 247 0.76 0.24 -25.49
N ALA D 248 -0.33 0.90 -25.89
CA ALA D 248 -0.39 2.36 -26.10
C ALA D 248 0.02 3.08 -24.80
N ASP D 249 -0.58 2.70 -23.67
CA ASP D 249 -0.35 3.36 -22.35
C ASP D 249 1.12 3.19 -21.95
N VAL D 250 1.69 2.00 -22.09
CA VAL D 250 3.11 1.73 -21.76
C VAL D 250 4.00 2.59 -22.66
N SER D 251 3.68 2.67 -23.96
CA SER D 251 4.48 3.35 -25.01
C SER D 251 4.42 4.87 -24.80
N SER D 252 3.20 5.41 -24.63
CA SER D 252 2.93 6.87 -24.59
C SER D 252 3.39 7.45 -23.26
N VAL D 254 5.57 5.40 -20.52
CA VAL D 254 6.82 4.91 -19.95
C VAL D 254 7.95 5.11 -20.98
N ILE D 255 7.82 4.57 -22.18
CA ILE D 255 8.89 4.63 -23.22
C ILE D 255 9.12 6.11 -23.59
N TYR D 256 8.04 6.88 -23.78
CA TYR D 256 8.08 8.34 -24.00
C TYR D 256 8.94 8.99 -22.90
N GLY D 257 8.66 8.67 -21.64
CA GLY D 257 9.37 9.22 -20.47
C GLY D 257 10.84 8.86 -20.48
N VAL D 258 11.18 7.63 -20.90
CA VAL D 258 12.58 7.13 -20.95
C VAL D 258 13.34 7.90 -22.03
N LEU D 259 12.74 8.05 -23.22
CA LEU D 259 13.35 8.80 -24.36
C LEU D 259 13.59 10.26 -23.95
N LEU D 260 12.62 10.90 -23.30
CA LEU D 260 12.75 12.30 -22.82
C LEU D 260 13.90 12.39 -21.81
N GLY D 261 14.01 11.41 -20.92
CA GLY D 261 15.10 11.33 -19.94
C GLY D 261 16.44 11.23 -20.63
N ASN D 262 16.52 10.40 -21.67
CA ASN D 262 17.75 10.18 -22.49
C ASN D 262 18.10 11.49 -23.21
N LEU D 263 17.11 12.20 -23.74
CA LEU D 263 17.30 13.53 -24.38
C LEU D 263 17.91 14.49 -23.36
N ALA D 264 17.32 14.57 -22.16
CA ALA D 264 17.78 15.45 -21.05
C ALA D 264 19.25 15.16 -20.74
N ILE D 265 19.65 13.88 -20.73
CA ILE D 265 21.04 13.46 -20.44
C ILE D 265 21.98 14.05 -21.50
N THR D 266 21.66 13.89 -22.79
CA THR D 266 22.50 14.38 -23.92
C THR D 266 22.62 15.91 -23.85
N LEU D 267 21.57 16.60 -23.40
CA LEU D 267 21.53 18.09 -23.33
C LEU D 267 22.16 18.57 -22.02
N SER D 268 22.50 17.65 -21.11
CA SER D 268 23.04 17.97 -19.77
C SER D 268 24.52 18.29 -19.86
N LYS D 269 24.93 19.42 -19.28
CA LYS D 269 26.33 19.97 -19.35
C LYS D 269 27.21 19.22 -18.34
N ASN D 270 26.61 18.31 -17.57
CA ASN D 270 27.32 17.43 -16.60
C ASN D 270 27.27 15.98 -17.11
N GLN E 1 -16.72 -32.09 -15.76
CA GLN E 1 -16.89 -30.61 -15.79
C GLN E 1 -16.09 -30.04 -16.96
N GLU E 2 -16.66 -29.09 -17.70
CA GLU E 2 -16.00 -28.42 -18.86
C GLU E 2 -15.12 -27.27 -18.36
N LEU E 3 -13.80 -27.43 -18.49
CA LEU E 3 -12.78 -26.43 -18.05
C LEU E 3 -12.09 -25.80 -19.26
N GLY E 4 -12.15 -26.46 -20.42
CA GLY E 4 -11.57 -25.96 -21.68
C GLY E 4 -10.06 -25.89 -21.63
N ASN E 5 -9.49 -24.78 -22.12
CA ASN E 5 -8.02 -24.56 -22.19
C ASN E 5 -7.54 -23.99 -20.85
N ALA E 6 -7.53 -24.84 -19.81
CA ALA E 6 -7.22 -24.47 -18.41
C ALA E 6 -6.01 -25.26 -17.92
N ASN E 7 -5.27 -24.70 -16.96
CA ASN E 7 -4.07 -25.33 -16.35
C ASN E 7 -4.52 -26.58 -15.59
N PHE E 8 -3.61 -27.55 -15.41
CA PHE E 8 -3.89 -28.89 -14.83
C PHE E 8 -4.24 -28.74 -13.34
N GLU E 9 -3.78 -27.68 -12.69
CA GLU E 9 -4.14 -27.38 -11.26
C GLU E 9 -5.66 -27.46 -11.11
N ASN E 10 -6.41 -26.95 -12.08
CA ASN E 10 -7.90 -26.89 -12.08
C ASN E 10 -8.47 -28.32 -12.18
N PHE E 11 -7.88 -29.18 -13.01
CA PHE E 11 -8.34 -30.57 -13.25
C PHE E 11 -8.12 -31.40 -11.97
N ILE E 12 -6.95 -31.29 -11.36
CA ILE E 12 -6.67 -31.91 -10.03
C ILE E 12 -7.71 -31.39 -9.04
N GLY E 13 -7.89 -30.07 -8.96
CA GLY E 13 -8.80 -29.41 -8.02
C GLY E 13 -10.24 -29.83 -8.21
N ALA E 14 -10.64 -30.12 -9.45
CA ALA E 14 -12.03 -30.45 -9.82
C ALA E 14 -12.32 -31.94 -9.61
N THR E 15 -11.30 -32.78 -9.53
CA THR E 15 -11.45 -34.27 -9.46
C THR E 15 -11.08 -34.77 -8.07
N GLU E 16 -9.78 -34.86 -7.75
CA GLU E 16 -9.23 -35.37 -6.47
C GLU E 16 -9.39 -34.31 -5.38
N GLY E 17 -9.30 -33.03 -5.74
CA GLY E 17 -9.14 -31.93 -4.78
C GLY E 17 -7.75 -31.95 -4.16
N PHE E 18 -7.44 -31.00 -3.28
CA PHE E 18 -6.11 -30.85 -2.64
C PHE E 18 -6.24 -31.12 -1.14
N SER E 19 -5.31 -31.88 -0.58
CA SER E 19 -5.17 -32.11 0.88
C SER E 19 -4.80 -30.78 1.55
N GLU E 20 -4.94 -30.70 2.87
CA GLU E 20 -4.52 -29.52 3.67
C GLU E 20 -3.08 -29.17 3.30
N ILE E 21 -2.17 -30.15 3.28
CA ILE E 21 -0.71 -29.92 3.06
C ILE E 21 -0.52 -29.32 1.65
N ALA E 22 -1.10 -29.94 0.62
CA ALA E 22 -0.97 -29.49 -0.78
C ALA E 22 -1.48 -28.06 -0.93
N TYR E 23 -2.67 -27.76 -0.41
CA TYR E 23 -3.30 -26.42 -0.54
C TYR E 23 -2.51 -25.36 0.26
N GLN E 24 -2.22 -25.65 1.52
CA GLN E 24 -1.53 -24.70 2.43
C GLN E 24 -0.10 -24.46 1.94
N PHE E 25 0.64 -25.51 1.58
CA PHE E 25 2.03 -25.37 1.09
C PHE E 25 2.08 -24.47 -0.14
N THR E 26 1.18 -24.70 -1.10
CA THR E 26 1.13 -23.91 -2.36
C THR E 26 0.86 -22.44 -2.01
N SER E 27 -0.09 -22.18 -1.11
N SER E 27 -0.09 -22.20 -1.09
CA SER E 27 -0.44 -20.84 -0.60
CA SER E 27 -0.46 -20.85 -0.58
C SER E 27 0.79 -20.18 0.03
C SER E 27 0.76 -20.18 0.05
N HIS E 28 1.48 -20.93 0.90
CA HIS E 28 2.67 -20.43 1.65
C HIS E 28 3.80 -20.07 0.68
N ILE E 29 4.10 -20.97 -0.26
CA ILE E 29 5.28 -20.82 -1.16
C ILE E 29 5.02 -19.65 -2.12
N LEU E 30 3.78 -19.51 -2.61
CA LEU E 30 3.39 -18.40 -3.52
C LEU E 30 3.46 -17.07 -2.77
N THR E 31 3.09 -17.07 -1.48
CA THR E 31 3.14 -15.88 -0.60
C THR E 31 4.60 -15.49 -0.34
N LEU E 32 5.44 -16.46 0.01
CA LEU E 32 6.90 -16.27 0.19
C LEU E 32 7.47 -15.60 -1.07
N GLY E 33 7.05 -16.09 -2.24
CA GLY E 33 7.50 -15.60 -3.55
C GLY E 33 7.41 -14.09 -3.65
N TYR E 34 6.22 -13.52 -3.42
CA TYR E 34 5.99 -12.07 -3.59
C TYR E 34 6.65 -11.31 -2.43
N ALA E 35 6.73 -11.94 -1.25
CA ALA E 35 7.36 -11.34 -0.05
C ALA E 35 8.85 -11.15 -0.29
N VAL E 36 9.51 -12.12 -0.91
CA VAL E 36 10.96 -12.05 -1.23
C VAL E 36 11.19 -10.91 -2.23
N MET E 37 10.28 -10.73 -3.19
CA MET E 37 10.43 -9.71 -4.27
C MET E 37 10.42 -8.31 -3.63
N LEU E 38 9.53 -8.06 -2.67
CA LEU E 38 9.43 -6.73 -2.02
C LEU E 38 10.64 -6.51 -1.12
N ALA E 39 11.14 -7.56 -0.45
CA ALA E 39 12.37 -7.50 0.37
C ALA E 39 13.56 -7.19 -0.54
N GLY E 40 13.66 -7.90 -1.67
CA GLY E 40 14.67 -7.64 -2.72
C GLY E 40 14.63 -6.19 -3.20
N LEU E 41 13.42 -5.65 -3.42
CA LEU E 41 13.24 -4.25 -3.85
C LEU E 41 13.97 -3.32 -2.87
N LEU E 42 13.77 -3.53 -1.57
CA LEU E 42 14.37 -2.69 -0.50
C LEU E 42 15.89 -2.82 -0.59
N TYR E 43 16.40 -4.05 -0.69
CA TYR E 43 17.85 -4.35 -0.75
C TYR E 43 18.50 -3.59 -1.90
N PHE E 44 17.91 -3.65 -3.10
CA PHE E 44 18.50 -3.09 -4.33
C PHE E 44 18.50 -1.56 -4.25
N ILE E 45 17.47 -0.95 -3.69
CA ILE E 45 17.39 0.53 -3.51
C ILE E 45 18.46 0.96 -2.51
N LEU E 46 18.56 0.26 -1.38
CA LEU E 46 19.42 0.68 -0.23
C LEU E 46 20.90 0.49 -0.55
N THR E 47 21.24 -0.31 -1.56
CA THR E 47 22.66 -0.66 -1.91
C THR E 47 23.10 0.08 -3.18
N ILE E 48 22.26 0.92 -3.78
CA ILE E 48 22.57 1.65 -5.04
C ILE E 48 23.94 2.33 -4.93
N LYS E 49 24.20 3.01 -3.80
CA LYS E 49 25.40 3.89 -3.61
C LYS E 49 26.62 3.06 -3.18
N ASN E 50 26.53 1.74 -3.21
CA ASN E 50 27.65 0.83 -2.82
C ASN E 50 28.55 0.58 -4.03
N VAL E 51 28.15 1.03 -5.22
CA VAL E 51 28.93 0.84 -6.49
C VAL E 51 29.08 2.20 -7.18
N ASP E 52 30.09 2.31 -8.06
CA ASP E 52 30.37 3.53 -8.87
C ASP E 52 29.13 3.86 -9.71
N LYS E 53 28.90 5.15 -9.95
CA LYS E 53 27.75 5.70 -10.70
C LYS E 53 27.47 4.83 -11.95
N LYS E 54 28.51 4.44 -12.68
CA LYS E 54 28.37 3.76 -14.01
C LYS E 54 27.68 2.40 -13.85
N PHE E 55 27.68 1.82 -12.65
CA PHE E 55 27.13 0.46 -12.37
C PHE E 55 25.73 0.56 -11.73
N GLN E 56 25.30 1.76 -11.33
CA GLN E 56 24.09 1.95 -10.49
C GLN E 56 22.83 1.63 -11.29
N MET E 57 22.87 1.75 -12.62
CA MET E 57 21.73 1.42 -13.51
C MET E 57 21.35 -0.05 -13.31
N SER E 58 22.31 -0.91 -12.97
CA SER E 58 22.08 -2.36 -12.72
C SER E 58 21.22 -2.53 -11.46
N ASN E 59 21.58 -1.85 -10.38
CA ASN E 59 20.76 -1.80 -9.14
C ASN E 59 19.34 -1.33 -9.47
N ILE E 60 19.24 -0.28 -10.30
CA ILE E 60 17.93 0.35 -10.64
C ILE E 60 17.07 -0.67 -11.37
N LEU E 61 17.65 -1.41 -12.33
CA LEU E 61 16.91 -2.39 -13.16
C LEU E 61 16.48 -3.58 -12.29
N SER E 62 17.31 -4.03 -11.36
CA SER E 62 16.97 -5.05 -10.33
C SER E 62 15.72 -4.61 -9.58
N ALA E 63 15.69 -3.35 -9.12
CA ALA E 63 14.58 -2.75 -8.35
C ALA E 63 13.33 -2.73 -9.23
N VAL E 64 13.46 -2.33 -10.48
CA VAL E 64 12.34 -2.24 -11.46
C VAL E 64 11.74 -3.65 -11.62
N VAL E 65 12.60 -4.67 -11.71
CA VAL E 65 12.17 -6.08 -11.84
C VAL E 65 11.39 -6.48 -10.59
N MET E 66 11.87 -6.11 -9.40
CA MET E 66 11.27 -6.49 -8.09
C MET E 66 9.84 -5.93 -7.99
N VAL E 67 9.62 -4.68 -8.40
CA VAL E 67 8.32 -3.96 -8.20
C VAL E 67 7.21 -4.75 -8.89
N SER E 68 7.39 -5.06 -10.17
CA SER E 68 6.39 -5.78 -11.00
C SER E 68 6.32 -7.25 -10.56
N ALA E 69 7.43 -7.85 -10.13
CA ALA E 69 7.47 -9.25 -9.64
C ALA E 69 6.60 -9.35 -8.38
N PHE E 70 6.72 -8.39 -7.47
CA PHE E 70 5.89 -8.31 -6.25
C PHE E 70 4.40 -8.29 -6.65
N LEU E 71 4.02 -7.36 -7.52
CA LEU E 71 2.61 -7.13 -7.91
C LEU E 71 2.05 -8.39 -8.60
N LEU E 72 2.76 -8.93 -9.60
CA LEU E 72 2.28 -10.07 -10.43
C LEU E 72 2.24 -11.33 -9.56
N LEU E 73 3.23 -11.55 -8.71
CA LEU E 73 3.31 -12.77 -7.86
C LEU E 73 2.31 -12.64 -6.71
N TYR E 74 1.96 -11.41 -6.32
CA TYR E 74 0.87 -11.17 -5.34
C TYR E 74 -0.46 -11.61 -5.96
N ALA E 75 -0.75 -11.13 -7.18
CA ALA E 75 -1.94 -11.51 -7.95
C ALA E 75 -1.97 -13.04 -8.11
N GLN E 76 -0.84 -13.66 -8.41
CA GLN E 76 -0.73 -15.13 -8.65
C GLN E 76 -1.10 -15.88 -7.37
N ALA E 77 -0.64 -15.41 -6.21
CA ALA E 77 -0.93 -16.00 -4.89
C ALA E 77 -2.44 -15.93 -4.62
N GLN E 78 -3.04 -14.75 -4.82
CA GLN E 78 -4.50 -14.52 -4.58
C GLN E 78 -5.32 -15.44 -5.51
N ASN E 79 -4.84 -15.63 -6.75
CA ASN E 79 -5.49 -16.51 -7.75
C ASN E 79 -5.59 -17.92 -7.14
N TRP E 80 -4.53 -18.38 -6.48
CA TRP E 80 -4.50 -19.73 -5.86
C TRP E 80 -5.57 -19.84 -4.77
N THR E 81 -5.54 -18.97 -3.76
CA THR E 81 -6.42 -19.08 -2.56
C THR E 81 -7.89 -18.87 -2.96
N SER E 82 -8.16 -18.11 -4.03
CA SER E 82 -9.53 -17.77 -4.51
C SER E 82 -10.14 -18.92 -5.32
N SER E 83 -9.31 -19.77 -5.92
CA SER E 83 -9.75 -20.78 -6.92
C SER E 83 -10.07 -22.13 -6.25
N PHE E 84 -9.66 -22.34 -5.01
CA PHE E 84 -9.81 -23.63 -4.29
C PHE E 84 -10.35 -23.39 -2.89
N THR E 85 -11.45 -24.09 -2.57
CA THR E 85 -12.27 -23.88 -1.35
C THR E 85 -12.45 -25.22 -0.63
N PHE E 86 -12.38 -25.20 0.70
CA PHE E 86 -12.50 -26.40 1.57
C PHE E 86 -13.90 -27.00 1.44
N ASN E 87 -13.96 -28.31 1.23
CA ASN E 87 -15.21 -29.11 1.31
C ASN E 87 -15.19 -29.86 2.64
N GLU E 88 -16.12 -29.53 3.55
CA GLU E 88 -16.19 -30.04 4.94
C GLU E 88 -16.46 -31.55 4.95
N GLU E 89 -17.26 -32.04 3.99
CA GLU E 89 -17.70 -33.46 3.93
C GLU E 89 -16.50 -34.38 3.72
N VAL E 90 -15.54 -34.01 2.86
CA VAL E 90 -14.37 -34.89 2.52
C VAL E 90 -13.09 -34.33 3.11
N GLY E 91 -13.07 -33.05 3.50
CA GLY E 91 -11.89 -32.39 4.12
C GLY E 91 -10.77 -32.18 3.13
N ARG E 92 -11.10 -31.76 1.90
CA ARG E 92 -10.13 -31.40 0.85
C ARG E 92 -10.60 -30.11 0.17
N TYR E 93 -9.67 -29.41 -0.50
CA TYR E 93 -9.94 -28.14 -1.22
C TYR E 93 -10.25 -28.46 -2.68
N PHE E 94 -11.42 -28.03 -3.17
CA PHE E 94 -11.88 -28.31 -4.56
C PHE E 94 -11.98 -27.00 -5.32
N LEU E 95 -11.86 -27.11 -6.66
CA LEU E 95 -12.04 -25.99 -7.60
C LEU E 95 -13.31 -25.22 -7.21
N ASP E 96 -13.17 -23.93 -6.94
CA ASP E 96 -14.28 -22.98 -6.68
C ASP E 96 -14.27 -21.95 -7.80
N PRO E 97 -14.96 -22.24 -8.93
CA PRO E 97 -14.86 -21.41 -10.14
C PRO E 97 -15.41 -19.97 -9.97
N SER E 98 -16.15 -19.72 -8.89
CA SER E 98 -16.66 -18.37 -8.54
C SER E 98 -15.47 -17.44 -8.32
N GLY E 99 -14.30 -18.01 -7.98
CA GLY E 99 -13.04 -17.28 -7.79
C GLY E 99 -12.23 -17.21 -9.08
N ASP E 100 -12.81 -17.66 -10.20
CA ASP E 100 -12.14 -17.83 -11.50
C ASP E 100 -11.29 -19.09 -11.45
N LEU E 101 -10.94 -19.64 -12.62
CA LEU E 101 -9.99 -20.76 -12.74
C LEU E 101 -8.59 -20.24 -12.36
N PHE E 102 -7.72 -21.13 -11.92
CA PHE E 102 -6.29 -20.83 -11.65
C PHE E 102 -5.55 -20.85 -12.99
N ASN E 103 -4.73 -19.82 -13.24
CA ASN E 103 -3.84 -19.78 -14.43
C ASN E 103 -2.51 -19.15 -14.02
N ASN E 104 -1.41 -19.74 -14.50
CA ASN E 104 -0.01 -19.35 -14.17
C ASN E 104 0.39 -18.12 -15.00
N GLY E 105 -0.55 -17.52 -15.74
CA GLY E 105 -0.31 -16.44 -16.70
C GLY E 105 0.23 -15.16 -16.05
N TYR E 106 -0.15 -14.88 -14.81
CA TYR E 106 0.35 -13.68 -14.07
C TYR E 106 1.87 -13.76 -14.03
N ARG E 107 2.40 -14.95 -13.74
CA ARG E 107 3.85 -15.20 -13.63
C ARG E 107 4.50 -14.99 -15.00
N TYR E 108 3.86 -15.46 -16.07
CA TYR E 108 4.39 -15.39 -17.47
C TYR E 108 4.53 -13.93 -17.90
N LEU E 109 3.53 -13.10 -17.61
CA LEU E 109 3.52 -11.67 -18.05
C LEU E 109 4.58 -10.91 -17.24
N ASN E 110 4.84 -11.32 -16.00
CA ASN E 110 5.98 -10.81 -15.22
C ASN E 110 7.29 -11.13 -15.99
N TRP E 111 7.44 -12.37 -16.46
CA TRP E 111 8.61 -12.80 -17.26
C TRP E 111 8.78 -11.88 -18.48
N LEU E 112 7.66 -11.55 -19.14
CA LEU E 112 7.67 -10.78 -20.40
C LEU E 112 8.47 -9.49 -20.22
N ILE E 113 8.28 -8.79 -19.08
CA ILE E 113 8.94 -7.48 -18.82
C ILE E 113 10.24 -7.67 -18.04
N ASP E 114 10.41 -8.79 -17.33
CA ASP E 114 11.60 -9.05 -16.49
C ASP E 114 12.77 -9.57 -17.33
N VAL E 115 12.51 -10.54 -18.22
CA VAL E 115 13.54 -11.19 -19.08
C VAL E 115 14.36 -10.12 -19.78
N PRO E 116 13.73 -9.15 -20.49
CA PRO E 116 14.47 -8.09 -21.18
C PRO E 116 15.38 -7.29 -20.25
N MET E 117 14.91 -6.98 -19.04
CA MET E 117 15.63 -6.14 -18.04
C MET E 117 16.79 -6.94 -17.43
N LEU E 118 16.56 -8.22 -17.12
CA LEU E 118 17.57 -9.11 -16.48
C LEU E 118 18.73 -9.33 -17.46
N LEU E 119 18.43 -9.59 -18.73
CA LEU E 119 19.44 -9.82 -19.80
C LEU E 119 20.20 -8.51 -20.06
N PHE E 120 19.48 -7.40 -20.01
CA PHE E 120 19.99 -6.03 -20.30
C PHE E 120 20.98 -5.59 -19.22
N GLN E 121 20.65 -5.85 -17.94
CA GLN E 121 21.34 -5.18 -16.80
C GLN E 121 22.81 -5.63 -16.71
N ILE E 122 23.14 -6.86 -17.12
CA ILE E 122 24.54 -7.38 -17.04
C ILE E 122 25.44 -6.53 -17.95
N LEU E 123 24.86 -5.95 -19.01
CA LEU E 123 25.59 -5.12 -20.01
C LEU E 123 25.97 -3.76 -19.41
N PHE E 124 25.53 -3.47 -18.19
CA PHE E 124 25.86 -2.21 -17.47
C PHE E 124 26.97 -2.46 -16.46
N VAL E 125 27.38 -3.73 -16.32
CA VAL E 125 28.39 -4.17 -15.32
C VAL E 125 29.63 -4.66 -16.07
N VAL E 126 29.46 -5.60 -17.01
CA VAL E 126 30.59 -6.19 -17.79
C VAL E 126 30.84 -5.31 -19.02
N SER E 127 32.06 -5.38 -19.57
CA SER E 127 32.47 -4.77 -20.86
C SER E 127 32.60 -5.89 -21.91
N LEU E 128 31.87 -5.74 -23.02
CA LEU E 128 31.99 -6.65 -24.19
C LEU E 128 33.34 -6.38 -24.86
N THR E 129 33.84 -7.32 -25.65
CA THR E 129 35.14 -7.22 -26.38
C THR E 129 34.89 -7.30 -27.89
N THR E 130 34.36 -8.42 -28.36
CA THR E 130 34.00 -8.68 -29.78
C THR E 130 32.61 -8.12 -30.11
N SER E 131 31.68 -8.24 -29.17
CA SER E 131 30.22 -8.04 -29.40
C SER E 131 29.85 -6.57 -29.22
N LYS E 132 28.87 -6.08 -29.99
CA LYS E 132 28.32 -4.70 -29.85
C LYS E 132 27.15 -4.72 -28.87
N PHE E 133 27.16 -3.78 -27.91
CA PHE E 133 26.12 -3.58 -26.87
C PHE E 133 24.73 -3.64 -27.48
N SER E 134 24.46 -2.80 -28.48
CA SER E 134 23.14 -2.64 -29.15
C SER E 134 22.69 -3.99 -29.74
N SER E 135 23.63 -4.74 -30.31
CA SER E 135 23.36 -6.01 -31.03
C SER E 135 22.96 -7.09 -30.03
N VAL E 136 23.74 -7.24 -28.95
CA VAL E 136 23.47 -8.22 -27.86
C VAL E 136 22.10 -7.88 -27.25
N ARG E 137 21.88 -6.61 -26.91
CA ARG E 137 20.61 -6.11 -26.32
C ARG E 137 19.43 -6.52 -27.21
N ASN E 138 19.52 -6.25 -28.51
CA ASN E 138 18.42 -6.47 -29.49
C ASN E 138 18.13 -7.98 -29.60
N GLN E 139 19.16 -8.82 -29.55
CA GLN E 139 19.04 -10.30 -29.64
C GLN E 139 18.32 -10.80 -28.39
N PHE E 140 18.78 -10.38 -27.22
CA PHE E 140 18.19 -10.69 -25.90
C PHE E 140 16.71 -10.31 -25.91
N TRP E 141 16.38 -9.07 -26.31
CA TRP E 141 15.02 -8.50 -26.26
C TRP E 141 14.08 -9.25 -27.21
N PHE E 142 14.52 -9.52 -28.44
CA PHE E 142 13.69 -10.22 -29.46
C PHE E 142 13.43 -11.67 -29.03
N SER E 143 14.49 -12.42 -28.74
CA SER E 143 14.38 -13.86 -28.37
C SER E 143 13.68 -14.00 -27.02
N GLY E 144 13.97 -13.10 -26.08
CA GLY E 144 13.31 -13.04 -24.76
C GLY E 144 11.80 -12.94 -24.90
N ALA E 145 11.32 -12.00 -25.71
CA ALA E 145 9.88 -11.76 -25.95
C ALA E 145 9.24 -13.00 -26.58
N MET E 146 9.84 -13.53 -27.65
CA MET E 146 9.32 -14.70 -28.40
C MET E 146 9.26 -15.91 -27.47
N MET E 147 10.31 -16.12 -26.66
CA MET E 147 10.39 -17.25 -25.71
C MET E 147 9.17 -17.22 -24.77
N ILE E 148 8.89 -16.07 -24.15
CA ILE E 148 7.80 -15.92 -23.14
C ILE E 148 6.44 -16.00 -23.85
N ILE E 149 6.27 -15.30 -24.97
CA ILE E 149 4.96 -15.24 -25.69
C ILE E 149 4.57 -16.65 -26.15
N THR E 150 5.49 -17.39 -26.77
CA THR E 150 5.20 -18.75 -27.32
C THR E 150 4.88 -19.69 -26.16
N GLY E 151 5.60 -19.56 -25.05
CA GLY E 151 5.37 -20.37 -23.83
C GLY E 151 4.01 -20.05 -23.22
N TYR E 152 3.67 -18.76 -23.17
CA TYR E 152 2.38 -18.25 -22.62
C TYR E 152 1.22 -18.89 -23.39
N ILE E 153 1.32 -18.95 -24.71
CA ILE E 153 0.29 -19.57 -25.59
C ILE E 153 0.21 -21.06 -25.25
N GLY E 154 1.35 -21.75 -25.23
CA GLY E 154 1.45 -23.20 -25.00
C GLY E 154 0.75 -23.65 -23.73
N GLN E 155 0.94 -22.93 -22.62
CA GLN E 155 0.55 -23.41 -21.26
C GLN E 155 -0.98 -23.46 -21.13
N PHE E 156 -1.70 -22.71 -21.97
CA PHE E 156 -3.18 -22.75 -22.03
C PHE E 156 -3.67 -24.12 -22.50
N TYR E 157 -2.81 -24.88 -23.17
CA TYR E 157 -3.18 -26.15 -23.85
C TYR E 157 -2.57 -27.35 -23.10
N GLU E 158 -1.97 -27.12 -21.93
CA GLU E 158 -1.17 -28.15 -21.21
C GLU E 158 -2.05 -29.38 -20.89
N VAL E 159 -3.39 -29.23 -20.89
CA VAL E 159 -4.33 -30.37 -20.70
C VAL E 159 -5.17 -30.56 -21.96
N SER E 160 -5.70 -29.47 -22.55
CA SER E 160 -6.71 -29.50 -23.62
C SER E 160 -6.11 -29.99 -24.95
N ASN E 161 -4.81 -29.81 -25.17
CA ASN E 161 -4.17 -30.12 -26.49
C ASN E 161 -2.66 -30.30 -26.31
N LEU E 162 -2.24 -31.51 -25.96
CA LEU E 162 -0.83 -31.87 -25.62
C LEU E 162 0.09 -31.51 -26.80
N THR E 163 -0.40 -31.62 -28.04
CA THR E 163 0.36 -31.34 -29.27
C THR E 163 0.72 -29.85 -29.31
N ALA E 164 -0.28 -28.98 -29.26
CA ALA E 164 -0.11 -27.50 -29.22
C ALA E 164 0.83 -27.15 -28.08
N PHE E 165 0.61 -27.75 -26.91
CA PHE E 165 1.40 -27.55 -25.66
C PHE E 165 2.89 -27.81 -25.95
N LEU E 166 3.19 -28.94 -26.59
CA LEU E 166 4.59 -29.42 -26.83
C LEU E 166 5.22 -28.64 -27.98
N VAL E 167 4.44 -28.29 -29.01
CA VAL E 167 4.96 -27.56 -30.21
C VAL E 167 5.35 -26.13 -29.79
N TRP E 168 4.43 -25.39 -29.18
CA TRP E 168 4.68 -24.02 -28.65
C TRP E 168 5.86 -24.06 -27.67
N GLY E 169 5.90 -25.08 -26.81
CA GLY E 169 7.00 -25.28 -25.84
C GLY E 169 8.32 -25.45 -26.54
N ALA E 170 8.34 -26.22 -27.64
CA ALA E 170 9.53 -26.52 -28.47
C ALA E 170 10.04 -25.22 -29.11
N ILE E 171 9.14 -24.45 -29.72
CA ILE E 171 9.46 -23.13 -30.33
C ILE E 171 10.07 -22.24 -29.25
N SER E 172 9.44 -22.17 -28.07
CA SER E 172 9.92 -21.39 -26.91
C SER E 172 11.35 -21.82 -26.56
N SER E 173 11.60 -23.14 -26.51
CA SER E 173 12.90 -23.76 -26.18
C SER E 173 13.99 -23.28 -27.14
N ALA E 174 13.67 -23.17 -28.43
CA ALA E 174 14.59 -22.70 -29.49
C ALA E 174 15.12 -21.30 -29.13
N PHE E 175 14.23 -20.38 -28.77
CA PHE E 175 14.58 -18.98 -28.39
C PHE E 175 15.42 -19.02 -27.11
N PHE E 176 15.09 -19.94 -26.20
CA PHE E 176 15.81 -20.15 -24.91
C PHE E 176 17.28 -20.49 -25.18
N PHE E 177 17.53 -21.44 -26.09
CA PHE E 177 18.90 -21.90 -26.46
C PHE E 177 19.68 -20.74 -27.06
N HIS E 178 19.05 -19.94 -27.93
CA HIS E 178 19.64 -18.70 -28.49
C HIS E 178 20.12 -17.81 -27.34
N ILE E 179 19.28 -17.55 -26.34
CA ILE E 179 19.59 -16.65 -25.19
C ILE E 179 20.77 -17.23 -24.41
N LEU E 180 20.75 -18.54 -24.13
CA LEU E 180 21.86 -19.23 -23.41
C LEU E 180 23.16 -19.00 -24.19
N TRP E 181 23.10 -19.12 -25.51
CA TRP E 181 24.24 -18.94 -26.45
C TRP E 181 24.82 -17.53 -26.27
N VAL E 182 23.99 -16.50 -26.42
CA VAL E 182 24.40 -15.07 -26.36
C VAL E 182 24.93 -14.77 -24.95
N MET E 183 24.24 -15.22 -23.90
CA MET E 183 24.61 -14.92 -22.50
C MET E 183 25.99 -15.54 -22.19
N LYS E 184 26.25 -16.73 -22.72
CA LYS E 184 27.56 -17.43 -22.56
C LYS E 184 28.67 -16.54 -23.13
N LYS E 185 28.49 -16.01 -24.35
CA LYS E 185 29.43 -15.08 -25.00
C LYS E 185 29.64 -13.86 -24.09
N VAL E 186 28.56 -13.27 -23.59
CA VAL E 186 28.57 -12.05 -22.73
C VAL E 186 29.43 -12.33 -21.50
N ILE E 187 29.23 -13.49 -20.86
CA ILE E 187 29.97 -13.92 -19.63
C ILE E 187 31.46 -14.02 -19.97
N ASN E 188 31.80 -14.68 -21.07
CA ASN E 188 33.20 -14.92 -21.51
C ASN E 188 33.89 -13.58 -21.77
N GLU E 189 33.30 -12.72 -22.60
CA GLU E 189 33.83 -11.37 -22.93
C GLU E 189 33.93 -10.56 -21.64
N GLY E 190 32.97 -10.71 -20.73
CA GLY E 190 32.92 -9.96 -19.46
C GLY E 190 34.09 -10.29 -18.56
N LYS E 191 34.55 -11.56 -18.60
CA LYS E 191 35.68 -12.07 -17.79
C LYS E 191 36.99 -11.44 -18.25
N GLU E 192 37.09 -11.10 -19.54
CA GLU E 192 38.32 -10.55 -20.18
C GLU E 192 38.63 -9.17 -19.58
N GLY E 193 39.81 -9.05 -18.95
CA GLY E 193 40.39 -7.76 -18.52
C GLY E 193 39.95 -7.34 -17.12
N ILE E 194 39.34 -8.25 -16.35
CA ILE E 194 38.88 -7.95 -14.95
C ILE E 194 39.62 -8.89 -13.97
N SER E 195 39.65 -8.50 -12.70
CA SER E 195 40.32 -9.23 -11.59
C SER E 195 39.82 -10.66 -11.53
N PRO E 196 40.63 -11.61 -11.00
CA PRO E 196 40.20 -12.99 -10.82
C PRO E 196 38.94 -13.09 -9.93
N ALA E 197 38.81 -12.21 -8.94
CA ALA E 197 37.63 -12.11 -8.06
C ALA E 197 36.37 -11.88 -8.90
N GLY E 198 36.43 -10.90 -9.80
CA GLY E 198 35.33 -10.59 -10.76
C GLY E 198 35.01 -11.77 -11.65
N GLN E 199 36.04 -12.48 -12.11
CA GLN E 199 35.91 -13.64 -13.04
C GLN E 199 35.18 -14.78 -12.31
N LYS E 200 35.47 -14.97 -11.02
CA LYS E 200 34.86 -16.03 -10.18
C LYS E 200 33.35 -15.74 -10.04
N ILE E 201 32.99 -14.49 -9.74
CA ILE E 201 31.58 -14.05 -9.59
C ILE E 201 30.82 -14.30 -10.91
N LEU E 202 31.43 -13.95 -12.05
CA LEU E 202 30.81 -14.16 -13.39
C LEU E 202 30.59 -15.66 -13.63
N SER E 203 31.51 -16.51 -13.17
CA SER E 203 31.39 -17.99 -13.28
C SER E 203 30.15 -18.46 -12.50
N ASN E 204 29.99 -17.94 -11.28
CA ASN E 204 28.84 -18.22 -10.38
C ASN E 204 27.54 -17.72 -11.05
N ILE E 205 27.58 -16.51 -11.64
CA ILE E 205 26.42 -15.91 -12.35
C ILE E 205 26.00 -16.85 -13.49
N TRP E 206 26.96 -17.42 -14.23
CA TRP E 206 26.67 -18.32 -15.38
C TRP E 206 25.98 -19.59 -14.87
N ILE E 207 26.48 -20.18 -13.79
CA ILE E 207 25.90 -21.41 -13.18
C ILE E 207 24.48 -21.09 -12.69
N LEU E 208 24.32 -19.99 -11.95
CA LEU E 208 23.01 -19.54 -11.42
C LEU E 208 22.04 -19.36 -12.60
N PHE E 209 22.46 -18.63 -13.63
CA PHE E 209 21.67 -18.35 -14.84
C PHE E 209 21.21 -19.68 -15.46
N LEU E 210 22.15 -20.59 -15.67
CA LEU E 210 21.92 -21.88 -16.38
C LEU E 210 20.92 -22.73 -15.59
N ILE E 211 21.15 -22.89 -14.30
CA ILE E 211 20.28 -23.76 -13.43
C ILE E 211 18.90 -23.10 -13.28
N SER E 212 18.85 -21.84 -12.85
CA SER E 212 17.58 -21.10 -12.55
C SER E 212 16.71 -21.04 -13.81
N TRP E 213 17.29 -20.74 -14.98
CA TRP E 213 16.51 -20.55 -16.24
C TRP E 213 16.00 -21.91 -16.75
N THR E 214 16.72 -22.99 -16.46
CA THR E 214 16.36 -24.36 -16.94
C THR E 214 15.22 -24.91 -16.07
N LEU E 215 15.06 -24.41 -14.84
CA LEU E 215 13.96 -24.80 -13.92
C LEU E 215 12.60 -24.52 -14.59
N TYR E 216 12.51 -23.44 -15.38
CA TYR E 216 11.24 -22.93 -15.97
C TYR E 216 10.65 -23.99 -16.90
N PRO E 217 11.35 -24.45 -17.96
CA PRO E 217 10.82 -25.50 -18.83
C PRO E 217 10.47 -26.77 -18.03
N GLY E 218 11.19 -27.05 -16.94
CA GLY E 218 10.90 -28.16 -16.03
C GLY E 218 9.53 -28.01 -15.39
N ALA E 219 9.24 -26.81 -14.87
CA ALA E 219 7.94 -26.46 -14.25
C ALA E 219 6.84 -26.50 -15.31
N TYR E 220 7.14 -26.05 -16.53
CA TYR E 220 6.22 -26.10 -17.70
C TYR E 220 5.74 -27.55 -17.89
N LEU E 221 6.67 -28.51 -17.88
CA LEU E 221 6.42 -29.94 -18.22
C LEU E 221 6.01 -30.73 -16.98
N MET E 222 6.18 -30.15 -15.78
CA MET E 222 6.10 -30.85 -14.46
C MET E 222 5.04 -31.94 -14.47
N PRO E 223 3.77 -31.64 -14.82
CA PRO E 223 2.69 -32.62 -14.66
C PRO E 223 2.92 -33.94 -15.44
N TYR E 224 3.76 -33.91 -16.47
CA TYR E 224 3.93 -35.04 -17.43
C TYR E 224 5.35 -35.63 -17.33
N LEU E 225 6.18 -35.17 -16.39
CA LEU E 225 7.59 -35.60 -16.26
C LEU E 225 7.65 -37.04 -15.73
N THR E 226 6.53 -37.58 -15.24
CA THR E 226 6.41 -39.00 -14.79
C THR E 226 5.42 -39.74 -15.70
N GLY E 227 5.21 -39.22 -16.91
CA GLY E 227 4.35 -39.83 -17.95
C GLY E 227 2.88 -39.77 -17.60
N VAL E 228 2.04 -40.38 -18.44
CA VAL E 228 0.56 -40.45 -18.26
C VAL E 228 0.26 -41.09 -16.90
N ASP E 229 -0.66 -40.48 -16.14
CA ASP E 229 -1.12 -40.98 -14.82
C ASP E 229 0.08 -41.28 -13.93
N GLY E 230 1.17 -40.52 -14.13
CA GLY E 230 2.38 -40.59 -13.29
C GLY E 230 2.17 -39.91 -11.96
N PHE E 231 3.15 -40.05 -11.07
CA PHE E 231 3.15 -39.51 -9.68
C PHE E 231 2.92 -38.00 -9.68
N LEU E 232 3.38 -37.29 -10.72
CA LEU E 232 3.40 -35.80 -10.77
C LEU E 232 2.08 -35.25 -11.33
N TYR E 233 1.27 -36.08 -11.99
CA TYR E 233 -0.08 -35.66 -12.45
C TYR E 233 -1.03 -35.80 -11.26
N SER E 234 -0.90 -34.88 -10.30
CA SER E 234 -1.46 -34.98 -8.93
C SER E 234 -1.22 -33.66 -8.19
N GLU E 235 -1.69 -33.59 -6.94
CA GLU E 235 -1.44 -32.43 -6.04
C GLU E 235 0.08 -32.32 -5.78
N ASP E 236 0.79 -33.45 -5.88
CA ASP E 236 2.26 -33.51 -5.64
C ASP E 236 2.98 -32.75 -6.76
N GLY E 237 2.51 -32.89 -8.00
CA GLY E 237 3.01 -32.17 -9.18
C GLY E 237 2.68 -30.70 -9.12
N VAL E 238 1.51 -30.35 -8.57
CA VAL E 238 1.08 -28.93 -8.38
C VAL E 238 2.04 -28.28 -7.39
N MET E 239 2.25 -28.90 -6.24
CA MET E 239 3.21 -28.44 -5.21
C MET E 239 4.60 -28.26 -5.84
N ALA E 240 5.05 -29.25 -6.59
CA ALA E 240 6.41 -29.30 -7.21
C ALA E 240 6.56 -28.12 -8.18
N ARG E 241 5.57 -27.92 -9.07
CA ARG E 241 5.59 -26.84 -10.08
C ARG E 241 5.71 -25.48 -9.39
N GLN E 242 4.84 -25.22 -8.41
CA GLN E 242 4.75 -23.88 -7.74
C GLN E 242 6.02 -23.65 -6.90
N LEU E 243 6.60 -24.70 -6.31
CA LEU E 243 7.88 -24.62 -5.58
C LEU E 243 9.00 -24.23 -6.57
N VAL E 244 9.06 -24.92 -7.71
CA VAL E 244 10.15 -24.73 -8.73
C VAL E 244 10.06 -23.32 -9.30
N TYR E 245 8.86 -22.87 -9.71
CA TYR E 245 8.62 -21.50 -10.23
C TYR E 245 9.11 -20.48 -9.21
N THR E 246 8.79 -20.68 -7.93
CA THR E 246 9.14 -19.75 -6.83
C THR E 246 10.66 -19.75 -6.63
N ILE E 247 11.30 -20.92 -6.62
CA ILE E 247 12.78 -21.04 -6.48
C ILE E 247 13.44 -20.35 -7.69
N ALA E 248 12.98 -20.66 -8.90
CA ALA E 248 13.49 -20.10 -10.16
C ALA E 248 13.41 -18.57 -10.12
N ASP E 249 12.24 -18.02 -9.77
CA ASP E 249 11.98 -16.56 -9.80
C ASP E 249 12.91 -15.87 -8.78
N VAL E 250 13.04 -16.42 -7.58
CA VAL E 250 13.93 -15.86 -6.52
C VAL E 250 15.37 -15.88 -7.03
N SER E 251 15.78 -16.99 -7.66
CA SER E 251 17.17 -17.26 -8.13
C SER E 251 17.50 -16.35 -9.31
N SER E 252 16.62 -16.29 -10.31
CA SER E 252 16.86 -15.60 -11.60
C SER E 252 16.76 -14.09 -11.42
N VAL E 254 16.45 -12.24 -7.82
CA VAL E 254 17.04 -11.67 -6.62
C VAL E 254 18.52 -12.07 -6.53
N ILE E 255 18.82 -13.37 -6.51
CA ILE E 255 20.22 -13.87 -6.30
C ILE E 255 21.09 -13.38 -7.47
N TYR E 256 20.58 -13.46 -8.70
CA TYR E 256 21.20 -12.91 -9.93
C TYR E 256 21.57 -11.43 -9.68
N GLY E 257 20.61 -10.64 -9.21
CA GLY E 257 20.78 -9.21 -8.93
C GLY E 257 21.83 -8.95 -7.87
N VAL E 258 21.88 -9.81 -6.84
CA VAL E 258 22.86 -9.69 -5.71
C VAL E 258 24.27 -9.96 -6.26
N LEU E 259 24.43 -11.03 -7.05
CA LEU E 259 25.73 -11.42 -7.65
C LEU E 259 26.23 -10.30 -8.58
N LEU E 260 25.34 -9.72 -9.40
CA LEU E 260 25.69 -8.60 -10.31
C LEU E 260 26.16 -7.40 -9.47
N GLY E 261 25.47 -7.12 -8.37
CA GLY E 261 25.84 -6.04 -7.44
C GLY E 261 27.22 -6.27 -6.85
N ASN E 262 27.51 -7.52 -6.48
CA ASN E 262 28.82 -7.93 -5.91
C ASN E 262 29.91 -7.78 -6.98
N LEU E 263 29.62 -8.14 -8.23
CA LEU E 263 30.54 -7.94 -9.38
C LEU E 263 30.84 -6.45 -9.51
N ALA E 264 29.80 -5.61 -9.52
CA ALA E 264 29.90 -4.13 -9.68
C ALA E 264 30.81 -3.57 -8.58
N ILE E 265 30.71 -4.11 -7.36
CA ILE E 265 31.55 -3.66 -6.21
C ILE E 265 33.03 -3.94 -6.52
N THR E 266 33.36 -5.16 -6.96
CA THR E 266 34.76 -5.58 -7.25
C THR E 266 35.33 -4.71 -8.39
N LEU E 267 34.49 -4.30 -9.34
CA LEU E 267 34.90 -3.50 -10.53
C LEU E 267 34.92 -2.01 -10.19
N SER E 268 34.44 -1.63 -8.99
CA SER E 268 34.28 -0.22 -8.56
C SER E 268 35.63 0.31 -8.05
N LYS E 269 36.01 1.50 -8.51
CA LYS E 269 37.28 2.20 -8.13
C LYS E 269 37.13 2.81 -6.74
N ASN E 270 35.89 2.99 -6.26
CA ASN E 270 35.57 3.56 -4.92
C ASN E 270 34.86 2.50 -4.07
#